data_8HKE
#
_entry.id   8HKE
#
_cell.length_a   1.00
_cell.length_b   1.00
_cell.length_c   1.00
_cell.angle_alpha   90.00
_cell.angle_beta   90.00
_cell.angle_gamma   90.00
#
_symmetry.space_group_name_H-M   'P 1'
#
loop_
_entity.id
_entity.type
_entity.pdbx_description
1 polymer 'Systemic RNA interference defective protein 1'
2 polymer 'RNA (37-MER)'
3 polymer 'RNA (37-MER)'
4 non-polymer 'ZINC ION'
#
loop_
_entity_poly.entity_id
_entity_poly.type
_entity_poly.pdbx_seq_one_letter_code
_entity_poly.pdbx_strand_id
1 'polypeptide(L)'
;MIRVYLIILMHLVIGLTQNNSTTPSPIITSSNSSVLVFEISSKMKMIEKKLEANTVHVLRLELDQSFILDLTKVAAEIVD
SSKYSKEDGVILEVTVSNGRDSFLLKLPTVYPNLKLYTDGKLLNPLVEQDFGAHRKRHRIGDPHFHQNLIVTVQSRLNAD
IDYRLHVTHLDRAQYDFLKFKTGQTTKTLSNQKLTFVKPIGFFLNCSEQNISQFHVTLYSEDDICANLITVPANESIYDR
SVISDKTHNRRVLSFTKRADIFFTETEISMFKSFRIFVFIAPDDSGCSTNTSRKSFNEKKKISFEFKKLENQSYAVPTAL
MMIFLTTPCLLFLPIVINIIKNSRKLAPSQSNLISFSPVPSEQRDMDLSHDEQQNTSSELENNGEIPAAENQIVEEITAE
NQETSVEEGNREIQVKIPLKQDSLSLHGQMLQYPVAIILPVLMHTAIEFHKWTTSTMANRDEMCFHNHACARPLGELRAW
NNIITNIGYTLYGAIFIVLSICRRGRHEYSHVFGTYECTLLDVTIGVFMVLQSIASATYHICPSDVAFQFDTPCIQVICG
LLMVRQWFVRHESPSPAYTNILLVGVVSLNFLISAFSKTSYVRFIIAVIHVIVVGSICLAKERSLGSEKLKTRFFIMAFS
MGNFAAIVMYLTLSAFHLNQIATYCFIINCIMYLMYYGCMKVLHSERITSKAKLCGALSLLAWAVAGFFFFQDDTDWTRS
AAASRALNKPCLLLGFFGSHDLWHIFGALAGLFTFIFVSFVDDDLINTRKTSINIF
;
B,A
2 'polyribonucleotide' GGGCAAUGUGACUGCAUCAGCAGUCACAUUGCCCAAG C
3 'polyribonucleotide' CUUGGGCAAUGUGACUGCUGAUGCAGUCACAUUGCCC D
#
loop_
_chem_comp.id
_chem_comp.type
_chem_comp.name
_chem_comp.formula
A RNA linking ADENOSINE-5'-MONOPHOSPHATE 'C10 H14 N5 O7 P'
C RNA linking CYTIDINE-5'-MONOPHOSPHATE 'C9 H14 N3 O8 P'
G RNA linking GUANOSINE-5'-MONOPHOSPHATE 'C10 H14 N5 O8 P'
U RNA linking URIDINE-5'-MONOPHOSPHATE 'C9 H13 N2 O9 P'
ZN non-polymer 'ZINC ION' 'Zn 2'
#
# COMPACT_ATOMS: atom_id res chain seq x y z
N SER A 34 37.41 -32.66 -18.23
CA SER A 34 36.88 -33.88 -18.83
C SER A 34 35.85 -34.50 -17.90
N VAL A 35 34.68 -34.84 -18.43
CA VAL A 35 33.63 -35.35 -17.57
C VAL A 35 34.02 -36.71 -17.02
N LEU A 36 33.31 -37.13 -15.97
CA LEU A 36 33.52 -38.42 -15.35
C LEU A 36 32.16 -38.97 -14.95
N VAL A 37 31.69 -39.98 -15.69
CA VAL A 37 30.43 -40.60 -15.34
C VAL A 37 30.60 -41.45 -14.10
N PHE A 38 29.51 -41.65 -13.37
CA PHE A 38 29.52 -42.48 -12.17
C PHE A 38 28.13 -43.05 -11.96
N GLU A 39 27.96 -44.32 -12.26
CA GLU A 39 26.71 -45.00 -11.96
C GLU A 39 26.64 -45.35 -10.48
N ILE A 40 25.46 -45.19 -9.89
CA ILE A 40 25.23 -45.55 -8.50
C ILE A 40 23.86 -46.20 -8.39
N SER A 41 23.82 -47.41 -7.83
CA SER A 41 22.57 -48.14 -7.71
C SER A 41 21.80 -47.67 -6.47
N SER A 42 20.71 -48.35 -6.17
CA SER A 42 19.80 -47.92 -5.12
C SER A 42 20.35 -48.14 -3.72
N LYS A 43 21.51 -48.79 -3.58
CA LYS A 43 22.00 -49.15 -2.26
C LYS A 43 22.85 -48.06 -1.62
N MET A 44 23.30 -47.06 -2.38
CA MET A 44 24.11 -45.99 -1.84
C MET A 44 23.26 -44.75 -1.62
N LYS A 45 23.22 -44.28 -0.38
CA LYS A 45 22.51 -43.07 -0.02
C LYS A 45 23.42 -41.89 0.19
N MET A 46 24.62 -42.10 0.70
CA MET A 46 25.54 -41.04 1.09
C MET A 46 26.79 -41.20 0.22
N ILE A 47 26.74 -40.62 -0.97
CA ILE A 47 27.83 -40.75 -1.93
C ILE A 47 28.90 -39.72 -1.57
N GLU A 48 30.10 -40.21 -1.26
CA GLU A 48 31.25 -39.36 -1.02
C GLU A 48 32.24 -39.55 -2.16
N LYS A 49 32.65 -38.45 -2.77
CA LYS A 49 33.66 -38.50 -3.82
C LYS A 49 34.55 -37.28 -3.70
N LYS A 50 35.62 -37.28 -4.47
CA LYS A 50 36.54 -36.17 -4.54
C LYS A 50 36.50 -35.58 -5.95
N LEU A 51 36.70 -34.28 -6.05
CA LEU A 51 36.61 -33.56 -7.31
C LEU A 51 37.97 -32.96 -7.64
N GLU A 52 38.55 -33.38 -8.77
CA GLU A 52 39.83 -32.86 -9.19
C GLU A 52 39.69 -31.46 -9.74
N ALA A 53 40.78 -30.93 -10.27
CA ALA A 53 40.80 -29.58 -10.78
C ALA A 53 40.10 -29.52 -12.14
N ASN A 54 39.18 -28.59 -12.29
CA ASN A 54 38.53 -28.33 -13.58
C ASN A 54 37.87 -29.59 -14.11
N THR A 55 37.28 -30.37 -13.22
CA THR A 55 36.65 -31.62 -13.57
C THR A 55 35.15 -31.50 -13.37
N VAL A 56 34.40 -32.44 -13.93
CA VAL A 56 32.95 -32.41 -13.87
C VAL A 56 32.46 -33.83 -13.68
N HIS A 57 31.78 -34.10 -12.57
CA HIS A 57 31.18 -35.40 -12.32
C HIS A 57 29.69 -35.34 -12.64
N VAL A 58 29.23 -36.22 -13.50
CA VAL A 58 27.81 -36.51 -13.60
C VAL A 58 27.59 -37.88 -13.01
N LEU A 59 26.44 -38.06 -12.38
CA LEU A 59 26.08 -39.32 -11.77
C LEU A 59 24.78 -39.80 -12.39
N ARG A 60 24.30 -40.94 -11.93
CA ARG A 60 23.07 -41.50 -12.47
C ARG A 60 22.59 -42.65 -11.58
N LEU A 61 21.30 -42.68 -11.28
CA LEU A 61 20.73 -43.75 -10.46
C LEU A 61 19.45 -44.21 -11.15
N GLU A 62 19.59 -45.19 -12.05
CA GLU A 62 18.49 -45.62 -12.90
C GLU A 62 17.25 -45.92 -12.08
N LEU A 63 16.15 -45.24 -12.43
CA LEU A 63 14.89 -45.35 -11.71
C LEU A 63 13.95 -46.28 -12.46
N ASP A 64 13.19 -47.07 -11.70
CA ASP A 64 12.17 -47.94 -12.27
C ASP A 64 10.83 -47.71 -11.57
N GLN A 65 9.87 -48.60 -11.83
CA GLN A 65 8.54 -48.45 -11.23
C GLN A 65 8.58 -48.66 -9.72
N SER A 66 9.75 -48.98 -9.18
CA SER A 66 9.95 -49.01 -7.74
C SER A 66 10.23 -47.63 -7.15
N PHE A 67 10.16 -46.57 -7.95
CA PHE A 67 10.45 -45.22 -7.49
C PHE A 67 9.32 -44.24 -7.70
N ILE A 68 8.17 -44.67 -8.21
CA ILE A 68 7.09 -43.75 -8.50
C ILE A 68 6.54 -43.17 -7.21
N LEU A 69 6.17 -41.89 -7.26
CA LEU A 69 5.58 -41.18 -6.12
C LEU A 69 6.49 -41.22 -4.90
N ASP A 70 7.79 -41.37 -5.12
CA ASP A 70 8.79 -41.31 -4.05
C ASP A 70 9.41 -39.92 -4.10
N LEU A 71 8.93 -39.03 -3.24
CA LEU A 71 9.46 -37.67 -3.20
C LEU A 71 10.87 -37.71 -2.64
N THR A 72 11.84 -37.40 -3.48
CA THR A 72 13.25 -37.51 -3.12
C THR A 72 13.88 -36.15 -2.88
N LYS A 73 14.97 -36.17 -2.12
CA LYS A 73 15.76 -34.97 -1.84
C LYS A 73 17.22 -35.33 -1.99
N VAL A 74 17.99 -34.47 -2.66
CA VAL A 74 19.37 -34.75 -2.98
C VAL A 74 20.20 -33.56 -2.53
N ALA A 75 20.90 -33.71 -1.40
CA ALA A 75 21.67 -32.63 -0.81
C ALA A 75 23.15 -32.85 -1.06
N ALA A 76 23.91 -31.76 -0.94
CA ALA A 76 25.35 -31.80 -1.12
C ALA A 76 26.01 -30.96 -0.05
N GLU A 77 27.30 -31.20 0.17
CA GLU A 77 28.07 -30.50 1.20
C GLU A 77 29.42 -30.13 0.62
N ILE A 78 30.30 -29.64 1.50
CA ILE A 78 31.69 -29.42 1.17
C ILE A 78 32.49 -29.85 2.38
N VAL A 79 33.17 -31.00 2.28
CA VAL A 79 34.02 -31.43 3.37
C VAL A 79 35.13 -30.41 3.57
N ASP A 80 35.56 -30.23 4.82
CA ASP A 80 36.60 -29.27 5.19
C ASP A 80 36.14 -27.85 4.86
N SER A 81 34.94 -27.52 5.33
CA SER A 81 34.32 -26.24 4.98
C SER A 81 35.21 -25.07 5.35
N SER A 82 35.75 -25.08 6.57
CA SER A 82 36.53 -23.95 7.06
C SER A 82 37.77 -23.69 6.22
N LYS A 83 38.21 -24.67 5.44
CA LYS A 83 39.36 -24.47 4.57
C LYS A 83 39.06 -23.47 3.47
N TYR A 84 37.79 -23.38 3.05
CA TYR A 84 37.40 -22.54 1.93
C TYR A 84 36.82 -21.20 2.36
N SER A 85 36.98 -20.83 3.63
CA SER A 85 36.31 -19.64 4.14
C SER A 85 36.87 -18.36 3.52
N LYS A 86 37.93 -18.47 2.73
CA LYS A 86 38.52 -17.31 2.09
C LYS A 86 38.02 -17.08 0.67
N GLU A 87 37.51 -18.10 0.01
CA GLU A 87 36.97 -17.95 -1.34
C GLU A 87 35.60 -17.30 -1.28
N ASP A 88 35.37 -16.34 -2.16
CA ASP A 88 34.15 -15.56 -2.16
C ASP A 88 33.20 -16.04 -3.25
N GLY A 89 31.94 -16.24 -2.88
CA GLY A 89 30.94 -16.58 -3.87
C GLY A 89 30.45 -18.00 -3.81
N VAL A 90 30.68 -18.76 -4.88
CA VAL A 90 30.15 -20.10 -5.02
C VAL A 90 31.29 -21.07 -5.26
N ILE A 91 31.08 -22.32 -4.86
CA ILE A 91 32.11 -23.34 -4.92
C ILE A 91 31.63 -24.51 -5.77
N LEU A 92 30.54 -25.12 -5.37
CA LEU A 92 29.93 -26.21 -6.12
C LEU A 92 28.66 -25.74 -6.80
N GLU A 93 28.33 -26.43 -7.90
CA GLU A 93 27.05 -26.22 -8.59
C GLU A 93 26.43 -27.57 -8.85
N VAL A 94 25.73 -28.10 -7.87
CA VAL A 94 25.04 -29.37 -8.03
C VAL A 94 23.71 -29.12 -8.70
N THR A 95 23.43 -29.85 -9.78
CA THR A 95 22.19 -29.66 -10.53
C THR A 95 21.51 -31.01 -10.69
N VAL A 96 20.71 -31.40 -9.70
CA VAL A 96 19.94 -32.63 -9.83
C VAL A 96 18.92 -32.46 -10.93
N SER A 97 18.59 -33.56 -11.60
CA SER A 97 17.61 -33.53 -12.66
C SER A 97 17.14 -34.92 -13.03
N ASN A 98 15.83 -35.12 -13.12
CA ASN A 98 15.26 -36.41 -13.49
C ASN A 98 14.15 -36.21 -14.49
N GLY A 99 14.40 -35.39 -15.50
CA GLY A 99 13.42 -35.20 -16.56
C GLY A 99 12.23 -34.37 -16.15
N ARG A 100 11.47 -34.84 -15.17
CA ARG A 100 10.24 -34.15 -14.79
C ARG A 100 10.52 -32.93 -13.94
N ASP A 101 11.49 -33.02 -13.04
CA ASP A 101 11.74 -31.96 -12.06
C ASP A 101 13.23 -31.79 -11.92
N SER A 102 13.72 -30.57 -12.10
CA SER A 102 15.14 -30.29 -11.98
C SER A 102 15.33 -29.02 -11.16
N PHE A 103 16.48 -28.91 -10.51
CA PHE A 103 16.76 -27.74 -9.69
C PHE A 103 18.27 -27.54 -9.62
N LEU A 104 18.71 -26.64 -8.75
CA LEU A 104 20.11 -26.30 -8.64
C LEU A 104 20.51 -26.27 -7.17
N LEU A 105 21.82 -26.23 -6.94
CA LEU A 105 22.41 -26.12 -5.61
C LEU A 105 23.75 -25.41 -5.77
N LYS A 106 23.76 -24.11 -5.50
CA LYS A 106 25.01 -23.35 -5.59
C LYS A 106 25.59 -23.17 -4.19
N LEU A 107 26.14 -24.25 -3.66
CA LEU A 107 26.76 -24.20 -2.35
C LEU A 107 27.91 -23.20 -2.37
N PRO A 108 28.13 -22.48 -1.26
CA PRO A 108 27.33 -22.55 -0.06
C PRO A 108 26.22 -21.50 -0.06
N THR A 109 24.98 -21.95 -0.02
CA THR A 109 23.88 -21.00 0.04
C THR A 109 24.05 -20.10 1.25
N VAL A 110 23.94 -18.81 1.04
CA VAL A 110 24.21 -17.83 2.08
C VAL A 110 22.89 -17.27 2.60
N TYR A 111 22.89 -16.86 3.86
CA TYR A 111 21.76 -16.25 4.51
C TYR A 111 22.23 -14.98 5.22
N PRO A 112 21.32 -14.02 5.44
CA PRO A 112 21.75 -12.73 6.00
C PRO A 112 22.48 -12.83 7.33
N ASN A 113 22.42 -13.97 8.01
CA ASN A 113 23.17 -14.19 9.24
C ASN A 113 24.41 -15.07 9.04
N LEU A 114 24.32 -16.07 8.17
CA LEU A 114 25.33 -17.11 8.13
C LEU A 114 25.36 -17.75 6.75
N LYS A 115 26.45 -18.46 6.48
CA LYS A 115 26.61 -19.23 5.25
C LYS A 115 26.56 -20.71 5.59
N LEU A 116 25.60 -21.43 5.04
CA LEU A 116 25.51 -22.87 5.23
C LEU A 116 26.28 -23.57 4.14
N TYR A 117 27.11 -24.53 4.53
CA TYR A 117 27.86 -25.35 3.58
C TYR A 117 27.16 -26.65 3.27
N THR A 118 25.83 -26.66 3.31
CA THR A 118 25.04 -27.83 3.00
C THR A 118 23.62 -27.37 2.73
N ASP A 119 23.01 -27.92 1.68
CA ASP A 119 21.63 -27.57 1.40
C ASP A 119 21.00 -28.67 0.58
N GLY A 120 19.71 -28.87 0.77
CA GLY A 120 18.97 -29.89 0.06
C GLY A 120 17.66 -29.34 -0.46
N LYS A 121 17.23 -29.88 -1.60
CA LYS A 121 15.98 -29.52 -2.21
C LYS A 121 15.22 -30.79 -2.56
N LEU A 122 13.99 -30.64 -3.03
CA LEU A 122 13.11 -31.77 -3.30
C LEU A 122 13.00 -32.01 -4.80
N LEU A 123 12.17 -32.99 -5.14
CA LEU A 123 11.94 -33.35 -6.53
C LEU A 123 10.51 -33.80 -6.71
N ASN A 124 9.81 -33.21 -7.68
CA ASN A 124 8.50 -33.69 -8.05
C ASN A 124 8.62 -35.12 -8.57
N PRO A 125 8.15 -36.10 -7.81
CA PRO A 125 8.37 -37.49 -8.22
C PRO A 125 7.71 -37.78 -9.56
N LEU A 126 8.11 -38.92 -10.13
CA LEU A 126 7.56 -39.33 -11.41
C LEU A 126 6.15 -39.85 -11.23
N VAL A 127 5.35 -39.74 -12.29
CA VAL A 127 3.95 -40.15 -12.25
C VAL A 127 3.83 -41.53 -12.89
N GLU A 128 2.85 -42.29 -12.41
CA GLU A 128 2.64 -43.66 -12.88
C GLU A 128 2.53 -43.73 -14.39
N GLN A 129 2.10 -42.64 -15.02
CA GLN A 129 2.01 -42.62 -16.48
C GLN A 129 3.35 -42.88 -17.14
N ASP A 130 4.45 -42.54 -16.46
CA ASP A 130 5.78 -42.70 -17.04
C ASP A 130 6.21 -44.14 -17.16
N PHE A 131 5.37 -45.12 -16.86
CA PHE A 131 5.76 -46.52 -16.97
C PHE A 131 4.66 -47.35 -17.65
N HIS A 144 13.93 -52.62 -19.94
CA HIS A 144 13.40 -52.08 -21.19
C HIS A 144 13.24 -50.57 -21.12
N PHE A 145 12.28 -50.12 -20.31
CA PHE A 145 12.03 -48.71 -20.11
C PHE A 145 12.34 -48.34 -18.67
N HIS A 146 12.91 -47.14 -18.49
CA HIS A 146 13.30 -46.68 -17.17
C HIS A 146 13.64 -45.20 -17.24
N GLN A 147 13.30 -44.47 -16.19
CA GLN A 147 13.74 -43.10 -16.06
C GLN A 147 15.01 -43.08 -15.20
N ASN A 148 15.73 -41.96 -15.25
CA ASN A 148 17.02 -41.85 -14.59
C ASN A 148 17.12 -40.55 -13.82
N LEU A 149 18.33 -40.28 -13.31
CA LEU A 149 18.55 -39.17 -12.38
C LEU A 149 19.97 -38.65 -12.58
N ILE A 150 20.10 -37.63 -13.43
CA ILE A 150 21.41 -37.00 -13.64
C ILE A 150 21.70 -36.07 -12.48
N VAL A 151 22.93 -36.15 -11.96
CA VAL A 151 23.41 -35.23 -10.93
C VAL A 151 24.74 -34.65 -11.43
N THR A 152 24.68 -33.54 -12.14
CA THR A 152 25.90 -32.85 -12.52
C THR A 152 26.52 -32.21 -11.29
N VAL A 153 27.84 -32.28 -11.19
CA VAL A 153 28.56 -31.59 -10.12
C VAL A 153 29.75 -30.91 -10.74
N GLN A 154 29.71 -29.60 -10.82
CA GLN A 154 30.81 -28.83 -11.36
C GLN A 154 31.59 -28.22 -10.22
N SER A 155 32.59 -27.40 -10.55
CA SER A 155 33.39 -26.76 -9.52
C SER A 155 34.17 -25.62 -10.15
N ARG A 156 33.99 -24.42 -9.65
CA ARG A 156 34.71 -23.28 -10.20
C ARG A 156 36.11 -23.15 -9.63
N LEU A 157 36.45 -23.91 -8.59
CA LEU A 157 37.73 -23.76 -7.92
C LEU A 157 38.84 -24.48 -8.67
N ASN A 158 39.98 -23.81 -8.80
CA ASN A 158 41.12 -24.42 -9.46
C ASN A 158 41.78 -25.49 -8.60
N ALA A 159 41.64 -25.41 -7.30
CA ALA A 159 42.13 -26.46 -6.42
C ALA A 159 41.07 -27.55 -6.30
N ASP A 160 41.50 -28.70 -5.77
CA ASP A 160 40.58 -29.82 -5.64
C ASP A 160 39.44 -29.47 -4.71
N ILE A 161 38.39 -30.28 -4.77
CA ILE A 161 37.25 -30.13 -3.86
C ILE A 161 36.77 -31.52 -3.46
N ASP A 162 36.44 -31.68 -2.19
CA ASP A 162 35.73 -32.85 -1.72
C ASP A 162 34.27 -32.49 -1.53
N TYR A 163 33.41 -33.48 -1.71
CA TYR A 163 31.99 -33.26 -1.46
C TYR A 163 31.33 -34.60 -1.18
N ARG A 164 30.13 -34.52 -0.64
CA ARG A 164 29.28 -35.67 -0.41
C ARG A 164 28.03 -35.54 -1.28
N LEU A 165 27.16 -36.54 -1.20
CA LEU A 165 25.88 -36.47 -1.86
C LEU A 165 24.92 -37.40 -1.14
N HIS A 166 24.05 -36.85 -0.32
CA HIS A 166 22.99 -37.63 0.28
C HIS A 166 21.80 -37.70 -0.67
N VAL A 167 21.04 -38.77 -0.56
CA VAL A 167 19.75 -38.88 -1.23
C VAL A 167 18.76 -39.45 -0.22
N THR A 168 17.54 -38.94 -0.24
CA THR A 168 16.54 -39.33 0.74
C THR A 168 15.23 -39.59 0.03
N HIS A 169 14.25 -40.08 0.79
CA HIS A 169 12.98 -40.45 0.18
C HIS A 169 11.85 -40.20 1.18
N LEU A 170 10.68 -39.89 0.64
CA LEU A 170 9.46 -39.64 1.41
C LEU A 170 8.28 -40.10 0.58
N ASP A 171 7.45 -40.99 1.13
CA ASP A 171 6.28 -41.48 0.41
C ASP A 171 5.40 -42.26 1.36
N ARG A 172 4.19 -42.58 0.88
CA ARG A 172 3.25 -43.50 1.53
C ARG A 172 2.74 -42.93 2.84
N ALA A 173 3.31 -41.80 3.25
CA ALA A 173 2.98 -41.12 4.49
C ALA A 173 3.75 -39.82 4.44
N GLN A 174 3.21 -38.75 5.04
CA GLN A 174 3.77 -37.42 4.87
C GLN A 174 3.90 -37.09 3.38
N TYR A 175 3.08 -37.73 2.57
CA TYR A 175 2.88 -37.44 1.17
C TYR A 175 1.75 -38.33 0.67
N ASP A 176 0.98 -37.85 -0.29
CA ASP A 176 -0.18 -38.60 -0.81
C ASP A 176 -1.08 -39.07 0.34
N PHE A 177 -1.05 -38.34 1.45
CA PHE A 177 -1.83 -38.65 2.63
C PHE A 177 -3.16 -37.92 2.66
N LEU A 178 -3.34 -36.91 1.81
CA LEU A 178 -4.52 -36.08 1.84
C LEU A 178 -5.71 -36.68 1.12
N LYS A 179 -5.72 -38.00 0.92
CA LYS A 179 -6.87 -38.65 0.30
C LYS A 179 -7.95 -38.85 1.36
N PHE A 180 -9.12 -38.25 1.11
CA PHE A 180 -10.24 -38.34 2.03
C PHE A 180 -11.13 -39.52 1.69
N LYS A 181 -11.66 -40.16 2.73
CA LYS A 181 -12.66 -41.19 2.53
C LYS A 181 -14.02 -40.54 2.28
N THR A 182 -15.05 -41.37 2.11
CA THR A 182 -16.39 -40.86 1.88
C THR A 182 -16.91 -40.19 3.14
N GLY A 183 -17.35 -38.93 3.00
CA GLY A 183 -17.90 -38.21 4.12
C GLY A 183 -16.91 -37.92 5.23
N GLN A 184 -15.66 -37.64 4.88
CA GLN A 184 -14.63 -37.33 5.85
C GLN A 184 -14.12 -35.92 5.58
N THR A 185 -14.17 -35.06 6.59
CA THR A 185 -13.77 -33.66 6.44
C THR A 185 -12.52 -33.29 7.21
N THR A 186 -12.03 -34.16 8.10
CA THR A 186 -10.89 -33.83 8.92
C THR A 186 -9.92 -35.00 8.95
N LYS A 187 -8.67 -34.73 8.59
CA LYS A 187 -7.59 -35.70 8.71
C LYS A 187 -6.47 -35.06 9.51
N THR A 188 -5.76 -35.89 10.28
CA THR A 188 -4.87 -35.37 11.31
C THR A 188 -3.60 -36.20 11.38
N LEU A 189 -2.49 -35.53 11.68
CA LEU A 189 -1.21 -36.16 11.93
C LEU A 189 -0.61 -35.61 13.20
N SER A 190 0.03 -36.47 13.99
CA SER A 190 0.48 -36.12 15.33
C SER A 190 1.99 -36.25 15.43
N ASN A 191 2.65 -35.17 15.84
CA ASN A 191 4.07 -35.17 16.16
C ASN A 191 4.91 -35.68 14.99
N GLN A 192 4.63 -35.17 13.80
CA GLN A 192 5.46 -35.49 12.65
C GLN A 192 6.82 -34.85 12.82
N LYS A 193 7.87 -35.67 12.72
CA LYS A 193 9.22 -35.14 12.75
C LYS A 193 9.44 -34.24 11.55
N LEU A 194 10.22 -33.18 11.75
CA LEU A 194 10.58 -32.28 10.66
C LEU A 194 11.96 -31.73 10.96
N THR A 195 12.98 -32.36 10.42
CA THR A 195 14.34 -31.90 10.59
C THR A 195 14.79 -31.14 9.36
N PHE A 196 15.83 -30.31 9.54
CA PHE A 196 16.33 -29.56 8.40
C PHE A 196 16.81 -30.49 7.29
N VAL A 197 17.22 -31.71 7.64
CA VAL A 197 17.64 -32.67 6.63
C VAL A 197 16.49 -33.49 6.08
N LYS A 198 15.26 -33.17 6.45
CA LYS A 198 14.10 -33.93 5.99
C LYS A 198 12.86 -33.05 6.03
N PRO A 199 12.70 -32.15 5.07
CA PRO A 199 11.45 -31.39 4.97
C PRO A 199 10.30 -32.30 4.61
N ILE A 200 9.12 -31.95 5.10
CA ILE A 200 7.92 -32.75 4.85
C ILE A 200 7.25 -32.24 3.59
N GLY A 201 6.65 -33.17 2.85
CA GLY A 201 5.94 -32.85 1.64
C GLY A 201 4.45 -33.14 1.79
N PHE A 202 3.69 -32.71 0.80
CA PHE A 202 2.25 -32.94 0.75
C PHE A 202 1.77 -32.76 -0.68
N PHE A 203 0.69 -33.45 -1.01
CA PHE A 203 0.08 -33.32 -2.34
C PHE A 203 -1.42 -33.34 -2.18
N LEU A 204 -2.05 -32.21 -2.45
CA LEU A 204 -3.50 -32.07 -2.42
C LEU A 204 -4.02 -32.08 -3.85
N ASN A 205 -4.75 -33.12 -4.22
CA ASN A 205 -5.38 -33.20 -5.53
C ASN A 205 -6.89 -33.05 -5.30
N CYS A 206 -7.33 -31.79 -5.21
CA CYS A 206 -8.72 -31.54 -4.84
C CYS A 206 -9.68 -31.97 -5.94
N SER A 207 -9.26 -31.86 -7.20
CA SER A 207 -10.09 -32.31 -8.31
C SER A 207 -10.64 -33.70 -8.05
N GLU A 208 -9.73 -34.67 -7.87
CA GLU A 208 -10.17 -36.02 -7.56
C GLU A 208 -10.83 -36.08 -6.18
N GLN A 209 -10.33 -35.30 -5.23
CA GLN A 209 -10.85 -35.33 -3.86
C GLN A 209 -12.17 -34.60 -3.72
N ASN A 210 -12.63 -33.89 -4.75
CA ASN A 210 -13.92 -33.20 -4.75
C ASN A 210 -14.01 -32.23 -3.57
N ILE A 211 -13.14 -31.24 -3.60
CA ILE A 211 -13.01 -30.26 -2.53
C ILE A 211 -13.46 -28.89 -3.03
N SER A 212 -14.04 -28.11 -2.13
CA SER A 212 -14.49 -26.76 -2.45
C SER A 212 -13.77 -25.69 -1.65
N GLN A 213 -13.56 -25.92 -0.35
CA GLN A 213 -12.81 -25.00 0.50
C GLN A 213 -11.99 -25.83 1.48
N PHE A 214 -10.72 -25.51 1.62
CA PHE A 214 -9.82 -26.33 2.39
C PHE A 214 -9.07 -25.49 3.42
N HIS A 215 -8.78 -26.10 4.56
CA HIS A 215 -8.13 -25.44 5.67
C HIS A 215 -7.04 -26.34 6.20
N VAL A 216 -5.91 -25.75 6.60
CA VAL A 216 -4.74 -26.49 7.06
C VAL A 216 -4.13 -25.77 8.24
N THR A 217 -3.93 -26.49 9.34
CA THR A 217 -3.42 -25.91 10.58
C THR A 217 -2.19 -26.69 11.01
N LEU A 218 -1.24 -25.99 11.65
CA LEU A 218 -0.01 -26.61 12.15
C LEU A 218 0.22 -26.21 13.60
N TYR A 219 -0.31 -26.99 14.53
CA TYR A 219 0.11 -26.84 15.91
C TYR A 219 1.49 -27.44 16.07
N SER A 220 2.29 -26.84 16.93
CA SER A 220 3.60 -27.37 17.27
C SER A 220 3.89 -27.01 18.71
N GLU A 221 5.08 -27.34 19.17
CA GLU A 221 5.47 -26.90 20.51
C GLU A 221 6.82 -26.21 20.54
N ASP A 222 7.77 -26.67 19.75
CA ASP A 222 9.14 -26.18 19.86
C ASP A 222 9.24 -24.76 19.34
N ASP A 223 10.07 -23.95 20.01
CA ASP A 223 10.32 -22.59 19.57
C ASP A 223 11.38 -22.56 18.49
N ILE A 224 11.20 -23.38 17.47
CA ILE A 224 12.14 -23.45 16.36
C ILE A 224 11.50 -22.77 15.15
N CYS A 225 12.29 -21.96 14.45
CA CYS A 225 11.79 -21.35 13.24
C CYS A 225 11.39 -22.43 12.24
N ALA A 226 10.70 -22.02 11.20
CA ALA A 226 10.24 -22.95 10.18
C ALA A 226 9.79 -22.15 8.98
N ASN A 227 9.16 -22.81 8.02
CA ASN A 227 8.59 -22.15 6.86
C ASN A 227 7.57 -23.08 6.25
N LEU A 228 6.56 -22.50 5.63
CA LEU A 228 5.46 -23.26 5.04
C LEU A 228 5.17 -22.64 3.69
N ILE A 229 5.46 -23.37 2.62
CA ILE A 229 5.24 -22.86 1.28
C ILE A 229 4.31 -23.80 0.53
N THR A 230 3.44 -23.23 -0.28
CA THR A 230 2.54 -24.00 -1.11
C THR A 230 2.49 -23.36 -2.49
N VAL A 231 2.24 -24.19 -3.50
CA VAL A 231 2.26 -23.71 -4.89
C VAL A 231 1.18 -24.42 -5.67
N PRO A 232 0.69 -23.78 -6.73
CA PRO A 232 -0.14 -24.50 -7.68
C PRO A 232 0.62 -25.69 -8.24
N ALA A 233 -0.14 -26.71 -8.65
CA ALA A 233 0.49 -27.95 -9.10
C ALA A 233 1.52 -27.69 -10.20
N ASN A 234 1.08 -27.09 -11.31
CA ASN A 234 1.97 -26.93 -12.45
C ASN A 234 3.18 -26.07 -12.13
N GLU A 235 3.12 -25.27 -11.07
CA GLU A 235 4.24 -24.41 -10.75
C GLU A 235 5.29 -25.17 -9.93
N SER A 236 6.52 -24.70 -10.03
CA SER A 236 7.62 -25.18 -9.22
C SER A 236 7.77 -24.29 -7.99
N ILE A 237 8.87 -24.46 -7.27
CA ILE A 237 9.14 -23.67 -6.09
C ILE A 237 10.21 -22.61 -6.36
N TYR A 238 11.28 -22.98 -7.07
CA TYR A 238 12.45 -22.13 -7.19
C TYR A 238 12.51 -21.34 -8.49
N ASP A 239 11.72 -21.70 -9.48
CA ASP A 239 11.89 -21.16 -10.83
C ASP A 239 11.17 -19.83 -10.96
N ARG A 240 11.93 -18.76 -11.16
CA ARG A 240 11.36 -17.46 -11.45
C ARG A 240 11.07 -17.33 -12.95
N SER A 241 10.41 -16.24 -13.32
CA SER A 241 10.16 -15.90 -14.71
C SER A 241 9.83 -14.41 -14.80
N VAL A 242 9.53 -13.96 -16.01
CA VAL A 242 9.19 -12.56 -16.23
C VAL A 242 7.96 -12.17 -15.41
N ILE A 243 8.10 -11.12 -14.62
CA ILE A 243 7.03 -10.64 -13.73
C ILE A 243 6.50 -11.75 -12.84
N SER A 244 7.38 -12.68 -12.46
CA SER A 244 6.99 -13.78 -11.59
C SER A 244 6.43 -13.25 -10.27
N ASP A 245 7.11 -12.28 -9.66
CA ASP A 245 6.57 -11.65 -8.47
C ASP A 245 5.18 -11.08 -8.71
N LYS A 246 4.93 -10.60 -9.93
CA LYS A 246 3.60 -10.14 -10.28
C LYS A 246 2.61 -11.29 -10.45
N THR A 247 3.07 -12.53 -10.31
CA THR A 247 2.21 -13.70 -10.27
C THR A 247 2.61 -14.63 -9.14
N HIS A 248 3.15 -14.07 -8.06
CA HIS A 248 3.74 -14.87 -6.99
C HIS A 248 2.62 -15.56 -6.21
N ASN A 249 2.13 -16.65 -6.78
CA ASN A 249 1.06 -17.42 -6.16
C ASN A 249 1.57 -18.38 -5.11
N ARG A 250 2.81 -18.21 -4.65
CA ARG A 250 3.41 -19.08 -3.65
C ARG A 250 3.50 -18.33 -2.33
N ARG A 251 3.02 -18.93 -1.27
CA ARG A 251 2.98 -18.28 0.03
C ARG A 251 4.09 -18.83 0.93
N VAL A 252 4.49 -18.01 1.89
CA VAL A 252 5.54 -18.37 2.83
C VAL A 252 5.15 -17.85 4.21
N LEU A 253 4.92 -18.74 5.16
CA LEU A 253 4.39 -18.37 6.47
C LEU A 253 5.41 -18.76 7.53
N SER A 254 6.37 -17.88 7.79
CA SER A 254 7.38 -18.18 8.79
C SER A 254 6.68 -18.42 10.10
N PHE A 255 6.68 -19.65 10.59
CA PHE A 255 5.87 -19.97 11.75
C PHE A 255 6.72 -20.62 12.84
N THR A 256 6.65 -20.06 14.03
CA THR A 256 7.30 -20.68 15.18
C THR A 256 6.40 -21.74 15.79
N LYS A 257 5.21 -21.35 16.24
CA LYS A 257 4.33 -22.27 16.93
C LYS A 257 3.04 -22.58 16.20
N ARG A 258 2.62 -21.73 15.27
CA ARG A 258 1.39 -22.00 14.56
C ARG A 258 1.42 -21.30 13.21
N ALA A 259 0.67 -21.86 12.27
CA ALA A 259 0.48 -21.26 10.96
C ALA A 259 -0.76 -21.87 10.36
N ASP A 260 -1.42 -21.11 9.49
CA ASP A 260 -2.69 -21.56 8.98
C ASP A 260 -2.81 -21.24 7.50
N ILE A 261 -3.42 -22.16 6.77
CA ILE A 261 -3.57 -22.08 5.33
C ILE A 261 -5.04 -22.24 5.01
N PHE A 262 -5.59 -21.29 4.27
CA PHE A 262 -6.99 -21.30 3.89
C PHE A 262 -7.07 -21.34 2.38
N PHE A 263 -7.64 -22.42 1.85
CA PHE A 263 -7.77 -22.59 0.40
C PHE A 263 -9.19 -22.24 0.00
N THR A 264 -9.35 -21.08 -0.64
CA THR A 264 -10.65 -20.51 -0.92
C THR A 264 -11.32 -21.25 -2.08
N GLU A 265 -12.55 -20.84 -2.37
CA GLU A 265 -13.25 -21.37 -3.52
C GLU A 265 -12.65 -20.86 -4.83
N THR A 266 -12.12 -19.64 -4.82
CA THR A 266 -11.54 -19.09 -6.03
C THR A 266 -10.07 -19.44 -6.19
N GLU A 267 -9.49 -20.20 -5.26
CA GLU A 267 -8.18 -20.79 -5.48
C GLU A 267 -8.32 -22.18 -6.08
N ILE A 268 -9.02 -23.06 -5.36
CA ILE A 268 -9.28 -24.42 -5.85
C ILE A 268 -9.78 -24.37 -7.29
N SER A 269 -10.74 -23.51 -7.54
CA SER A 269 -11.27 -23.40 -8.89
C SER A 269 -10.37 -22.66 -9.82
N MET A 270 -9.12 -22.37 -9.46
CA MET A 270 -8.18 -21.78 -10.40
C MET A 270 -6.93 -22.61 -10.62
N PHE A 271 -6.61 -23.55 -9.73
CA PHE A 271 -5.44 -24.39 -9.89
C PHE A 271 -5.69 -25.87 -9.68
N LYS A 272 -6.74 -26.25 -8.95
CA LYS A 272 -7.27 -27.61 -8.99
C LYS A 272 -6.34 -28.66 -8.38
N SER A 273 -5.14 -28.26 -7.98
CA SER A 273 -4.20 -29.20 -7.37
C SER A 273 -3.07 -28.44 -6.71
N PHE A 274 -2.75 -28.78 -5.47
CA PHE A 274 -1.85 -27.99 -4.67
C PHE A 274 -0.74 -28.83 -4.07
N ARG A 275 0.41 -28.21 -3.89
CA ARG A 275 1.58 -28.83 -3.27
C ARG A 275 1.89 -28.08 -1.99
N ILE A 276 2.16 -28.81 -0.91
CA ILE A 276 2.45 -28.22 0.39
C ILE A 276 3.78 -28.77 0.88
N PHE A 277 4.60 -27.89 1.44
CA PHE A 277 5.86 -28.29 2.06
C PHE A 277 6.04 -27.48 3.33
N VAL A 278 6.82 -28.01 4.25
CA VAL A 278 7.10 -27.34 5.51
C VAL A 278 8.60 -27.51 5.80
N PHE A 279 9.37 -26.46 5.58
CA PHE A 279 10.81 -26.53 5.71
C PHE A 279 11.27 -26.29 7.13
N ILE A 280 12.57 -26.07 7.31
CA ILE A 280 13.12 -25.55 8.55
C ILE A 280 14.14 -24.49 8.19
N ALA A 281 13.77 -23.23 8.31
CA ALA A 281 14.69 -22.16 7.96
C ALA A 281 15.90 -22.20 8.90
N PRO A 282 17.08 -21.89 8.39
CA PRO A 282 18.28 -21.97 9.22
C PRO A 282 18.33 -20.93 10.33
N ASP A 283 18.13 -19.67 9.99
CA ASP A 283 18.29 -18.57 10.93
C ASP A 283 16.93 -18.04 11.38
N ASP A 284 16.95 -17.30 12.48
CA ASP A 284 15.73 -16.78 13.11
C ASP A 284 15.54 -15.29 12.82
N SER A 285 15.89 -14.84 11.62
CA SER A 285 15.81 -13.41 11.32
C SER A 285 14.38 -12.97 11.05
N GLY A 286 13.75 -13.52 10.02
CA GLY A 286 12.38 -13.14 9.71
C GLY A 286 11.35 -13.74 10.63
N CYS A 287 11.73 -14.72 11.44
CA CYS A 287 10.80 -15.44 12.28
C CYS A 287 11.07 -15.28 13.77
N SER A 288 12.08 -14.51 14.15
CA SER A 288 12.37 -14.26 15.56
C SER A 288 13.24 -13.02 15.64
N THR A 289 13.81 -12.77 16.82
CA THR A 289 14.50 -11.51 17.08
C THR A 289 16.03 -11.64 17.06
N ASN A 290 16.58 -12.62 17.76
CA ASN A 290 18.01 -12.64 18.05
C ASN A 290 18.65 -13.90 17.53
N THR A 291 19.99 -13.87 17.50
CA THR A 291 20.78 -15.06 17.25
C THR A 291 20.96 -15.85 18.54
N SER A 292 19.86 -16.12 19.24
CA SER A 292 19.87 -16.91 20.46
C SER A 292 19.60 -18.36 20.07
N ARG A 293 20.60 -19.22 20.24
CA ARG A 293 20.54 -20.60 19.78
C ARG A 293 20.28 -20.66 18.29
N LYS A 294 20.93 -19.76 17.53
CA LYS A 294 20.79 -19.76 16.08
C LYS A 294 21.68 -20.81 15.42
N SER A 295 22.78 -21.19 16.09
CA SER A 295 23.69 -22.21 15.56
C SER A 295 23.17 -23.59 15.97
N PHE A 296 22.58 -24.30 15.01
CA PHE A 296 21.97 -25.60 15.27
C PHE A 296 21.47 -26.19 13.96
N ASN A 297 21.23 -27.49 13.97
CA ASN A 297 20.36 -28.17 13.01
C ASN A 297 19.57 -29.17 13.83
N GLU A 298 18.45 -28.75 14.37
CA GLU A 298 17.74 -29.51 15.41
C GLU A 298 16.43 -30.06 14.88
N LYS A 299 16.01 -31.17 15.46
CA LYS A 299 14.74 -31.79 15.11
C LYS A 299 13.60 -30.88 15.55
N LYS A 300 12.40 -31.24 15.13
CA LYS A 300 11.21 -30.45 15.43
C LYS A 300 9.98 -31.33 15.25
N LYS A 301 9.05 -31.23 16.19
CA LYS A 301 7.80 -31.97 16.11
C LYS A 301 6.72 -31.06 15.55
N ILE A 302 5.91 -31.60 14.65
CA ILE A 302 4.86 -30.84 13.98
C ILE A 302 3.60 -31.69 13.91
N SER A 303 2.46 -31.05 14.07
CA SER A 303 1.16 -31.67 13.91
C SER A 303 0.46 -31.08 12.69
N PHE A 304 -0.76 -31.55 12.43
CA PHE A 304 -1.55 -31.03 11.33
C PHE A 304 -3.02 -31.23 11.63
N GLU A 305 -3.86 -30.46 10.94
CA GLU A 305 -5.31 -30.69 10.94
C GLU A 305 -5.83 -30.22 9.58
N PHE A 306 -6.15 -31.18 8.71
CA PHE A 306 -6.67 -30.87 7.39
C PHE A 306 -8.19 -30.89 7.47
N LYS A 307 -8.80 -29.72 7.49
CA LYS A 307 -10.25 -29.59 7.58
C LYS A 307 -10.80 -29.24 6.20
N LYS A 308 -11.65 -30.10 5.67
CA LYS A 308 -12.28 -29.87 4.37
C LYS A 308 -13.62 -29.15 4.59
N LEU A 309 -13.51 -27.86 4.89
CA LEU A 309 -14.69 -27.04 5.13
C LEU A 309 -15.63 -27.06 3.94
N GLU A 310 -16.89 -26.81 4.21
CA GLU A 310 -17.90 -26.59 3.17
C GLU A 310 -18.60 -25.28 3.44
N ASN A 311 -18.75 -24.46 2.40
CA ASN A 311 -19.26 -23.11 2.57
C ASN A 311 -20.63 -23.12 3.24
N GLN A 312 -20.88 -22.11 4.05
CA GLN A 312 -22.14 -22.02 4.78
C GLN A 312 -22.33 -20.60 5.27
N SER A 313 -23.41 -20.40 6.03
CA SER A 313 -23.72 -19.13 6.66
C SER A 313 -24.22 -19.39 8.07
N TYR A 314 -23.83 -18.52 8.99
CA TYR A 314 -23.95 -18.80 10.42
C TYR A 314 -25.25 -18.23 10.97
N ALA A 315 -26.36 -18.79 10.47
CA ALA A 315 -27.66 -18.27 10.87
C ALA A 315 -27.94 -18.47 12.35
N VAL A 316 -27.32 -19.47 12.97
CA VAL A 316 -27.57 -19.74 14.38
C VAL A 316 -26.90 -18.67 15.24
N PRO A 317 -25.58 -18.43 15.14
CA PRO A 317 -24.97 -17.45 16.05
C PRO A 317 -25.24 -16.01 15.67
N THR A 318 -25.33 -15.73 14.37
CA THR A 318 -25.67 -14.38 13.92
C THR A 318 -26.98 -13.93 14.55
N ALA A 319 -28.04 -14.72 14.36
CA ALA A 319 -29.34 -14.35 14.93
C ALA A 319 -29.31 -14.37 16.44
N LEU A 320 -28.50 -15.24 17.04
CA LEU A 320 -28.37 -15.21 18.49
C LEU A 320 -27.65 -13.97 18.99
N MET A 321 -27.22 -13.10 18.09
CA MET A 321 -26.62 -11.82 18.45
C MET A 321 -27.58 -10.66 18.25
N MET A 322 -28.22 -10.57 17.08
CA MET A 322 -29.15 -9.49 16.82
C MET A 322 -30.24 -9.44 17.88
N ILE A 323 -30.75 -10.60 18.30
CA ILE A 323 -31.71 -10.60 19.39
C ILE A 323 -31.03 -10.25 20.70
N PHE A 324 -29.71 -10.38 20.79
CA PHE A 324 -29.04 -9.89 21.99
C PHE A 324 -28.85 -8.39 21.95
N LEU A 325 -28.85 -7.79 20.76
CA LEU A 325 -28.66 -6.35 20.62
C LEU A 325 -29.97 -5.61 20.38
N THR A 326 -31.10 -6.28 20.54
CA THR A 326 -32.39 -5.60 20.53
C THR A 326 -33.16 -5.77 21.83
N THR A 327 -32.72 -6.67 22.72
CA THR A 327 -33.36 -6.74 24.03
C THR A 327 -32.97 -5.58 24.93
N PRO A 328 -31.70 -5.17 25.04
CA PRO A 328 -31.39 -4.01 25.89
C PRO A 328 -31.96 -2.72 25.31
N CYS A 329 -32.63 -2.83 24.17
CA CYS A 329 -33.44 -1.75 23.63
C CYS A 329 -34.83 -1.71 24.26
N LEU A 330 -35.03 -2.38 25.40
CA LEU A 330 -36.30 -2.32 26.11
C LEU A 330 -36.51 -0.97 26.79
N LEU A 331 -35.50 -0.11 26.80
CA LEU A 331 -35.66 1.21 27.41
C LEU A 331 -36.49 2.13 26.53
N PHE A 332 -36.30 2.06 25.21
CA PHE A 332 -37.02 2.93 24.29
C PHE A 332 -38.50 2.59 24.19
N LEU A 333 -38.96 1.54 24.88
CA LEU A 333 -40.35 1.11 24.75
C LEU A 333 -41.34 2.16 25.24
N PRO A 334 -41.32 2.57 26.52
CA PRO A 334 -42.40 3.44 27.02
C PRO A 334 -42.09 4.92 26.95
N ILE A 335 -40.91 5.34 26.50
CA ILE A 335 -40.51 6.72 26.69
C ILE A 335 -40.41 7.50 25.38
N VAL A 336 -39.50 7.09 24.50
CA VAL A 336 -39.12 7.95 23.38
C VAL A 336 -40.19 7.94 22.30
N ILE A 337 -40.76 6.78 22.00
CA ILE A 337 -41.80 6.70 20.98
C ILE A 337 -43.15 7.13 21.49
N ASN A 338 -43.27 7.38 22.80
CA ASN A 338 -44.52 7.86 23.38
C ASN A 338 -44.59 9.38 23.38
N ILE A 339 -43.45 10.05 23.58
CA ILE A 339 -43.44 11.51 23.56
C ILE A 339 -43.76 12.01 22.15
N ILE A 340 -43.28 11.29 21.13
CA ILE A 340 -43.55 11.69 19.75
C ILE A 340 -45.04 11.67 19.46
N LYS A 341 -45.70 10.56 19.77
CA LYS A 341 -47.14 10.48 19.61
C LYS A 341 -47.83 11.59 20.40
N ASN A 342 -47.32 11.91 21.58
CA ASN A 342 -47.85 13.01 22.37
C ASN A 342 -47.46 14.37 21.82
N SER A 343 -46.52 14.43 20.89
CA SER A 343 -46.13 15.70 20.27
C SER A 343 -46.83 15.95 18.94
N ARG A 344 -47.37 14.92 18.31
CA ARG A 344 -48.07 15.10 17.04
C ARG A 344 -49.36 15.88 17.22
N SER A 425 -31.27 26.76 10.20
CA SER A 425 -32.44 26.26 9.48
C SER A 425 -32.16 24.92 8.81
N LEU A 426 -33.23 24.25 8.38
CA LEU A 426 -33.07 22.97 7.70
C LEU A 426 -32.31 23.12 6.38
N HIS A 427 -32.47 24.26 5.71
CA HIS A 427 -31.69 24.55 4.52
C HIS A 427 -30.29 25.05 4.85
N GLY A 428 -30.07 25.53 6.08
CA GLY A 428 -28.78 26.03 6.48
C GLY A 428 -27.97 25.03 7.28
N GLN A 429 -28.61 24.39 8.27
CA GLN A 429 -27.89 23.43 9.09
C GLN A 429 -27.52 22.18 8.32
N MET A 430 -28.23 21.87 7.23
CA MET A 430 -27.78 20.85 6.31
C MET A 430 -26.54 21.29 5.54
N LEU A 431 -26.04 22.48 5.81
CA LEU A 431 -24.76 22.98 5.31
C LEU A 431 -23.77 23.27 6.42
N GLN A 432 -24.21 23.94 7.49
CA GLN A 432 -23.36 24.21 8.63
C GLN A 432 -23.09 22.98 9.49
N TYR A 433 -23.64 21.84 9.14
CA TYR A 433 -23.20 20.66 9.85
C TYR A 433 -21.87 20.19 9.29
N PRO A 434 -20.93 19.79 10.13
CA PRO A 434 -19.65 19.28 9.63
C PRO A 434 -19.79 17.85 9.15
N VAL A 435 -19.75 17.67 7.83
CA VAL A 435 -19.71 16.35 7.23
C VAL A 435 -18.34 15.98 6.74
N ALA A 436 -17.35 16.84 6.91
CA ALA A 436 -15.98 16.48 6.58
C ALA A 436 -15.33 15.61 7.65
N ILE A 437 -16.06 15.30 8.72
CA ILE A 437 -15.55 14.37 9.73
C ILE A 437 -15.70 12.92 9.31
N ILE A 438 -16.48 12.64 8.26
CA ILE A 438 -16.57 11.28 7.78
C ILE A 438 -15.27 10.87 7.11
N LEU A 439 -14.66 11.78 6.35
CA LEU A 439 -13.54 11.43 5.49
C LEU A 439 -12.39 10.72 6.17
N PRO A 440 -12.01 10.98 7.42
CA PRO A 440 -10.94 10.21 8.04
C PRO A 440 -11.15 8.72 8.02
N VAL A 441 -12.38 8.27 7.79
CA VAL A 441 -12.70 6.85 7.75
C VAL A 441 -12.98 6.37 6.34
N LEU A 442 -13.90 7.03 5.64
CA LEU A 442 -14.23 6.59 4.30
C LEU A 442 -13.12 6.86 3.29
N MET A 443 -12.04 7.53 3.70
CA MET A 443 -10.82 7.48 2.90
C MET A 443 -9.98 6.27 3.29
N HIS A 444 -9.88 6.00 4.59
CA HIS A 444 -9.07 4.88 5.04
C HIS A 444 -9.63 3.56 4.55
N THR A 445 -10.92 3.32 4.80
CA THR A 445 -11.53 2.10 4.30
C THR A 445 -11.54 2.02 2.79
N ALA A 446 -11.44 3.16 2.10
CA ALA A 446 -11.33 3.12 0.65
C ALA A 446 -9.99 2.58 0.20
N ILE A 447 -9.05 2.43 1.11
CA ILE A 447 -7.74 1.89 0.80
C ILE A 447 -7.59 0.45 1.28
N GLU A 448 -8.02 0.17 2.51
CA GLU A 448 -8.01 -1.20 3.00
C GLU A 448 -8.88 -2.10 2.12
N PHE A 449 -9.75 -1.53 1.30
CA PHE A 449 -10.39 -2.32 0.26
C PHE A 449 -9.49 -2.46 -0.96
N HIS A 450 -9.10 -1.33 -1.56
CA HIS A 450 -8.26 -1.39 -2.75
C HIS A 450 -7.02 -2.26 -2.54
N LYS A 451 -6.58 -2.41 -1.29
CA LYS A 451 -5.47 -3.28 -1.00
C LYS A 451 -5.90 -4.73 -0.79
N TRP A 452 -7.19 -4.97 -0.54
CA TRP A 452 -7.72 -6.32 -0.41
C TRP A 452 -8.11 -6.93 -1.74
N THR A 453 -8.61 -6.13 -2.67
CA THR A 453 -8.99 -6.67 -3.96
C THR A 453 -7.78 -6.94 -4.84
N THR A 454 -6.93 -5.92 -5.04
CA THR A 454 -5.81 -6.05 -5.97
C THR A 454 -4.63 -6.80 -5.39
N SER A 455 -4.78 -7.42 -4.23
CA SER A 455 -3.74 -8.27 -3.67
C SER A 455 -3.91 -9.70 -4.17
N THR A 456 -2.80 -10.32 -4.55
CA THR A 456 -2.86 -11.62 -5.20
C THR A 456 -3.49 -12.65 -4.28
N MET A 457 -4.07 -13.68 -4.89
CA MET A 457 -4.91 -14.62 -4.16
C MET A 457 -4.12 -15.38 -3.10
N ALA A 458 -2.80 -15.46 -3.25
CA ALA A 458 -1.97 -16.12 -2.26
C ALA A 458 -1.33 -15.14 -1.30
N ASN A 459 -1.29 -13.86 -1.64
CA ASN A 459 -0.72 -12.86 -0.75
C ASN A 459 -1.58 -12.62 0.47
N ARG A 460 -2.87 -12.90 0.38
CA ARG A 460 -3.78 -12.62 1.49
C ARG A 460 -3.53 -13.52 2.68
N ASP A 461 -2.94 -14.69 2.49
CA ASP A 461 -2.69 -15.57 3.61
C ASP A 461 -1.40 -15.23 4.34
N GLU A 462 -0.58 -14.35 3.78
CA GLU A 462 0.70 -14.00 4.36
C GLU A 462 0.73 -12.59 4.93
N MET A 463 -0.10 -11.69 4.39
CA MET A 463 -0.10 -10.29 4.79
C MET A 463 -1.09 -9.99 5.91
N CYS A 464 -2.11 -10.82 6.07
CA CYS A 464 -3.18 -10.56 7.03
C CYS A 464 -3.06 -11.50 8.21
N PHE A 465 -2.75 -10.95 9.38
CA PHE A 465 -2.52 -11.73 10.60
C PHE A 465 -3.77 -11.70 11.46
N HIS A 466 -4.68 -12.62 11.18
CA HIS A 466 -5.88 -12.73 11.97
C HIS A 466 -5.59 -13.48 13.25
N ASN A 467 -6.64 -13.89 13.96
CA ASN A 467 -6.54 -14.79 15.10
C ASN A 467 -7.29 -16.05 14.73
N HIS A 468 -6.61 -16.97 14.06
CA HIS A 468 -7.28 -18.12 13.45
C HIS A 468 -7.80 -19.11 14.46
N ALA A 469 -7.65 -18.85 15.76
CA ALA A 469 -8.32 -19.70 16.74
C ALA A 469 -9.82 -19.49 16.71
N CYS A 470 -10.28 -18.33 16.25
CA CYS A 470 -11.71 -18.05 16.23
C CYS A 470 -12.15 -17.32 14.98
N ALA A 471 -11.37 -17.37 13.90
CA ALA A 471 -11.69 -16.62 12.68
C ALA A 471 -12.49 -17.53 11.76
N ARG A 472 -13.78 -17.61 12.00
CA ARG A 472 -14.65 -18.38 11.13
C ARG A 472 -14.79 -17.66 9.79
N PRO A 473 -14.65 -18.37 8.68
CA PRO A 473 -14.75 -17.76 7.37
C PRO A 473 -16.18 -17.70 6.87
N LEU A 474 -16.35 -16.97 5.77
CA LEU A 474 -17.65 -16.86 5.11
C LEU A 474 -17.46 -16.29 3.72
N GLY A 475 -17.97 -16.98 2.72
CA GLY A 475 -17.77 -16.53 1.36
C GLY A 475 -16.30 -16.46 1.06
N GLU A 476 -15.77 -15.25 0.97
CA GLU A 476 -14.36 -15.03 0.73
C GLU A 476 -13.60 -14.70 2.01
N LEU A 477 -14.19 -13.91 2.91
CA LEU A 477 -13.45 -13.35 4.02
C LEU A 477 -12.95 -14.45 4.95
N ARG A 478 -11.70 -14.29 5.40
CA ARG A 478 -11.18 -15.22 6.38
C ARG A 478 -11.88 -15.09 7.71
N ALA A 479 -12.47 -13.94 8.00
CA ALA A 479 -13.06 -13.69 9.31
C ALA A 479 -14.43 -13.07 9.12
N TRP A 480 -15.47 -13.79 9.54
CA TRP A 480 -16.84 -13.27 9.59
C TRP A 480 -17.37 -13.26 11.00
N ASN A 481 -16.55 -13.60 11.98
CA ASN A 481 -16.95 -13.39 13.35
C ASN A 481 -16.49 -12.05 13.86
N ASN A 482 -15.48 -11.45 13.24
CA ASN A 482 -15.04 -10.12 13.61
C ASN A 482 -15.52 -9.05 12.65
N ILE A 483 -16.51 -9.35 11.81
CA ILE A 483 -17.04 -8.35 10.90
C ILE A 483 -18.55 -8.22 11.08
N ILE A 484 -19.25 -9.35 11.11
CA ILE A 484 -20.71 -9.30 11.28
C ILE A 484 -21.10 -8.98 12.70
N THR A 485 -20.17 -8.99 13.64
CA THR A 485 -20.43 -8.46 14.96
C THR A 485 -20.11 -6.98 15.05
N ASN A 486 -19.63 -6.38 13.97
CA ASN A 486 -19.60 -4.94 13.84
C ASN A 486 -20.89 -4.40 13.29
N ILE A 487 -21.99 -5.14 13.46
CA ILE A 487 -23.31 -4.61 13.15
C ILE A 487 -24.02 -4.15 14.40
N GLY A 488 -23.53 -4.50 15.59
CA GLY A 488 -24.06 -3.90 16.79
C GLY A 488 -23.83 -2.41 16.83
N TYR A 489 -22.85 -1.93 16.08
CA TYR A 489 -22.61 -0.50 15.99
C TYR A 489 -23.54 0.16 14.97
N THR A 490 -23.47 -0.26 13.71
CA THR A 490 -24.32 0.37 12.72
C THR A 490 -25.81 0.15 12.97
N LEU A 491 -26.16 -0.70 13.93
CA LEU A 491 -27.53 -0.78 14.42
C LEU A 491 -27.77 0.22 15.55
N TYR A 492 -26.88 0.28 16.52
CA TYR A 492 -26.96 1.32 17.52
C TYR A 492 -26.52 2.62 17.02
N GLY A 493 -26.33 2.74 15.72
CA GLY A 493 -26.00 4.02 15.14
C GLY A 493 -27.20 4.69 14.54
N ALA A 494 -27.99 3.93 13.77
CA ALA A 494 -29.17 4.49 13.14
C ALA A 494 -30.24 4.86 14.15
N ILE A 495 -30.08 4.48 15.41
CA ILE A 495 -31.01 4.91 16.44
C ILE A 495 -30.71 6.33 16.89
N PHE A 496 -29.45 6.60 17.26
CA PHE A 496 -29.11 7.94 17.70
C PHE A 496 -29.30 8.96 16.59
N ILE A 497 -29.26 8.54 15.33
CA ILE A 497 -29.47 9.50 14.25
C ILE A 497 -30.95 9.88 14.15
N VAL A 498 -31.85 8.98 14.53
CA VAL A 498 -33.28 9.28 14.50
C VAL A 498 -33.80 9.69 15.87
N LEU A 499 -33.46 8.94 16.92
CA LEU A 499 -33.98 9.28 18.24
C LEU A 499 -33.40 10.57 18.78
N SER A 500 -32.60 11.28 18.00
CA SER A 500 -32.23 12.66 18.28
C SER A 500 -32.95 13.62 17.35
N ILE A 501 -33.05 13.28 16.07
CA ILE A 501 -33.79 14.12 15.13
C ILE A 501 -35.27 14.08 15.45
N CYS A 502 -35.79 12.93 15.86
CA CYS A 502 -37.20 12.80 16.22
C CYS A 502 -37.45 13.04 17.70
N ARG A 503 -36.58 13.77 18.39
CA ARG A 503 -36.74 14.04 19.80
C ARG A 503 -36.38 15.49 20.13
N ARG A 504 -36.85 16.41 19.31
CA ARG A 504 -36.70 17.83 19.64
C ARG A 504 -37.96 18.67 19.41
N GLY A 505 -38.95 18.18 18.67
CA GLY A 505 -40.16 18.95 18.42
C GLY A 505 -39.93 20.18 17.57
N SER A 510 -41.25 25.16 24.95
CA SER A 510 -40.32 24.37 25.76
C SER A 510 -38.89 24.81 25.51
N HIS A 511 -38.67 25.56 24.42
CA HIS A 511 -37.35 26.07 24.05
C HIS A 511 -36.87 27.17 24.96
N VAL A 512 -37.63 27.43 26.03
CA VAL A 512 -37.17 28.26 27.13
C VAL A 512 -37.10 27.49 28.45
N PHE A 513 -37.54 26.24 28.46
CA PHE A 513 -37.46 25.37 29.62
C PHE A 513 -36.30 24.39 29.47
N GLY A 514 -35.89 23.82 30.60
CA GLY A 514 -34.97 22.69 30.61
C GLY A 514 -33.59 22.94 30.03
N THR A 515 -32.77 21.90 30.03
CA THR A 515 -31.45 21.98 29.43
C THR A 515 -31.57 22.14 27.92
N TYR A 516 -30.49 22.64 27.31
CA TYR A 516 -30.50 22.91 25.89
C TYR A 516 -30.63 21.61 25.11
N GLU A 517 -31.35 21.68 23.99
CA GLU A 517 -31.61 20.50 23.18
C GLU A 517 -30.32 20.02 22.54
N CYS A 518 -29.76 18.93 23.07
CA CYS A 518 -28.58 18.30 22.47
C CYS A 518 -29.05 17.32 21.39
N THR A 519 -29.62 17.91 20.34
CA THR A 519 -30.19 17.14 19.25
C THR A 519 -29.47 17.32 17.93
N LEU A 520 -28.47 18.19 17.86
CA LEU A 520 -27.59 18.18 16.70
C LEU A 520 -26.34 17.38 16.98
N LEU A 521 -25.76 17.54 18.17
CA LEU A 521 -24.59 16.78 18.54
C LEU A 521 -24.87 15.30 18.43
N ASP A 522 -25.98 14.86 18.96
CA ASP A 522 -26.30 13.45 18.95
C ASP A 522 -26.66 12.95 17.59
N VAL A 523 -26.50 13.76 16.55
CA VAL A 523 -26.39 13.19 15.21
C VAL A 523 -24.98 12.73 14.96
N THR A 524 -23.98 13.50 15.42
CA THR A 524 -22.60 13.08 15.25
C THR A 524 -22.31 11.80 16.02
N ILE A 525 -22.56 11.81 17.33
CA ILE A 525 -22.44 10.59 18.12
C ILE A 525 -23.19 9.46 17.43
N GLY A 526 -24.28 9.78 16.76
CA GLY A 526 -24.88 8.80 15.90
C GLY A 526 -23.91 8.40 14.81
N VAL A 527 -23.52 9.36 13.98
CA VAL A 527 -22.67 9.06 12.83
C VAL A 527 -21.39 8.37 13.30
N PHE A 528 -20.75 8.92 14.32
CA PHE A 528 -19.51 8.29 14.74
C PHE A 528 -19.72 6.98 15.47
N MET A 529 -20.95 6.57 15.68
CA MET A 529 -21.21 5.16 15.97
C MET A 529 -21.47 4.38 14.70
N VAL A 530 -21.86 5.06 13.62
CA VAL A 530 -22.01 4.38 12.34
C VAL A 530 -20.67 4.31 11.62
N LEU A 531 -19.88 5.38 11.66
CA LEU A 531 -18.53 5.28 11.11
C LEU A 531 -17.77 4.15 11.76
N GLN A 532 -17.82 4.07 13.08
CA GLN A 532 -17.07 3.04 13.78
C GLN A 532 -17.38 1.65 13.24
N SER A 533 -18.59 1.43 12.78
CA SER A 533 -18.91 0.17 12.14
C SER A 533 -18.46 0.12 10.71
N ILE A 534 -17.61 1.03 10.28
CA ILE A 534 -16.99 0.98 8.97
C ILE A 534 -15.47 0.94 9.08
N ALA A 535 -14.88 1.77 9.94
CA ALA A 535 -13.44 1.72 10.12
C ALA A 535 -13.03 0.39 10.74
N SER A 536 -13.91 -0.25 11.49
CA SER A 536 -13.57 -1.49 12.15
C SER A 536 -13.89 -2.71 11.30
N ALA A 537 -15.05 -2.74 10.72
CA ALA A 537 -15.36 -3.92 9.93
C ALA A 537 -14.64 -3.97 8.65
N THR A 538 -13.66 -3.12 8.43
CA THR A 538 -12.67 -3.32 7.38
C THR A 538 -11.27 -3.53 7.92
N TYR A 539 -10.94 -2.93 9.06
CA TYR A 539 -9.74 -3.35 9.76
C TYR A 539 -9.82 -4.80 10.17
N HIS A 540 -10.98 -5.42 10.14
CA HIS A 540 -11.07 -6.84 10.37
C HIS A 540 -11.32 -7.63 9.09
N ILE A 541 -11.34 -6.97 7.94
CA ILE A 541 -11.18 -7.73 6.70
C ILE A 541 -9.85 -8.46 6.74
N CYS A 542 -8.74 -7.72 6.86
CA CYS A 542 -7.52 -8.34 7.34
C CYS A 542 -6.54 -7.29 7.86
N PRO A 543 -6.03 -7.47 9.05
CA PRO A 543 -5.32 -6.40 9.75
C PRO A 543 -3.83 -6.30 9.44
N SER A 544 -3.48 -5.70 8.31
CA SER A 544 -2.08 -5.39 8.05
C SER A 544 -1.57 -4.39 9.07
N ASP A 545 -0.24 -4.26 9.14
CA ASP A 545 0.40 -3.23 9.96
C ASP A 545 0.50 -1.94 9.15
N VAL A 546 -0.66 -1.48 8.67
CA VAL A 546 -0.77 -0.26 7.88
C VAL A 546 -0.51 0.92 8.81
N ALA A 547 -0.30 2.11 8.25
CA ALA A 547 0.07 3.27 9.05
C ALA A 547 -0.99 3.61 10.10
N PHE A 548 -2.26 3.48 9.74
CA PHE A 548 -3.36 3.84 10.64
C PHE A 548 -4.11 2.57 11.05
N GLN A 549 -4.33 2.42 12.36
CA GLN A 549 -5.01 1.22 12.84
C GLN A 549 -6.52 1.29 12.60
N PHE A 550 -7.17 2.31 13.17
CA PHE A 550 -8.59 2.57 12.92
C PHE A 550 -9.47 1.39 13.29
N ASP A 551 -9.25 0.82 14.46
CA ASP A 551 -10.26 -0.04 15.08
C ASP A 551 -10.95 0.63 16.25
N THR A 552 -10.16 1.21 17.13
CA THR A 552 -10.58 2.09 18.23
C THR A 552 -10.84 3.54 17.84
N PRO A 553 -10.03 4.19 16.97
CA PRO A 553 -10.07 5.66 16.87
C PRO A 553 -11.50 6.15 17.03
N CYS A 554 -12.48 5.51 16.41
CA CYS A 554 -13.81 6.09 16.43
C CYS A 554 -14.41 6.01 17.83
N ILE A 555 -14.34 4.85 18.49
CA ILE A 555 -14.75 4.74 19.88
C ILE A 555 -14.05 5.74 20.77
N GLN A 556 -12.79 6.06 20.48
CA GLN A 556 -12.13 7.08 21.27
C GLN A 556 -12.88 8.40 21.17
N VAL A 557 -13.33 8.77 19.97
CA VAL A 557 -13.97 10.07 19.79
C VAL A 557 -15.34 10.09 20.45
N ILE A 558 -16.08 8.99 20.36
CA ILE A 558 -17.40 8.94 20.99
C ILE A 558 -17.29 9.19 22.48
N CYS A 559 -16.41 8.46 23.15
CA CYS A 559 -16.16 8.76 24.56
C CYS A 559 -15.62 10.16 24.75
N GLY A 560 -15.19 10.83 23.69
CA GLY A 560 -14.82 12.22 23.80
C GLY A 560 -16.03 13.11 23.76
N LEU A 561 -16.91 12.91 22.77
CA LEU A 561 -18.06 13.79 22.63
C LEU A 561 -18.91 13.80 23.89
N LEU A 562 -19.12 12.64 24.50
CA LEU A 562 -19.90 12.56 25.71
C LEU A 562 -19.35 13.48 26.80
N MET A 563 -18.13 13.95 26.62
CA MET A 563 -17.62 15.00 27.50
C MET A 563 -18.07 16.37 27.01
N VAL A 564 -17.81 16.67 25.74
CA VAL A 564 -18.19 17.96 25.19
C VAL A 564 -19.69 18.18 25.30
N ARG A 565 -20.48 17.11 25.22
CA ARG A 565 -21.92 17.24 25.37
C ARG A 565 -22.27 17.62 26.80
N GLN A 566 -21.90 16.78 27.76
CA GLN A 566 -22.21 17.06 29.16
C GLN A 566 -21.50 18.30 29.67
N TRP A 567 -20.50 18.80 28.97
CA TRP A 567 -19.86 20.04 29.36
C TRP A 567 -20.77 21.22 29.06
N PHE A 568 -21.09 21.41 27.80
CA PHE A 568 -21.85 22.55 27.31
C PHE A 568 -23.35 22.36 27.46
N VAL A 569 -23.79 21.33 28.19
CA VAL A 569 -25.22 21.02 28.21
C VAL A 569 -26.00 22.06 28.98
N ARG A 570 -25.37 22.77 29.92
CA ARG A 570 -26.07 23.78 30.71
C ARG A 570 -25.72 25.20 30.30
N HIS A 571 -24.90 25.39 29.26
CA HIS A 571 -24.54 26.72 28.81
C HIS A 571 -25.22 27.07 27.49
N GLU A 572 -25.06 26.23 26.48
CA GLU A 572 -25.53 26.55 25.14
C GLU A 572 -25.60 25.27 24.34
N SER A 573 -26.50 25.25 23.37
CA SER A 573 -26.61 24.11 22.47
C SER A 573 -25.24 23.83 21.86
N PRO A 574 -24.63 22.70 22.18
CA PRO A 574 -23.24 22.45 21.78
C PRO A 574 -23.16 22.22 20.28
N SER A 575 -22.41 23.08 19.60
CA SER A 575 -22.25 22.92 18.16
C SER A 575 -21.41 21.69 17.87
N PRO A 576 -21.79 20.88 16.87
CA PRO A 576 -20.99 19.69 16.54
C PRO A 576 -19.59 20.03 16.08
N ALA A 577 -19.31 21.31 15.80
CA ALA A 577 -18.02 21.73 15.30
C ALA A 577 -16.90 21.51 16.30
N TYR A 578 -17.20 21.09 17.52
CA TYR A 578 -16.13 20.75 18.44
C TYR A 578 -15.46 19.43 18.09
N THR A 579 -16.09 18.60 17.26
CA THR A 579 -15.39 17.42 16.76
C THR A 579 -14.19 17.82 15.92
N ASN A 580 -14.32 18.87 15.11
CA ASN A 580 -13.22 19.30 14.25
C ASN A 580 -11.92 19.42 15.02
N ILE A 581 -11.99 19.84 16.29
CA ILE A 581 -10.79 19.88 17.10
C ILE A 581 -10.57 18.59 17.87
N LEU A 582 -11.61 17.77 18.03
CA LEU A 582 -11.43 16.51 18.74
C LEU A 582 -10.96 15.40 17.80
N LEU A 583 -11.47 15.38 16.59
CA LEU A 583 -11.06 14.35 15.64
C LEU A 583 -9.56 14.44 15.37
N VAL A 584 -9.11 15.58 14.83
CA VAL A 584 -7.70 15.79 14.57
C VAL A 584 -6.86 15.49 15.81
N GLY A 585 -7.46 15.63 16.99
CA GLY A 585 -6.82 15.16 18.18
C GLY A 585 -6.59 13.67 18.15
N VAL A 586 -7.66 12.89 18.01
CA VAL A 586 -7.54 11.45 18.10
C VAL A 586 -6.69 10.90 16.98
N VAL A 587 -6.98 11.31 15.74
CA VAL A 587 -6.26 10.76 14.59
C VAL A 587 -4.78 11.03 14.69
N SER A 588 -4.40 12.24 15.11
CA SER A 588 -2.99 12.53 15.31
C SER A 588 -2.41 11.63 16.39
N LEU A 589 -3.06 11.59 17.56
CA LEU A 589 -2.61 10.70 18.62
C LEU A 589 -2.66 9.25 18.21
N ASN A 590 -3.44 8.91 17.18
CA ASN A 590 -3.41 7.56 16.65
C ASN A 590 -2.30 7.37 15.62
N PHE A 591 -2.00 8.40 14.83
CA PHE A 591 -0.87 8.28 13.91
C PHE A 591 0.44 8.43 14.65
N LEU A 592 0.50 9.30 15.65
CA LEU A 592 1.72 9.45 16.43
C LEU A 592 2.11 8.14 17.08
N ILE A 593 1.13 7.39 17.61
CA ILE A 593 1.42 6.11 18.23
C ILE A 593 2.04 5.16 17.22
N SER A 594 1.45 5.07 16.03
CA SER A 594 1.86 4.03 15.09
C SER A 594 3.25 4.31 14.52
N ALA A 595 3.52 5.56 14.14
CA ALA A 595 4.81 5.88 13.54
C ALA A 595 5.95 5.48 14.45
N PHE A 596 5.83 5.77 15.75
CA PHE A 596 6.86 5.44 16.72
C PHE A 596 6.54 4.17 17.48
N SER A 597 5.79 3.24 16.87
CA SER A 597 5.45 2.01 17.56
C SER A 597 6.66 1.09 17.71
N LYS A 598 7.58 1.15 16.75
CA LYS A 598 8.72 0.24 16.77
C LYS A 598 9.77 0.66 17.79
N THR A 599 9.91 1.95 18.06
CA THR A 599 10.94 2.41 18.97
C THR A 599 10.61 2.01 20.41
N SER A 600 11.51 2.33 21.31
CA SER A 600 11.42 1.90 22.70
C SER A 600 10.91 2.98 23.63
N TYR A 601 10.73 4.20 23.15
CA TYR A 601 10.37 5.33 23.99
C TYR A 601 9.00 5.89 23.64
N VAL A 602 8.13 5.09 23.02
CA VAL A 602 6.83 5.61 22.64
C VAL A 602 5.94 5.79 23.86
N ARG A 603 6.04 4.90 24.84
CA ARG A 603 5.17 5.00 26.00
C ARG A 603 5.45 6.26 26.81
N PHE A 604 6.63 6.84 26.68
CA PHE A 604 6.86 8.14 27.29
C PHE A 604 6.21 9.26 26.51
N ILE A 605 5.96 9.06 25.21
CA ILE A 605 5.29 10.09 24.43
C ILE A 605 3.81 10.13 24.78
N ILE A 606 3.23 8.99 25.14
CA ILE A 606 1.83 8.90 25.53
C ILE A 606 1.70 9.31 26.99
N ALA A 607 2.80 9.77 27.57
CA ALA A 607 2.72 10.41 28.87
C ALA A 607 2.68 11.92 28.73
N VAL A 608 3.54 12.48 27.86
CA VAL A 608 3.58 13.92 27.72
C VAL A 608 2.39 14.44 26.94
N ILE A 609 1.94 13.73 25.92
CA ILE A 609 0.73 14.14 25.20
C ILE A 609 -0.48 14.00 26.11
N HIS A 610 -0.54 12.91 26.85
CA HIS A 610 -1.63 12.69 27.79
C HIS A 610 -1.70 13.80 28.83
N VAL A 611 -0.59 14.05 29.51
CA VAL A 611 -0.58 15.00 30.61
C VAL A 611 -0.98 16.39 30.12
N ILE A 612 -0.45 16.79 28.97
CA ILE A 612 -0.71 18.14 28.46
C ILE A 612 -2.21 18.40 28.36
N VAL A 613 -2.93 17.51 27.68
CA VAL A 613 -4.34 17.76 27.44
C VAL A 613 -5.13 17.68 28.74
N VAL A 614 -4.86 16.69 29.58
CA VAL A 614 -5.64 16.58 30.81
C VAL A 614 -5.31 17.72 31.75
N GLY A 615 -4.09 18.26 31.65
CA GLY A 615 -3.79 19.47 32.40
C GLY A 615 -4.68 20.62 31.98
N SER A 616 -4.82 20.82 30.66
CA SER A 616 -5.67 21.88 30.17
C SER A 616 -7.12 21.65 30.58
N ILE A 617 -7.63 20.44 30.37
CA ILE A 617 -9.03 20.15 30.68
C ILE A 617 -9.32 20.40 32.15
N CYS A 618 -8.31 20.24 33.02
CA CYS A 618 -8.45 20.71 34.38
C CYS A 618 -8.49 22.23 34.41
N LEU A 619 -7.45 22.87 33.89
CA LEU A 619 -7.38 24.33 33.89
C LEU A 619 -8.57 24.95 33.18
N ALA A 620 -9.08 24.30 32.14
CA ALA A 620 -10.21 24.86 31.42
C ALA A 620 -11.48 24.90 32.27
N LYS A 621 -11.53 24.13 33.36
CA LYS A 621 -12.73 24.13 34.19
C LYS A 621 -12.76 25.36 35.11
N GLU A 622 -11.69 25.56 35.89
CA GLU A 622 -11.69 26.63 36.88
C GLU A 622 -11.81 28.01 36.24
N ARG A 623 -11.41 28.15 34.99
CA ARG A 623 -11.59 29.42 34.29
C ARG A 623 -13.00 29.60 33.76
N SER A 624 -13.94 28.78 34.19
CA SER A 624 -15.31 28.89 33.70
C SER A 624 -16.32 28.97 34.85
N LEU A 625 -16.04 28.27 35.95
CA LEU A 625 -16.97 28.17 37.06
C LEU A 625 -16.74 29.25 38.11
N GLY A 626 -15.49 29.54 38.44
CA GLY A 626 -15.21 30.52 39.47
C GLY A 626 -14.16 30.06 40.47
N SER A 627 -13.51 28.94 40.16
CA SER A 627 -12.45 28.37 41.01
C SER A 627 -12.96 28.04 42.41
N GLU A 628 -14.21 27.60 42.51
CA GLU A 628 -14.78 27.22 43.79
C GLU A 628 -14.14 25.92 44.26
N LYS A 629 -13.32 26.02 45.32
CA LYS A 629 -12.58 24.86 45.78
C LYS A 629 -13.51 23.73 46.23
N LEU A 630 -14.71 24.08 46.69
CA LEU A 630 -15.70 23.05 46.99
C LEU A 630 -16.12 22.28 45.76
N LYS A 631 -15.92 22.84 44.57
CA LYS A 631 -16.22 22.15 43.32
C LYS A 631 -14.96 21.88 42.49
N THR A 632 -14.21 22.92 42.14
CA THR A 632 -13.12 22.75 41.19
C THR A 632 -11.94 22.03 41.84
N ARG A 633 -11.42 22.57 42.94
CA ARG A 633 -10.33 21.90 43.63
C ARG A 633 -10.69 20.49 44.05
N PHE A 634 -11.98 20.16 44.06
CA PHE A 634 -12.44 18.80 44.26
C PHE A 634 -12.81 18.11 42.96
N PHE A 635 -12.55 18.77 41.82
CA PHE A 635 -12.68 18.17 40.51
C PHE A 635 -11.35 17.98 39.81
N ILE A 636 -10.41 18.89 40.02
CA ILE A 636 -9.05 18.66 39.53
C ILE A 636 -8.41 17.52 40.29
N MET A 637 -8.85 17.28 41.53
CA MET A 637 -8.26 16.21 42.33
C MET A 637 -8.49 14.85 41.69
N ALA A 638 -9.52 14.72 40.86
CA ALA A 638 -9.78 13.45 40.20
C ALA A 638 -8.87 13.24 39.00
N PHE A 639 -8.91 14.17 38.03
CA PHE A 639 -8.08 14.01 36.84
C PHE A 639 -6.60 14.02 37.18
N SER A 640 -6.21 14.72 38.23
CA SER A 640 -4.84 14.58 38.72
C SER A 640 -4.62 13.18 39.27
N MET A 641 -5.59 12.65 40.01
CA MET A 641 -5.44 11.30 40.57
C MET A 641 -5.83 10.23 39.55
N GLY A 642 -6.73 10.54 38.63
CA GLY A 642 -7.17 9.55 37.68
C GLY A 642 -6.16 9.25 36.59
N ASN A 643 -5.86 10.25 35.77
CA ASN A 643 -4.97 10.05 34.63
C ASN A 643 -3.60 9.58 35.08
N PHE A 644 -3.05 10.20 36.13
CA PHE A 644 -1.76 9.78 36.64
C PHE A 644 -1.78 8.30 37.00
N ALA A 645 -2.79 7.88 37.78
CA ALA A 645 -2.90 6.48 38.15
C ALA A 645 -3.02 5.58 36.93
N ALA A 646 -3.50 6.12 35.81
CA ALA A 646 -3.50 5.36 34.58
C ALA A 646 -2.14 5.37 33.91
N ILE A 647 -1.41 6.49 33.99
CA ILE A 647 -0.12 6.59 33.32
C ILE A 647 0.82 5.51 33.81
N VAL A 648 1.10 5.50 35.11
CA VAL A 648 1.99 4.48 35.67
C VAL A 648 1.44 3.09 35.41
N MET A 649 0.12 2.95 35.27
CA MET A 649 -0.45 1.65 34.99
C MET A 649 0.03 1.12 33.64
N TYR A 650 0.27 2.01 32.68
CA TYR A 650 0.76 1.59 31.38
C TYR A 650 2.18 2.03 31.09
N LEU A 651 2.73 2.96 31.85
CA LEU A 651 4.09 3.42 31.61
C LEU A 651 5.13 2.55 32.30
N THR A 652 4.74 1.85 33.37
CA THR A 652 5.64 0.96 34.09
C THR A 652 5.32 -0.51 33.85
N LEU A 653 4.13 -0.82 33.37
CA LEU A 653 3.65 -2.20 33.24
C LEU A 653 3.40 -2.49 31.77
N SER A 654 4.00 -3.56 31.27
CA SER A 654 3.81 -3.93 29.87
C SER A 654 2.65 -4.91 29.71
N ALA A 655 1.51 -4.57 30.28
CA ALA A 655 0.28 -5.33 30.07
C ALA A 655 -0.66 -4.64 29.11
N PHE A 656 -0.73 -3.31 29.16
CA PHE A 656 -1.44 -2.53 28.16
C PHE A 656 -0.55 -2.42 26.93
N HIS A 657 -0.91 -3.12 25.86
CA HIS A 657 -0.14 -3.01 24.63
C HIS A 657 -0.26 -1.61 24.07
N LEU A 658 0.49 -1.31 23.01
CA LEU A 658 0.61 0.08 22.58
C LEU A 658 -0.71 0.64 22.09
N ASN A 659 -1.47 -0.15 21.33
CA ASN A 659 -2.68 0.39 20.72
C ASN A 659 -3.78 0.66 21.75
N GLN A 660 -3.86 -0.17 22.78
CA GLN A 660 -4.97 -0.10 23.72
C GLN A 660 -4.85 1.02 24.74
N ILE A 661 -3.77 1.80 24.74
CA ILE A 661 -3.62 2.77 25.82
C ILE A 661 -4.40 4.04 25.53
N ALA A 662 -4.36 4.52 24.29
CA ALA A 662 -5.08 5.75 23.97
C ALA A 662 -6.57 5.60 24.20
N THR A 663 -7.10 4.40 23.97
CA THR A 663 -8.52 4.17 24.22
C THR A 663 -8.83 4.21 25.70
N TYR A 664 -8.12 3.40 26.49
CA TYR A 664 -8.40 3.36 27.92
C TYR A 664 -8.13 4.71 28.57
N CYS A 665 -7.21 5.49 28.02
CA CYS A 665 -7.10 6.88 28.45
C CYS A 665 -8.41 7.62 28.21
N PHE A 666 -9.04 7.39 27.06
CA PHE A 666 -10.22 8.16 26.70
C PHE A 666 -11.43 7.72 27.52
N ILE A 667 -11.79 6.45 27.45
CA ILE A 667 -13.02 5.97 28.08
C ILE A 667 -13.03 6.31 29.56
N ILE A 668 -11.85 6.48 30.16
CA ILE A 668 -11.78 6.88 31.55
C ILE A 668 -12.16 8.35 31.70
N ASN A 669 -11.58 9.22 30.87
CA ASN A 669 -11.97 10.62 30.89
C ASN A 669 -13.47 10.79 30.73
N CYS A 670 -14.11 9.91 29.96
CA CYS A 670 -15.55 9.98 29.82
C CYS A 670 -16.25 9.53 31.09
N ILE A 671 -15.86 8.36 31.62
CA ILE A 671 -16.56 7.81 32.77
C ILE A 671 -16.38 8.70 33.99
N MET A 672 -15.16 9.21 34.21
CA MET A 672 -14.96 10.15 35.32
C MET A 672 -15.81 11.39 35.14
N TYR A 673 -15.86 11.92 33.92
CA TYR A 673 -16.68 13.10 33.67
C TYR A 673 -18.16 12.81 33.68
N LEU A 674 -18.56 11.56 33.91
CA LEU A 674 -19.96 11.25 34.13
C LEU A 674 -20.26 10.77 35.53
N MET A 675 -19.29 10.13 36.20
CA MET A 675 -19.38 10.03 37.65
C MET A 675 -19.44 11.42 38.27
N TYR A 676 -18.75 12.38 37.66
CA TYR A 676 -18.79 13.75 38.14
C TYR A 676 -20.13 14.40 37.82
N TYR A 677 -20.52 14.39 36.55
CA TYR A 677 -21.79 15.01 36.18
C TYR A 677 -22.97 14.29 36.82
N GLY A 678 -22.83 12.99 37.06
CA GLY A 678 -23.83 12.27 37.82
C GLY A 678 -23.84 12.64 39.29
N CYS A 679 -22.77 13.27 39.78
CA CYS A 679 -22.72 13.71 41.17
C CYS A 679 -23.07 15.19 41.31
N MET A 680 -22.41 16.05 40.53
CA MET A 680 -22.69 17.49 40.60
C MET A 680 -24.15 17.80 40.35
N LYS A 681 -24.88 16.89 39.70
CA LYS A 681 -26.32 17.03 39.62
C LYS A 681 -26.95 16.79 40.99
N VAL A 682 -26.67 15.63 41.59
CA VAL A 682 -27.29 15.32 42.87
C VAL A 682 -26.59 16.05 44.01
N LEU A 683 -25.30 16.36 43.87
CA LEU A 683 -24.63 17.14 44.90
C LEU A 683 -25.28 18.51 45.05
N HIS A 684 -25.72 19.09 43.94
CA HIS A 684 -26.52 20.31 43.97
C HIS A 684 -27.98 20.04 44.32
N SER A 685 -28.29 18.80 44.74
CA SER A 685 -29.61 18.44 45.26
C SER A 685 -30.69 18.51 44.16
N GLU A 686 -30.38 17.91 43.02
CA GLU A 686 -31.38 17.64 41.99
C GLU A 686 -31.65 16.14 41.93
N ARG A 687 -32.87 15.78 41.56
CA ARG A 687 -33.25 14.38 41.50
C ARG A 687 -33.01 13.82 40.10
N ILE A 688 -32.65 12.55 40.06
CA ILE A 688 -32.48 11.82 38.81
C ILE A 688 -33.61 10.80 38.69
N THR A 689 -34.13 10.65 37.48
CA THR A 689 -35.24 9.74 37.27
C THR A 689 -34.77 8.28 37.38
N SER A 690 -35.74 7.40 37.63
CA SER A 690 -35.41 5.99 37.84
C SER A 690 -34.82 5.36 36.59
N LYS A 691 -35.32 5.74 35.41
CA LYS A 691 -34.80 5.17 34.17
C LYS A 691 -33.33 5.56 33.98
N ALA A 692 -32.97 6.79 34.30
CA ALA A 692 -31.57 7.18 34.25
C ALA A 692 -30.76 6.48 35.33
N LYS A 693 -31.36 6.21 36.49
CA LYS A 693 -30.67 5.46 37.53
C LYS A 693 -30.25 4.11 37.02
N LEU A 694 -31.17 3.37 36.40
CA LEU A 694 -30.85 2.03 35.93
C LEU A 694 -30.03 2.06 34.66
N CYS A 695 -30.26 3.05 33.79
CA CYS A 695 -29.49 3.13 32.55
C CYS A 695 -28.01 3.26 32.83
N GLY A 696 -27.62 4.37 33.46
CA GLY A 696 -26.21 4.59 33.75
C GLY A 696 -25.59 3.49 34.57
N ALA A 697 -26.35 2.89 35.48
CA ALA A 697 -25.81 1.80 36.29
C ALA A 697 -25.47 0.59 35.44
N LEU A 698 -26.04 0.47 34.25
CA LEU A 698 -25.67 -0.62 33.36
C LEU A 698 -24.48 -0.23 32.48
N SER A 699 -24.40 1.04 32.09
CA SER A 699 -23.24 1.50 31.32
C SER A 699 -21.95 1.17 32.03
N LEU A 700 -21.89 1.41 33.34
CA LEU A 700 -20.72 1.01 34.11
C LEU A 700 -20.50 -0.49 34.03
N LEU A 701 -21.58 -1.26 33.98
CA LEU A 701 -21.42 -2.70 33.86
C LEU A 701 -20.91 -3.08 32.48
N ALA A 702 -21.33 -2.36 31.44
CA ALA A 702 -20.85 -2.65 30.09
C ALA A 702 -19.40 -2.23 29.94
N TRP A 703 -19.11 -0.94 30.12
CA TRP A 703 -17.74 -0.44 30.00
C TRP A 703 -16.76 -1.20 30.87
N ALA A 704 -17.24 -1.89 31.90
CA ALA A 704 -16.34 -2.72 32.69
C ALA A 704 -16.07 -4.05 32.00
N VAL A 705 -17.12 -4.73 31.55
CA VAL A 705 -16.91 -5.98 30.82
C VAL A 705 -16.42 -5.69 29.41
N ALA A 706 -17.00 -4.69 28.75
CA ALA A 706 -16.52 -4.33 27.41
C ALA A 706 -15.10 -3.82 27.41
N GLY A 707 -14.47 -3.74 28.56
CA GLY A 707 -13.03 -3.50 28.59
C GLY A 707 -12.31 -4.82 28.71
N PHE A 708 -12.82 -5.67 29.61
CA PHE A 708 -12.17 -6.94 29.89
C PHE A 708 -11.97 -7.76 28.63
N PHE A 709 -12.89 -7.67 27.68
CA PHE A 709 -12.67 -8.37 26.42
C PHE A 709 -11.67 -7.62 25.56
N PHE A 710 -11.80 -6.31 25.44
CA PHE A 710 -10.79 -5.52 24.76
C PHE A 710 -9.43 -5.68 25.40
N PHE A 711 -9.38 -6.01 26.69
CA PHE A 711 -8.16 -6.20 27.46
C PHE A 711 -7.37 -7.42 27.04
N GLN A 712 -7.84 -8.17 26.05
CA GLN A 712 -7.15 -9.37 25.59
C GLN A 712 -6.84 -9.33 24.10
N ASP A 713 -6.79 -8.14 23.49
CA ASP A 713 -6.47 -8.06 22.08
C ASP A 713 -5.11 -8.68 21.79
N ASP A 714 -4.06 -8.18 22.44
CA ASP A 714 -2.72 -8.76 22.37
C ASP A 714 -2.20 -8.79 20.93
N THR A 715 -2.51 -7.75 20.17
CA THR A 715 -2.02 -7.61 18.80
C THR A 715 -1.03 -6.46 18.80
N ASP A 716 0.22 -6.77 19.08
CA ASP A 716 1.31 -5.81 19.08
C ASP A 716 2.12 -6.00 17.81
N TRP A 717 2.04 -5.04 16.92
CA TRP A 717 2.75 -5.15 15.66
C TRP A 717 4.22 -4.97 15.81
N THR A 718 4.73 -4.89 17.03
CA THR A 718 6.16 -4.78 17.24
C THR A 718 6.86 -6.10 16.96
N ARG A 719 6.33 -7.19 17.51
CA ARG A 719 7.01 -8.48 17.44
C ARG A 719 7.07 -8.98 16.00
N SER A 720 7.79 -10.08 15.83
CA SER A 720 8.05 -10.62 14.51
C SER A 720 6.76 -11.14 13.88
N ALA A 721 6.83 -11.37 12.57
CA ALA A 721 5.67 -11.90 11.87
C ALA A 721 5.26 -13.25 12.43
N ALA A 722 6.24 -14.11 12.72
CA ALA A 722 5.93 -15.47 13.17
C ALA A 722 5.14 -15.46 14.46
N ALA A 723 5.72 -14.90 15.53
CA ALA A 723 5.05 -14.90 16.82
C ALA A 723 3.68 -14.25 16.73
N SER A 724 3.52 -13.25 15.86
CA SER A 724 2.21 -12.65 15.65
C SER A 724 1.22 -13.65 15.11
N ARG A 725 1.68 -14.79 14.60
CA ARG A 725 0.77 -15.86 14.23
C ARG A 725 0.55 -16.84 15.36
N ALA A 726 1.50 -16.93 16.29
CA ALA A 726 1.40 -17.90 17.37
C ALA A 726 0.23 -17.62 18.30
N LEU A 727 -0.31 -16.40 18.29
CA LEU A 727 -1.45 -16.11 19.13
C LEU A 727 -2.65 -16.93 18.68
N ASN A 728 -3.33 -17.55 19.65
CA ASN A 728 -4.49 -18.38 19.35
C ASN A 728 -5.37 -18.42 20.59
N LYS A 729 -6.43 -17.64 20.59
CA LYS A 729 -7.36 -17.63 21.70
C LYS A 729 -8.64 -18.33 21.27
N PRO A 730 -8.98 -19.47 21.86
CA PRO A 730 -10.13 -20.25 21.37
C PRO A 730 -11.44 -19.49 21.54
N CYS A 731 -12.42 -19.87 20.73
CA CYS A 731 -13.71 -19.21 20.74
C CYS A 731 -14.37 -19.35 22.10
N LEU A 732 -15.02 -18.28 22.56
CA LEU A 732 -15.65 -18.31 23.88
C LEU A 732 -16.99 -19.03 23.82
N LEU A 733 -17.92 -18.52 23.01
CA LEU A 733 -19.27 -19.03 22.96
C LEU A 733 -19.60 -19.50 21.55
N LEU A 734 -20.31 -20.62 21.47
CA LEU A 734 -20.86 -21.13 20.21
C LEU A 734 -19.81 -21.33 19.14
N GLY A 735 -18.53 -21.35 19.51
CA GLY A 735 -17.47 -21.53 18.54
C GLY A 735 -17.44 -20.49 17.44
N PHE A 736 -18.21 -19.41 17.62
CA PHE A 736 -18.25 -18.32 16.67
C PHE A 736 -17.95 -16.98 17.32
N PHE A 737 -17.89 -16.92 18.65
CA PHE A 737 -17.57 -15.70 19.36
C PHE A 737 -16.18 -15.83 19.99
N GLY A 738 -15.27 -14.94 19.60
CA GLY A 738 -13.96 -14.86 20.20
C GLY A 738 -13.87 -13.71 21.19
N SER A 739 -12.69 -13.61 21.81
CA SER A 739 -12.47 -12.54 22.77
C SER A 739 -12.58 -11.19 22.07
N HIS A 740 -11.68 -10.90 21.14
CA HIS A 740 -11.77 -9.62 20.46
C HIS A 740 -13.06 -9.46 19.70
N ASP A 741 -13.77 -10.56 19.42
CA ASP A 741 -15.09 -10.42 18.82
C ASP A 741 -16.00 -9.63 19.74
N LEU A 742 -16.08 -10.02 21.01
CA LEU A 742 -17.11 -9.45 21.86
C LEU A 742 -16.87 -7.98 22.14
N TRP A 743 -15.61 -7.54 22.18
CA TRP A 743 -15.36 -6.11 22.29
C TRP A 743 -16.06 -5.34 21.18
N HIS A 744 -16.40 -5.99 20.07
CA HIS A 744 -17.21 -5.33 19.06
C HIS A 744 -18.69 -5.33 19.40
N ILE A 745 -19.16 -6.26 20.23
CA ILE A 745 -20.54 -6.17 20.67
C ILE A 745 -20.63 -5.28 21.89
N PHE A 746 -19.98 -5.70 22.98
CA PHE A 746 -20.12 -4.96 24.22
C PHE A 746 -19.61 -3.53 24.08
N GLY A 747 -18.77 -3.27 23.10
CA GLY A 747 -18.49 -1.89 22.81
C GLY A 747 -19.68 -1.12 22.28
N ALA A 748 -20.76 -1.80 21.93
CA ALA A 748 -21.98 -1.13 21.49
C ALA A 748 -22.98 -0.93 22.61
N LEU A 749 -23.09 -1.89 23.52
CA LEU A 749 -23.91 -1.66 24.70
C LEU A 749 -23.42 -0.44 25.45
N ALA A 750 -22.15 -0.47 25.89
CA ALA A 750 -21.59 0.69 26.56
C ALA A 750 -21.67 1.93 25.70
N GLY A 751 -21.66 1.77 24.38
CA GLY A 751 -21.86 2.92 23.52
C GLY A 751 -23.27 3.42 23.50
N LEU A 752 -24.21 2.61 23.98
CA LEU A 752 -25.62 2.96 23.98
C LEU A 752 -26.10 3.37 25.36
N PHE A 753 -25.79 2.59 26.39
CA PHE A 753 -26.17 2.96 27.74
C PHE A 753 -25.51 4.25 28.18
N THR A 754 -24.29 4.51 27.72
CA THR A 754 -23.66 5.79 27.97
C THR A 754 -24.05 6.83 26.93
N PHE A 755 -25.17 6.63 26.25
CA PHE A 755 -25.82 7.67 25.49
C PHE A 755 -27.22 7.97 26.02
N ILE A 756 -28.05 6.94 26.18
CA ILE A 756 -29.36 7.13 26.80
C ILE A 756 -29.21 7.82 28.14
N PHE A 757 -28.15 7.50 28.88
CA PHE A 757 -27.86 8.18 30.13
C PHE A 757 -27.87 9.69 29.95
N VAL A 758 -26.98 10.20 29.10
CA VAL A 758 -26.81 11.65 28.98
C VAL A 758 -27.95 12.33 28.24
N SER A 759 -28.95 11.58 27.78
CA SER A 759 -30.16 12.20 27.24
C SER A 759 -31.37 11.98 28.13
N PHE A 760 -31.25 11.14 29.16
CA PHE A 760 -32.31 10.96 30.14
C PHE A 760 -31.94 11.46 31.52
N VAL A 761 -30.71 11.89 31.75
CA VAL A 761 -30.29 12.21 33.10
C VAL A 761 -30.99 13.46 33.62
N ASP A 762 -31.28 14.41 32.74
CA ASP A 762 -31.82 15.70 33.16
C ASP A 762 -33.26 15.91 32.72
N ASP A 763 -33.98 14.83 32.39
CA ASP A 763 -35.37 14.99 31.98
C ASP A 763 -36.23 15.59 33.08
N ASP A 764 -35.85 15.44 34.35
CA ASP A 764 -36.60 16.06 35.41
C ASP A 764 -36.56 17.57 35.31
N LEU A 765 -35.46 18.13 34.80
CA LEU A 765 -35.35 19.57 34.62
C LEU A 765 -36.15 20.09 33.44
N ILE A 766 -36.95 19.25 32.79
CA ILE A 766 -37.67 19.70 31.62
C ILE A 766 -38.70 20.77 32.00
N ASN A 767 -39.16 20.77 33.25
CA ASN A 767 -40.14 21.73 33.73
C ASN A 767 -39.48 22.79 34.59
N THR A 768 -38.26 23.18 34.23
CA THR A 768 -37.54 24.25 34.91
C THR A 768 -36.97 25.17 33.86
N ARG A 769 -37.16 26.48 34.04
CA ARG A 769 -36.74 27.44 33.05
C ARG A 769 -35.23 27.40 32.86
N LYS A 770 -34.78 27.95 31.74
CA LYS A 770 -33.35 28.00 31.43
C LYS A 770 -32.61 29.03 32.25
N THR A 771 -33.27 29.61 33.24
CA THR A 771 -32.65 30.57 34.14
C THR A 771 -32.59 30.10 35.59
N SER A 772 -33.55 29.30 36.02
CA SER A 772 -33.62 28.82 37.39
C SER A 772 -32.78 27.57 37.62
N ILE A 773 -31.81 27.31 36.77
CA ILE A 773 -30.95 26.15 36.87
C ILE A 773 -29.55 26.58 37.29
N ASN A 774 -28.89 25.71 38.06
CA ASN A 774 -27.48 25.91 38.36
C ASN A 774 -26.66 25.77 37.09
N ILE A 775 -25.36 26.04 37.17
CA ILE A 775 -24.50 25.96 35.99
C ILE A 775 -23.16 25.40 36.44
N PHE A 776 -22.69 24.38 35.73
CA PHE A 776 -21.38 23.79 36.00
C PHE A 776 -20.91 22.99 34.81
N SER B 34 21.72 -44.35 -20.20
CA SER B 34 23.16 -44.20 -20.23
C SER B 34 23.56 -42.88 -20.88
N VAL B 35 24.34 -42.09 -20.15
CA VAL B 35 24.79 -40.81 -20.65
C VAL B 35 25.59 -40.99 -21.92
N LEU B 36 25.67 -39.91 -22.70
CA LEU B 36 26.52 -39.87 -23.89
C LEU B 36 27.19 -38.49 -23.96
N VAL B 37 28.34 -38.38 -23.32
CA VAL B 37 29.11 -37.15 -23.40
C VAL B 37 29.39 -36.82 -24.85
N PHE B 38 29.34 -35.54 -25.19
CA PHE B 38 29.64 -35.09 -26.55
C PHE B 38 30.45 -33.81 -26.44
N GLU B 39 31.72 -33.86 -26.83
CA GLU B 39 32.52 -32.66 -26.86
C GLU B 39 31.97 -31.71 -27.92
N ILE B 40 31.88 -30.44 -27.57
CA ILE B 40 31.37 -29.43 -28.47
C ILE B 40 32.57 -28.61 -28.95
N SER B 41 32.41 -27.97 -30.09
CA SER B 41 33.48 -27.16 -30.67
C SER B 41 33.33 -25.72 -30.21
N SER B 42 34.47 -25.09 -29.91
CA SER B 42 34.50 -23.70 -29.54
C SER B 42 34.01 -22.78 -30.65
N LYS B 43 33.80 -23.30 -31.86
CA LYS B 43 33.40 -22.49 -32.99
C LYS B 43 31.99 -22.68 -33.52
N MET B 44 31.32 -23.79 -33.20
CA MET B 44 29.99 -24.06 -33.74
C MET B 44 28.91 -23.68 -32.73
N LYS B 45 27.84 -23.08 -33.25
CA LYS B 45 26.78 -22.50 -32.45
C LYS B 45 25.42 -23.08 -32.78
N MET B 46 25.36 -24.15 -33.57
CA MET B 46 24.11 -24.80 -33.91
C MET B 46 24.32 -26.30 -33.74
N ILE B 47 23.86 -26.85 -32.64
CA ILE B 47 24.11 -28.23 -32.27
C ILE B 47 22.80 -28.98 -32.42
N GLU B 48 22.60 -29.62 -33.56
CA GLU B 48 21.41 -30.42 -33.81
C GLU B 48 21.74 -31.85 -33.49
N LYS B 49 21.07 -32.42 -32.49
CA LYS B 49 21.31 -33.80 -32.11
C LYS B 49 19.99 -34.47 -31.82
N LYS B 50 19.77 -35.61 -32.46
CA LYS B 50 18.56 -36.40 -32.25
C LYS B 50 18.74 -37.17 -30.95
N LEU B 51 18.17 -36.64 -29.87
CA LEU B 51 18.24 -37.33 -28.60
C LEU B 51 17.46 -38.63 -28.66
N GLU B 52 18.04 -39.70 -28.14
CA GLU B 52 17.38 -41.00 -28.11
C GLU B 52 16.42 -41.05 -26.94
N ALA B 53 15.91 -42.25 -26.63
CA ALA B 53 15.03 -42.44 -25.50
C ALA B 53 15.84 -42.79 -24.26
N ASN B 54 15.46 -42.19 -23.13
CA ASN B 54 16.15 -42.40 -21.85
C ASN B 54 17.65 -42.17 -21.98
N THR B 55 18.01 -41.23 -22.83
CA THR B 55 19.40 -40.83 -23.00
C THR B 55 19.56 -39.38 -22.58
N VAL B 56 20.69 -39.07 -21.96
CA VAL B 56 20.92 -37.78 -21.33
C VAL B 56 22.23 -37.22 -21.86
N HIS B 57 22.15 -36.42 -22.92
CA HIS B 57 23.34 -35.80 -23.44
C HIS B 57 23.95 -34.89 -22.38
N VAL B 58 25.27 -34.80 -22.39
CA VAL B 58 26.00 -33.76 -21.66
C VAL B 58 27.05 -33.21 -22.61
N LEU B 59 26.71 -32.13 -23.30
CA LEU B 59 27.69 -31.45 -24.12
C LEU B 59 28.77 -30.85 -23.22
N ARG B 60 29.84 -30.36 -23.82
CA ARG B 60 30.90 -29.79 -23.00
C ARG B 60 31.76 -28.88 -23.85
N LEU B 61 32.13 -27.73 -23.29
CA LEU B 61 32.84 -26.70 -24.02
C LEU B 61 33.97 -26.19 -23.17
N GLU B 62 35.21 -26.38 -23.60
CA GLU B 62 36.36 -25.96 -22.83
C GLU B 62 36.48 -24.44 -22.84
N LEU B 63 36.41 -23.84 -21.66
CA LEU B 63 36.52 -22.39 -21.52
C LEU B 63 37.95 -22.02 -21.16
N ASP B 64 38.49 -21.00 -21.82
CA ASP B 64 39.88 -20.62 -21.65
C ASP B 64 40.03 -19.15 -21.30
N GLN B 65 41.26 -18.65 -21.42
CA GLN B 65 41.56 -17.25 -21.12
C GLN B 65 40.66 -16.31 -21.90
N SER B 66 40.26 -16.68 -23.11
CA SER B 66 39.35 -15.85 -23.87
C SER B 66 37.91 -15.61 -23.43
N PHE B 67 37.41 -16.35 -22.46
CA PHE B 67 36.01 -16.24 -22.06
C PHE B 67 35.80 -15.45 -20.79
N ILE B 68 36.82 -14.75 -20.30
CA ILE B 68 36.64 -13.90 -19.13
C ILE B 68 35.66 -12.79 -19.46
N LEU B 69 34.63 -12.64 -18.63
CA LEU B 69 33.60 -11.64 -18.84
C LEU B 69 33.00 -11.78 -20.24
N ASP B 70 32.64 -13.02 -20.58
CA ASP B 70 31.98 -13.35 -21.83
C ASP B 70 30.61 -13.88 -21.47
N LEU B 71 29.59 -13.05 -21.65
CA LEU B 71 28.23 -13.47 -21.35
C LEU B 71 27.85 -14.65 -22.23
N THR B 72 27.64 -15.82 -21.63
CA THR B 72 27.33 -17.03 -22.37
C THR B 72 25.83 -17.28 -22.29
N LYS B 73 25.14 -17.09 -23.40
CA LYS B 73 23.70 -17.26 -23.48
C LYS B 73 23.41 -18.50 -24.31
N VAL B 74 22.54 -19.36 -23.80
CA VAL B 74 22.20 -20.60 -24.46
C VAL B 74 20.75 -20.51 -24.88
N ALA B 75 20.37 -21.33 -25.86
CA ALA B 75 19.01 -21.31 -26.35
C ALA B 75 18.68 -22.66 -26.94
N ALA B 76 17.61 -23.28 -26.45
CA ALA B 76 17.19 -24.58 -26.91
C ALA B 76 16.00 -24.43 -27.86
N GLU B 77 15.44 -25.56 -28.25
CA GLU B 77 14.27 -25.60 -29.13
C GLU B 77 13.79 -27.05 -29.14
N ILE B 78 12.69 -27.30 -29.82
CA ILE B 78 12.24 -28.67 -30.06
C ILE B 78 11.76 -28.75 -31.51
N VAL B 79 12.44 -29.54 -32.33
CA VAL B 79 12.15 -29.57 -33.75
C VAL B 79 10.83 -30.27 -33.99
N ASP B 80 10.03 -29.73 -34.92
CA ASP B 80 8.68 -30.20 -35.17
C ASP B 80 7.89 -30.23 -33.86
N SER B 81 7.72 -29.03 -33.30
CA SER B 81 7.09 -28.89 -31.99
C SER B 81 5.70 -29.52 -31.94
N SER B 82 4.96 -29.43 -33.05
CA SER B 82 3.56 -29.86 -33.04
C SER B 82 3.42 -31.32 -32.68
N LYS B 83 4.41 -32.15 -33.01
CA LYS B 83 4.30 -33.58 -32.82
C LYS B 83 4.06 -33.98 -31.36
N TYR B 84 4.34 -33.09 -30.40
CA TYR B 84 4.16 -33.39 -28.99
C TYR B 84 3.02 -32.61 -28.37
N SER B 85 2.16 -31.98 -29.18
CA SER B 85 1.14 -31.08 -28.65
C SER B 85 0.15 -31.80 -27.72
N LYS B 86 0.19 -33.12 -27.63
CA LYS B 86 -0.66 -33.83 -26.69
C LYS B 86 -0.03 -33.98 -25.32
N GLU B 87 1.29 -34.14 -25.26
CA GLU B 87 1.98 -34.29 -23.99
C GLU B 87 2.16 -32.94 -23.32
N ASP B 88 1.85 -32.88 -22.03
CA ASP B 88 1.84 -31.64 -21.28
C ASP B 88 3.01 -31.55 -20.31
N GLY B 89 3.33 -30.33 -19.91
CA GLY B 89 4.33 -30.11 -18.88
C GLY B 89 5.73 -29.93 -19.43
N VAL B 90 6.69 -30.58 -18.80
CA VAL B 90 8.08 -30.49 -19.20
C VAL B 90 8.39 -31.62 -20.18
N ILE B 91 9.04 -31.28 -21.29
CA ILE B 91 9.44 -32.25 -22.29
C ILE B 91 10.95 -32.40 -22.32
N LEU B 92 11.65 -31.33 -22.66
CA LEU B 92 13.10 -31.29 -22.68
C LEU B 92 13.57 -30.54 -21.44
N GLU B 93 14.83 -30.75 -21.08
CA GLU B 93 15.43 -30.03 -19.96
C GLU B 93 16.88 -29.76 -20.27
N VAL B 94 17.21 -28.53 -20.53
CA VAL B 94 18.59 -28.10 -20.63
C VAL B 94 18.98 -27.51 -19.29
N THR B 95 20.15 -27.87 -18.78
CA THR B 95 20.67 -27.27 -17.54
C THR B 95 22.09 -26.82 -17.80
N VAL B 96 22.22 -25.60 -18.33
CA VAL B 96 23.55 -25.06 -18.57
C VAL B 96 24.22 -24.78 -17.23
N SER B 97 25.54 -24.80 -17.23
CA SER B 97 26.30 -24.41 -16.05
C SER B 97 27.78 -24.29 -16.44
N ASN B 98 28.45 -23.27 -15.90
CA ASN B 98 29.86 -23.08 -16.17
C ASN B 98 30.60 -22.69 -14.90
N GLY B 99 30.29 -23.36 -13.80
CA GLY B 99 31.03 -23.21 -12.56
C GLY B 99 30.67 -22.05 -11.65
N ARG B 100 30.37 -20.89 -12.21
CA ARG B 100 30.01 -19.73 -11.39
C ARG B 100 28.53 -19.48 -11.36
N ASP B 101 27.75 -20.15 -12.21
CA ASP B 101 26.32 -19.94 -12.28
C ASP B 101 25.72 -21.13 -13.01
N SER B 102 24.40 -21.13 -13.16
CA SER B 102 23.70 -22.23 -13.80
C SER B 102 22.24 -21.84 -13.91
N PHE B 103 21.48 -22.61 -14.68
CA PHE B 103 20.05 -22.39 -14.81
C PHE B 103 19.45 -23.58 -15.52
N LEU B 104 18.13 -23.62 -15.58
CA LEU B 104 17.41 -24.68 -16.26
C LEU B 104 16.48 -24.08 -17.30
N LEU B 105 16.28 -24.82 -18.38
CA LEU B 105 15.32 -24.48 -19.41
C LEU B 105 14.32 -25.63 -19.45
N LYS B 106 13.16 -25.45 -18.86
CA LYS B 106 12.20 -26.54 -18.73
C LYS B 106 11.16 -26.45 -19.85
N LEU B 107 11.64 -26.68 -21.07
CA LEU B 107 10.79 -26.59 -22.24
C LEU B 107 9.58 -27.54 -22.11
N PRO B 108 8.46 -27.21 -22.76
CA PRO B 108 8.18 -25.94 -23.41
C PRO B 108 7.57 -24.95 -22.44
N THR B 109 8.05 -23.72 -22.45
CA THR B 109 7.61 -22.74 -21.48
C THR B 109 6.11 -22.50 -21.58
N VAL B 110 5.52 -22.06 -20.48
CA VAL B 110 4.11 -21.69 -20.43
C VAL B 110 4.02 -20.19 -20.17
N TYR B 111 3.03 -19.56 -20.78
CA TYR B 111 2.84 -18.13 -20.71
C TYR B 111 1.36 -17.85 -20.54
N PRO B 112 1.00 -16.66 -20.04
CA PRO B 112 -0.43 -16.34 -19.87
C PRO B 112 -1.25 -16.52 -21.13
N ASN B 113 -0.59 -16.50 -22.28
CA ASN B 113 -1.27 -16.67 -23.56
C ASN B 113 -0.97 -18.00 -24.24
N LEU B 114 0.27 -18.46 -24.21
CA LEU B 114 0.68 -19.48 -25.16
C LEU B 114 1.84 -20.28 -24.58
N LYS B 115 2.20 -21.34 -25.32
CA LYS B 115 3.28 -22.25 -24.97
C LYS B 115 4.35 -22.16 -26.05
N LEU B 116 5.57 -21.84 -25.64
CA LEU B 116 6.69 -21.69 -26.57
C LEU B 116 7.62 -22.89 -26.46
N TYR B 117 8.15 -23.31 -27.60
CA TYR B 117 9.07 -24.44 -27.67
C TYR B 117 10.51 -24.00 -27.85
N THR B 118 10.89 -22.86 -27.27
CA THR B 118 12.26 -22.38 -27.27
C THR B 118 12.35 -21.18 -26.34
N ASP B 119 13.48 -21.05 -25.65
CA ASP B 119 13.70 -19.87 -24.82
C ASP B 119 15.14 -19.87 -24.35
N GLY B 120 15.71 -18.66 -24.24
CA GLY B 120 17.09 -18.49 -23.86
C GLY B 120 17.22 -17.86 -22.49
N LYS B 121 18.32 -18.16 -21.81
CA LYS B 121 18.69 -17.53 -20.55
C LYS B 121 20.17 -17.22 -20.59
N LEU B 122 20.66 -16.56 -19.55
CA LEU B 122 22.01 -16.03 -19.54
C LEU B 122 22.89 -16.79 -18.55
N LEU B 123 24.10 -16.30 -18.35
CA LEU B 123 25.02 -16.89 -17.39
C LEU B 123 25.92 -15.82 -16.79
N ASN B 124 26.10 -15.88 -15.48
CA ASN B 124 27.13 -15.07 -14.86
C ASN B 124 28.46 -15.49 -15.46
N PRO B 125 29.08 -14.66 -16.29
CA PRO B 125 30.33 -15.08 -16.93
C PRO B 125 31.43 -15.23 -15.91
N LEU B 126 32.47 -15.94 -16.30
CA LEU B 126 33.63 -16.09 -15.45
C LEU B 126 34.32 -14.73 -15.28
N VAL B 127 35.35 -14.71 -14.44
CA VAL B 127 36.12 -13.51 -14.19
C VAL B 127 37.60 -13.87 -14.27
N GLU B 128 38.45 -12.85 -14.22
CA GLU B 128 39.88 -13.11 -14.26
C GLU B 128 40.33 -13.92 -13.06
N GLN B 129 39.66 -13.77 -11.93
CA GLN B 129 40.01 -14.54 -10.76
C GLN B 129 39.65 -16.01 -10.93
N ASP B 130 38.60 -16.32 -11.69
CA ASP B 130 38.00 -17.65 -11.61
C ASP B 130 38.82 -18.74 -12.32
N PHE B 131 39.83 -18.40 -13.09
CA PHE B 131 40.86 -19.40 -13.40
C PHE B 131 42.23 -18.79 -13.25
N GLY B 132 42.44 -18.10 -12.14
CA GLY B 132 43.77 -17.83 -11.63
C GLY B 132 44.53 -16.71 -12.30
N ALA B 133 45.29 -15.98 -11.50
CA ALA B 133 46.17 -14.95 -12.02
C ALA B 133 47.51 -15.56 -12.41
N HIS B 134 48.09 -15.02 -13.48
CA HIS B 134 49.37 -15.49 -13.98
C HIS B 134 50.23 -14.30 -14.35
N ARG B 135 51.50 -14.57 -14.63
CA ARG B 135 52.45 -13.54 -15.03
C ARG B 135 52.67 -13.50 -16.53
N LYS B 136 53.12 -14.61 -17.12
CA LYS B 136 53.53 -14.66 -18.53
C LYS B 136 53.47 -16.10 -19.02
N ARG B 137 54.03 -16.33 -20.21
CA ARG B 137 54.26 -17.63 -20.84
C ARG B 137 52.97 -18.35 -21.25
N HIS B 138 51.80 -17.75 -21.06
CA HIS B 138 50.53 -18.32 -21.50
C HIS B 138 50.30 -19.71 -20.91
N ARG B 139 50.09 -19.71 -19.58
CA ARG B 139 49.97 -20.94 -18.79
C ARG B 139 51.27 -21.74 -18.86
N ILE B 140 52.29 -21.16 -18.23
CA ILE B 140 53.68 -21.59 -18.30
C ILE B 140 53.84 -23.10 -18.30
N GLY B 141 53.13 -23.78 -17.39
CA GLY B 141 53.23 -25.22 -17.32
C GLY B 141 53.20 -25.76 -15.91
N ASP B 142 53.29 -24.88 -14.91
CA ASP B 142 53.13 -25.33 -13.54
C ASP B 142 51.69 -25.77 -13.34
N PRO B 143 50.73 -24.85 -13.41
CA PRO B 143 49.33 -25.25 -13.44
C PRO B 143 48.79 -25.31 -14.86
N HIS B 144 47.76 -26.13 -15.09
CA HIS B 144 47.05 -26.20 -16.37
C HIS B 144 45.57 -26.05 -16.04
N PHE B 145 45.12 -24.81 -15.92
CA PHE B 145 43.78 -24.51 -15.44
C PHE B 145 42.92 -23.95 -16.56
N HIS B 146 41.71 -24.50 -16.67
CA HIS B 146 40.76 -24.04 -17.67
C HIS B 146 39.38 -24.55 -17.26
N GLN B 147 38.41 -23.64 -17.19
CA GLN B 147 37.07 -24.02 -16.77
C GLN B 147 36.37 -24.80 -17.87
N ASN B 148 35.10 -25.12 -17.65
CA ASN B 148 34.37 -25.87 -18.66
C ASN B 148 32.88 -25.58 -18.53
N LEU B 149 32.21 -25.57 -19.66
CA LEU B 149 30.78 -25.25 -19.75
C LEU B 149 30.01 -26.56 -19.98
N ILE B 150 29.23 -26.96 -18.99
CA ILE B 150 28.50 -28.22 -19.03
C ILE B 150 27.06 -27.93 -19.42
N VAL B 151 26.64 -28.41 -20.59
CA VAL B 151 25.27 -28.31 -21.07
C VAL B 151 24.67 -29.70 -20.98
N THR B 152 23.66 -29.87 -20.15
CA THR B 152 22.98 -31.15 -20.01
C THR B 152 21.66 -31.11 -20.76
N VAL B 153 21.17 -32.28 -21.16
CA VAL B 153 19.85 -32.41 -21.77
C VAL B 153 19.13 -33.56 -21.08
N GLN B 154 17.84 -33.66 -21.35
CA GLN B 154 17.01 -34.67 -20.70
C GLN B 154 15.82 -34.97 -21.59
N SER B 155 14.93 -35.84 -21.09
CA SER B 155 13.61 -36.04 -21.66
C SER B 155 12.76 -36.89 -20.73
N ARG B 156 11.52 -36.48 -20.48
CA ARG B 156 10.61 -37.31 -19.72
C ARG B 156 9.85 -38.29 -20.59
N LEU B 157 10.05 -38.24 -21.90
CA LEU B 157 9.32 -39.08 -22.84
C LEU B 157 10.04 -40.39 -23.05
N ASN B 158 9.27 -41.46 -23.22
CA ASN B 158 9.87 -42.73 -23.64
C ASN B 158 10.26 -42.73 -25.10
N ALA B 159 10.01 -41.64 -25.82
CA ALA B 159 10.26 -41.55 -27.25
C ALA B 159 11.47 -40.66 -27.50
N ASP B 160 11.73 -40.37 -28.77
CA ASP B 160 12.90 -39.62 -29.19
C ASP B 160 12.53 -38.20 -29.59
N ILE B 161 13.42 -37.27 -29.24
CA ILE B 161 13.21 -35.85 -29.44
C ILE B 161 14.41 -35.29 -30.19
N ASP B 162 14.18 -34.23 -30.93
CA ASP B 162 15.25 -33.54 -31.66
C ASP B 162 15.28 -32.10 -31.19
N TYR B 163 16.39 -31.70 -30.57
CA TYR B 163 16.57 -30.33 -30.10
C TYR B 163 17.60 -29.61 -30.96
N ARG B 164 17.76 -28.33 -30.69
CA ARG B 164 18.77 -27.52 -31.37
C ARG B 164 19.32 -26.53 -30.35
N LEU B 165 20.38 -26.93 -29.66
CA LEU B 165 21.08 -25.99 -28.79
C LEU B 165 21.75 -24.92 -29.64
N HIS B 166 21.86 -23.73 -29.10
CA HIS B 166 22.22 -22.58 -29.90
C HIS B 166 23.21 -21.68 -29.18
N VAL B 167 24.21 -22.27 -28.53
CA VAL B 167 25.09 -21.51 -27.65
C VAL B 167 25.78 -20.38 -28.41
N THR B 168 25.70 -19.16 -27.87
CA THR B 168 26.41 -18.03 -28.44
C THR B 168 27.16 -17.30 -27.33
N HIS B 169 27.70 -16.11 -27.62
CA HIS B 169 28.46 -15.40 -26.60
C HIS B 169 28.42 -13.90 -26.84
N LEU B 170 28.31 -13.14 -25.76
CA LEU B 170 28.63 -11.72 -25.74
C LEU B 170 30.01 -11.55 -25.14
N ASP B 171 30.94 -11.00 -25.91
CA ASP B 171 32.31 -10.93 -25.43
C ASP B 171 32.44 -9.79 -24.41
N ARG B 172 33.66 -9.52 -23.96
CA ARG B 172 33.88 -8.48 -22.96
C ARG B 172 33.58 -7.10 -23.50
N ALA B 173 33.44 -6.95 -24.81
CA ALA B 173 33.22 -5.63 -25.36
C ALA B 173 31.82 -5.10 -25.07
N GLN B 174 30.89 -5.98 -24.68
CA GLN B 174 29.52 -5.56 -24.40
C GLN B 174 29.12 -5.83 -22.96
N TYR B 175 29.37 -7.02 -22.46
CA TYR B 175 29.25 -7.23 -21.03
C TYR B 175 30.41 -6.54 -20.33
N ASP B 176 30.15 -6.03 -19.13
CA ASP B 176 31.09 -5.15 -18.44
C ASP B 176 31.57 -4.04 -19.35
N PHE B 177 30.62 -3.43 -20.06
CA PHE B 177 30.91 -2.28 -20.89
C PHE B 177 30.80 -0.98 -20.11
N LEU B 178 30.33 -1.03 -18.87
CA LEU B 178 30.08 0.17 -18.10
C LEU B 178 31.32 0.71 -17.42
N LYS B 179 32.51 0.34 -17.88
CA LYS B 179 33.71 0.99 -17.38
C LYS B 179 33.85 2.36 -18.05
N PHE B 180 34.08 3.38 -17.24
CA PHE B 180 34.16 4.75 -17.73
C PHE B 180 35.60 5.23 -17.71
N LYS B 181 35.99 5.96 -18.75
CA LYS B 181 37.29 6.58 -18.79
C LYS B 181 37.29 7.82 -17.89
N THR B 182 38.44 8.47 -17.79
CA THR B 182 38.53 9.70 -17.03
C THR B 182 37.85 10.83 -17.78
N GLY B 183 37.10 11.65 -17.05
CA GLY B 183 36.41 12.76 -17.67
C GLY B 183 35.28 12.37 -18.60
N GLN B 184 34.65 11.23 -18.35
CA GLN B 184 33.53 10.75 -19.15
C GLN B 184 32.34 10.49 -18.24
N THR B 185 31.14 10.77 -18.76
CA THR B 185 29.94 10.68 -17.94
C THR B 185 28.87 9.78 -18.55
N THR B 186 28.77 9.75 -19.88
CA THR B 186 27.73 8.97 -20.54
C THR B 186 28.32 8.21 -21.72
N LYS B 187 28.33 6.89 -21.61
CA LYS B 187 28.64 6.03 -22.75
C LYS B 187 27.35 5.55 -23.38
N THR B 188 27.40 5.24 -24.66
CA THR B 188 26.18 5.05 -25.43
C THR B 188 26.37 4.00 -26.51
N LEU B 189 25.46 3.03 -26.55
CA LEU B 189 25.43 2.04 -27.61
C LEU B 189 24.57 2.58 -28.75
N SER B 190 24.25 1.73 -29.72
CA SER B 190 23.42 2.15 -30.85
C SER B 190 22.83 0.92 -31.52
N ASN B 191 21.51 0.81 -31.47
CA ASN B 191 20.78 -0.23 -32.18
C ASN B 191 21.29 -1.62 -31.83
N GLN B 192 21.45 -1.87 -30.54
CA GLN B 192 21.79 -3.21 -30.08
C GLN B 192 20.64 -4.14 -30.41
N LYS B 193 20.84 -5.00 -31.38
CA LYS B 193 19.80 -5.91 -31.81
C LYS B 193 19.40 -6.82 -30.63
N LEU B 194 18.30 -7.53 -30.79
CA LEU B 194 17.76 -8.33 -29.69
C LEU B 194 16.76 -9.32 -30.28
N THR B 195 16.33 -10.27 -29.45
CA THR B 195 15.40 -11.31 -29.87
C THR B 195 14.99 -12.14 -28.67
N PHE B 196 13.77 -12.67 -28.68
CA PHE B 196 13.26 -13.44 -27.56
C PHE B 196 14.26 -14.47 -27.04
N VAL B 197 15.06 -15.05 -27.93
CA VAL B 197 16.03 -16.06 -27.56
C VAL B 197 17.44 -15.50 -27.46
N LYS B 198 17.60 -14.18 -27.47
CA LYS B 198 18.92 -13.55 -27.42
C LYS B 198 18.83 -12.23 -26.67
N PRO B 199 18.74 -12.28 -25.35
CA PRO B 199 18.75 -11.04 -24.57
C PRO B 199 20.13 -10.41 -24.46
N ILE B 200 20.27 -9.33 -23.70
CA ILE B 200 21.55 -8.67 -23.45
C ILE B 200 21.64 -8.33 -21.98
N GLY B 201 22.84 -8.47 -21.41
CA GLY B 201 23.11 -8.09 -20.04
C GLY B 201 24.19 -7.02 -19.95
N PHE B 202 24.50 -6.63 -18.72
CA PHE B 202 25.58 -5.69 -18.46
C PHE B 202 26.04 -5.90 -17.04
N PHE B 203 27.13 -5.23 -16.67
CA PHE B 203 27.74 -5.45 -15.35
C PHE B 203 28.25 -4.12 -14.81
N LEU B 204 27.42 -3.46 -14.03
CA LEU B 204 27.77 -2.19 -13.41
C LEU B 204 28.37 -2.47 -12.05
N ASN B 205 29.68 -2.29 -11.91
CA ASN B 205 30.37 -2.32 -10.64
C ASN B 205 30.79 -0.90 -10.32
N CYS B 206 30.36 -0.40 -9.17
CA CYS B 206 30.61 1.00 -8.82
C CYS B 206 31.84 1.18 -7.94
N SER B 207 31.94 0.39 -6.88
CA SER B 207 33.10 0.49 -5.99
C SER B 207 34.39 0.36 -6.77
N GLU B 208 34.47 -0.63 -7.64
CA GLU B 208 35.61 -0.71 -8.54
C GLU B 208 35.54 0.32 -9.68
N GLN B 209 34.64 1.31 -9.65
CA GLN B 209 34.56 2.31 -10.71
C GLN B 209 34.37 3.73 -10.19
N ASN B 210 34.28 3.94 -8.87
CA ASN B 210 34.13 5.28 -8.29
C ASN B 210 32.90 5.99 -8.84
N ILE B 211 31.74 5.41 -8.54
CA ILE B 211 30.46 5.88 -9.05
C ILE B 211 29.58 6.30 -7.89
N SER B 212 28.96 7.48 -8.01
CA SER B 212 28.00 7.96 -7.03
C SER B 212 26.56 7.64 -7.42
N GLN B 213 26.12 8.16 -8.56
CA GLN B 213 24.75 7.99 -9.01
C GLN B 213 24.73 7.58 -10.46
N PHE B 214 23.74 6.77 -10.82
CA PHE B 214 23.68 6.14 -12.13
C PHE B 214 22.26 6.24 -12.66
N HIS B 215 22.15 6.54 -13.95
CA HIS B 215 20.83 6.74 -14.55
C HIS B 215 20.86 6.18 -15.96
N VAL B 216 20.23 5.03 -16.13
CA VAL B 216 20.19 4.34 -17.41
C VAL B 216 19.02 4.87 -18.23
N THR B 217 19.04 4.63 -19.53
CA THR B 217 17.94 5.01 -20.39
C THR B 217 17.95 4.12 -21.62
N LEU B 218 16.78 3.64 -22.01
CA LEU B 218 16.66 2.61 -23.03
C LEU B 218 15.72 3.08 -24.11
N TYR B 219 16.23 3.80 -25.10
CA TYR B 219 15.38 4.15 -26.22
C TYR B 219 14.99 2.90 -26.99
N SER B 220 14.12 3.11 -27.98
CA SER B 220 13.64 2.06 -28.87
C SER B 220 12.71 2.73 -29.86
N GLU B 221 12.35 2.00 -30.91
CA GLU B 221 11.45 2.54 -31.92
C GLU B 221 10.21 1.69 -32.15
N ASP B 222 10.33 0.38 -32.05
CA ASP B 222 9.30 -0.53 -32.48
C ASP B 222 8.53 -1.10 -31.30
N ASP B 223 7.21 -1.03 -31.36
CA ASP B 223 6.33 -1.39 -30.26
C ASP B 223 6.30 -2.90 -30.09
N ILE B 224 7.36 -3.43 -29.50
CA ILE B 224 7.46 -4.85 -29.19
C ILE B 224 7.81 -4.96 -27.72
N CYS B 225 6.93 -5.57 -26.94
CA CYS B 225 7.08 -5.55 -25.49
C CYS B 225 8.39 -6.21 -25.08
N ALA B 226 8.86 -5.84 -23.90
CA ALA B 226 10.14 -6.33 -23.42
C ALA B 226 10.16 -6.22 -21.91
N ASN B 227 11.31 -6.48 -21.30
CA ASN B 227 11.41 -6.47 -19.85
C ASN B 227 12.81 -6.04 -19.48
N LEU B 228 12.96 -4.92 -18.82
CA LEU B 228 14.24 -4.57 -18.21
C LEU B 228 14.28 -5.15 -16.81
N ILE B 229 15.46 -5.63 -16.42
CA ILE B 229 15.63 -6.31 -15.15
C ILE B 229 17.01 -5.97 -14.61
N THR B 230 17.09 -5.49 -13.38
CA THR B 230 18.37 -5.27 -12.72
C THR B 230 18.40 -6.03 -11.42
N VAL B 231 19.59 -6.50 -11.07
CA VAL B 231 19.80 -7.29 -9.86
C VAL B 231 21.18 -6.97 -9.31
N PRO B 232 21.34 -6.82 -8.00
CA PRO B 232 22.68 -6.70 -7.43
C PRO B 232 23.53 -7.91 -7.77
N ALA B 233 24.85 -7.72 -7.75
CA ALA B 233 25.74 -8.72 -8.32
C ALA B 233 25.71 -10.03 -7.55
N ASN B 234 25.65 -9.96 -6.22
CA ASN B 234 25.67 -11.18 -5.43
C ASN B 234 24.64 -12.10 -6.06
N GLU B 235 23.46 -11.57 -6.34
CA GLU B 235 22.09 -12.09 -6.39
C GLU B 235 21.81 -12.57 -7.80
N SER B 236 20.85 -13.49 -7.92
CA SER B 236 20.57 -14.16 -9.18
C SER B 236 19.14 -13.92 -9.60
N ILE B 237 18.90 -13.99 -10.91
CA ILE B 237 17.59 -13.67 -11.43
C ILE B 237 16.66 -14.88 -11.34
N TYR B 238 17.03 -15.97 -12.02
CA TYR B 238 16.10 -17.07 -12.20
C TYR B 238 15.74 -17.78 -10.91
N ASP B 239 16.56 -17.67 -9.88
CA ASP B 239 16.31 -18.38 -8.63
C ASP B 239 15.33 -17.61 -7.76
N ARG B 240 14.27 -18.27 -7.33
CA ARG B 240 13.28 -17.63 -6.46
C ARG B 240 13.84 -17.48 -5.05
N SER B 241 13.28 -16.51 -4.31
CA SER B 241 13.79 -16.15 -3.00
C SER B 241 12.95 -16.81 -1.90
N VAL B 242 13.28 -16.48 -0.65
CA VAL B 242 12.49 -16.90 0.50
C VAL B 242 11.59 -15.74 0.91
N ILE B 243 10.28 -15.92 0.72
CA ILE B 243 9.28 -14.85 0.83
C ILE B 243 9.66 -13.68 -0.08
N SER B 244 9.66 -13.97 -1.39
CA SER B 244 10.30 -13.10 -2.35
C SER B 244 9.58 -11.75 -2.44
N ASP B 245 8.28 -11.77 -2.78
CA ASP B 245 7.56 -10.54 -3.11
C ASP B 245 7.82 -9.41 -2.11
N LYS B 246 8.16 -9.75 -0.87
CA LYS B 246 8.60 -8.75 0.11
C LYS B 246 10.11 -8.64 0.20
N THR B 247 10.84 -9.75 0.02
CA THR B 247 12.30 -9.74 0.05
C THR B 247 12.78 -9.81 -1.40
N HIS B 248 12.86 -8.65 -2.04
CA HIS B 248 12.99 -8.61 -3.49
C HIS B 248 13.68 -7.30 -3.85
N ASN B 249 14.96 -7.37 -4.21
CA ASN B 249 15.70 -6.20 -4.63
C ASN B 249 15.88 -6.15 -6.14
N ARG B 250 15.05 -6.86 -6.88
CA ARG B 250 15.16 -6.99 -8.32
C ARG B 250 14.01 -6.24 -8.97
N ARG B 251 14.28 -5.10 -9.56
CA ARG B 251 13.26 -4.41 -10.32
C ARG B 251 13.02 -5.12 -11.63
N VAL B 252 11.80 -5.03 -12.13
CA VAL B 252 11.46 -5.58 -13.43
C VAL B 252 10.53 -4.59 -14.12
N LEU B 253 11.01 -3.97 -15.19
CA LEU B 253 10.31 -2.87 -15.83
C LEU B 253 9.89 -3.30 -17.22
N SER B 254 8.59 -3.34 -17.47
CA SER B 254 8.17 -3.44 -18.85
C SER B 254 8.49 -2.15 -19.57
N PHE B 255 8.50 -2.20 -20.88
CA PHE B 255 8.71 -1.01 -21.70
C PHE B 255 8.55 -1.36 -23.16
N THR B 256 8.17 -0.39 -23.99
CA THR B 256 8.26 -0.58 -25.42
C THR B 256 9.19 0.44 -26.06
N LYS B 257 8.96 1.73 -25.84
CA LYS B 257 9.74 2.75 -26.49
C LYS B 257 10.65 3.51 -25.55
N ARG B 258 10.60 3.20 -24.26
CA ARG B 258 11.50 3.83 -23.30
C ARG B 258 11.37 3.20 -21.93
N ALA B 259 12.46 3.11 -21.21
CA ALA B 259 12.43 2.75 -19.80
C ALA B 259 13.65 3.37 -19.16
N ASP B 260 13.54 3.64 -17.87
CA ASP B 260 14.62 4.34 -17.22
C ASP B 260 14.87 3.73 -15.86
N ILE B 261 16.11 3.85 -15.40
CA ILE B 261 16.51 3.35 -14.11
C ILE B 261 17.15 4.52 -13.36
N PHE B 262 17.34 4.33 -12.06
CA PHE B 262 18.07 5.32 -11.29
C PHE B 262 18.62 4.60 -10.07
N PHE B 263 19.94 4.46 -10.01
CA PHE B 263 20.60 3.85 -8.86
C PHE B 263 20.97 4.98 -7.91
N THR B 264 20.17 5.17 -6.86
CA THR B 264 20.41 6.25 -5.92
C THR B 264 21.76 6.05 -5.22
N GLU B 265 22.16 7.08 -4.46
CA GLU B 265 23.38 6.99 -3.69
C GLU B 265 23.30 5.87 -2.67
N THR B 266 22.17 5.76 -1.99
CA THR B 266 22.08 4.75 -0.93
C THR B 266 22.03 3.35 -1.51
N GLU B 267 21.37 3.14 -2.65
CA GLU B 267 21.39 1.81 -3.27
C GLU B 267 22.79 1.43 -3.68
N ILE B 268 23.54 2.38 -4.27
CA ILE B 268 24.93 2.15 -4.60
C ILE B 268 25.71 1.73 -3.37
N SER B 269 25.68 2.57 -2.31
CA SER B 269 26.43 2.23 -1.12
C SER B 269 25.89 0.98 -0.42
N MET B 270 24.72 0.49 -0.81
CA MET B 270 24.21 -0.73 -0.21
C MET B 270 24.68 -1.98 -0.94
N PHE B 271 24.70 -1.95 -2.28
CA PHE B 271 24.98 -3.17 -3.03
C PHE B 271 26.28 -3.13 -3.82
N LYS B 272 26.75 -1.94 -4.19
CA LYS B 272 28.08 -1.71 -4.74
C LYS B 272 28.30 -2.26 -6.14
N SER B 273 27.38 -3.07 -6.66
CA SER B 273 27.59 -3.65 -7.98
C SER B 273 26.35 -4.27 -8.57
N PHE B 274 25.92 -3.77 -9.73
CA PHE B 274 24.61 -4.11 -10.26
C PHE B 274 24.72 -4.72 -11.66
N ARG B 275 23.89 -5.72 -11.91
CA ARG B 275 23.81 -6.36 -13.21
C ARG B 275 22.54 -5.91 -13.90
N ILE B 276 22.69 -5.18 -14.99
CA ILE B 276 21.57 -4.84 -15.84
C ILE B 276 21.29 -5.99 -16.80
N PHE B 277 20.02 -6.17 -17.16
CA PHE B 277 19.65 -7.15 -18.16
C PHE B 277 18.55 -6.54 -19.00
N VAL B 278 18.38 -7.04 -20.21
CA VAL B 278 17.20 -6.70 -21.00
C VAL B 278 16.65 -7.97 -21.61
N PHE B 279 15.69 -8.58 -20.94
CA PHE B 279 15.05 -9.74 -21.54
C PHE B 279 14.04 -9.24 -22.57
N ILE B 280 13.20 -10.11 -23.07
CA ILE B 280 12.17 -9.71 -24.02
C ILE B 280 11.15 -10.82 -24.12
N ALA B 281 9.88 -10.47 -24.31
CA ALA B 281 8.78 -11.41 -24.25
C ALA B 281 8.18 -11.62 -25.63
N PRO B 282 7.47 -12.72 -25.84
CA PRO B 282 6.87 -12.97 -27.16
C PRO B 282 5.76 -12.01 -27.53
N ASP B 283 4.76 -11.91 -26.67
CA ASP B 283 3.52 -11.21 -26.96
C ASP B 283 3.55 -9.81 -26.39
N ASP B 284 2.39 -9.17 -26.40
CA ASP B 284 2.22 -7.85 -25.81
C ASP B 284 1.13 -7.85 -24.75
N SER B 285 1.01 -8.94 -24.00
CA SER B 285 -0.06 -9.06 -23.00
C SER B 285 0.06 -7.99 -21.93
N GLY B 286 1.15 -8.03 -21.17
CA GLY B 286 1.39 -7.03 -20.14
C GLY B 286 1.68 -5.65 -20.68
N CYS B 287 1.77 -5.50 -22.00
CA CYS B 287 2.04 -4.22 -22.64
C CYS B 287 0.82 -3.63 -23.32
N SER B 288 0.16 -4.37 -24.20
CA SER B 288 -0.91 -3.81 -25.01
C SER B 288 -1.95 -4.90 -25.31
N THR B 289 -2.77 -4.66 -26.32
CA THR B 289 -3.77 -5.63 -26.75
C THR B 289 -3.49 -6.18 -28.14
N ASN B 290 -3.34 -5.31 -29.14
CA ASN B 290 -3.03 -5.76 -30.49
C ASN B 290 -1.60 -6.28 -30.51
N THR B 291 -1.44 -7.56 -30.79
CA THR B 291 -0.18 -8.26 -30.56
C THR B 291 0.66 -8.35 -31.83
N SER B 292 1.97 -8.35 -31.66
CA SER B 292 2.89 -8.52 -32.77
C SER B 292 2.67 -9.86 -33.46
N ARG B 293 2.97 -9.90 -34.75
CA ARG B 293 2.62 -11.05 -35.57
C ARG B 293 3.62 -12.18 -35.40
N LYS B 294 4.91 -11.87 -35.47
CA LYS B 294 5.96 -12.87 -35.46
C LYS B 294 6.16 -13.34 -34.02
N SER B 295 5.55 -14.46 -33.68
CA SER B 295 5.58 -14.92 -32.29
C SER B 295 7.00 -15.32 -31.92
N PHE B 296 7.49 -14.75 -30.81
CA PHE B 296 8.84 -14.92 -30.29
C PHE B 296 9.89 -14.94 -31.39
N ASN B 297 9.73 -14.11 -32.40
CA ASN B 297 10.71 -14.10 -33.46
C ASN B 297 11.11 -12.72 -33.92
N GLU B 298 10.44 -11.66 -33.48
CA GLU B 298 10.70 -10.34 -34.02
C GLU B 298 11.84 -9.68 -33.26
N LYS B 299 12.90 -9.35 -33.98
CA LYS B 299 13.96 -8.56 -33.39
C LYS B 299 13.45 -7.16 -33.10
N LYS B 300 14.00 -6.52 -32.08
CA LYS B 300 13.67 -5.15 -31.75
C LYS B 300 14.95 -4.37 -31.48
N LYS B 301 15.06 -3.20 -32.08
CA LYS B 301 16.21 -2.37 -31.80
C LYS B 301 16.17 -1.91 -30.35
N ILE B 302 17.32 -1.46 -29.86
CA ILE B 302 17.50 -0.92 -28.52
C ILE B 302 18.79 -0.10 -28.52
N SER B 303 18.78 1.02 -27.83
CA SER B 303 20.00 1.75 -27.54
C SER B 303 20.15 1.77 -26.03
N PHE B 304 21.15 2.50 -25.55
CA PHE B 304 21.30 2.68 -24.12
C PHE B 304 21.90 4.05 -23.86
N GLU B 305 21.85 4.47 -22.61
CA GLU B 305 22.58 5.64 -22.15
C GLU B 305 22.97 5.37 -20.70
N PHE B 306 24.25 5.18 -20.47
CA PHE B 306 24.74 4.94 -19.11
C PHE B 306 25.33 6.25 -18.61
N LYS B 307 24.51 7.05 -17.94
CA LYS B 307 25.00 8.27 -17.35
C LYS B 307 25.65 7.99 -16.00
N LYS B 308 26.60 8.84 -15.64
CA LYS B 308 27.29 8.76 -14.35
C LYS B 308 27.16 10.14 -13.71
N LEU B 309 26.04 10.36 -13.03
CA LEU B 309 25.76 11.67 -12.49
C LEU B 309 26.61 11.94 -11.27
N GLU B 310 26.57 13.20 -10.81
CA GLU B 310 27.15 13.60 -9.55
C GLU B 310 26.13 14.42 -8.78
N ASN B 311 26.17 14.29 -7.46
CA ASN B 311 25.21 14.98 -6.62
C ASN B 311 25.30 16.48 -6.83
N GLN B 312 24.14 17.11 -6.93
CA GLN B 312 24.08 18.56 -7.12
C GLN B 312 22.80 19.08 -6.51
N SER B 313 22.90 20.19 -5.81
CA SER B 313 21.74 20.88 -5.25
C SER B 313 21.41 22.05 -6.16
N TYR B 314 20.19 22.05 -6.71
CA TYR B 314 19.81 23.09 -7.64
C TYR B 314 19.58 24.40 -6.90
N ALA B 315 20.64 25.19 -6.74
CA ALA B 315 20.50 26.51 -6.14
C ALA B 315 20.30 27.59 -7.19
N VAL B 316 20.81 27.39 -8.41
CA VAL B 316 20.57 28.34 -9.49
C VAL B 316 19.18 28.15 -10.08
N PRO B 317 18.74 26.93 -10.40
CA PRO B 317 17.38 26.79 -10.93
C PRO B 317 16.32 27.24 -9.95
N THR B 318 16.46 26.86 -8.68
CA THR B 318 15.51 27.31 -7.67
C THR B 318 15.54 28.83 -7.53
N ALA B 319 16.68 29.46 -7.84
CA ALA B 319 16.80 30.90 -7.65
C ALA B 319 15.80 31.64 -8.51
N LEU B 320 15.84 31.42 -9.83
CA LEU B 320 14.91 32.10 -10.72
C LEU B 320 13.47 31.85 -10.30
N MET B 321 13.17 30.70 -9.71
CA MET B 321 11.81 30.42 -9.26
C MET B 321 11.43 31.31 -8.08
N MET B 322 12.18 31.20 -6.98
CA MET B 322 11.78 31.88 -5.76
C MET B 322 11.65 33.39 -5.99
N ILE B 323 12.54 33.98 -6.78
CA ILE B 323 12.38 35.39 -7.08
C ILE B 323 11.16 35.61 -7.97
N PHE B 324 10.92 34.70 -8.92
CA PHE B 324 9.73 34.83 -9.75
C PHE B 324 8.46 34.59 -8.96
N LEU B 325 8.53 33.84 -7.87
CA LEU B 325 7.39 33.65 -6.99
C LEU B 325 7.33 34.69 -5.89
N THR B 326 8.14 35.74 -5.98
CA THR B 326 8.08 36.83 -5.02
C THR B 326 8.02 38.20 -5.68
N THR B 327 8.06 38.27 -7.00
CA THR B 327 7.78 39.55 -7.64
C THR B 327 6.33 39.97 -7.45
N PRO B 328 5.33 39.08 -7.57
CA PRO B 328 3.94 39.56 -7.42
C PRO B 328 3.59 39.93 -6.00
N CYS B 329 4.43 39.61 -5.02
CA CYS B 329 4.18 40.09 -3.66
C CYS B 329 4.34 41.60 -3.54
N LEU B 330 4.75 42.29 -4.60
CA LEU B 330 4.76 43.75 -4.58
C LEU B 330 3.35 44.32 -4.44
N LEU B 331 2.32 43.49 -4.51
CA LEU B 331 0.94 43.93 -4.40
C LEU B 331 0.49 44.06 -2.95
N PHE B 332 1.42 44.19 -2.01
CA PHE B 332 1.07 44.49 -0.62
C PHE B 332 1.64 45.82 -0.14
N LEU B 333 2.80 46.23 -0.66
CA LEU B 333 3.41 47.47 -0.21
C LEU B 333 2.51 48.68 -0.40
N PRO B 334 1.94 48.94 -1.59
CA PRO B 334 1.09 50.14 -1.72
C PRO B 334 -0.27 50.01 -1.06
N ILE B 335 -0.65 48.83 -0.55
CA ILE B 335 -2.01 48.67 -0.04
C ILE B 335 -2.04 48.22 1.42
N VAL B 336 -1.52 47.03 1.73
CA VAL B 336 -1.86 46.35 2.97
C VAL B 336 -0.85 46.64 4.08
N ILE B 337 0.45 46.59 3.77
CA ILE B 337 1.45 46.80 4.80
C ILE B 337 1.38 48.22 5.36
N ASN B 338 0.70 49.13 4.65
CA ASN B 338 0.46 50.47 5.17
C ASN B 338 -0.86 50.56 5.94
N ILE B 339 -1.85 49.74 5.58
CA ILE B 339 -3.09 49.72 6.35
C ILE B 339 -2.86 49.13 7.74
N ILE B 340 -2.02 48.09 7.82
CA ILE B 340 -1.67 47.53 9.13
C ILE B 340 -0.93 48.57 9.95
N LYS B 341 -0.16 49.45 9.31
CA LYS B 341 0.48 50.55 10.02
C LYS B 341 -0.54 51.60 10.45
N ASN B 342 -1.69 51.69 9.77
CA ASN B 342 -2.73 52.63 10.16
C ASN B 342 -3.47 52.21 11.43
N SER B 343 -3.23 50.99 11.91
CA SER B 343 -3.83 50.52 13.16
C SER B 343 -2.83 50.46 14.31
N ARG B 344 -1.57 50.79 14.05
CA ARG B 344 -0.54 50.75 15.10
C ARG B 344 0.11 52.12 15.26
N SER B 425 -15.70 35.43 20.34
CA SER B 425 -14.49 35.20 21.12
C SER B 425 -13.38 34.64 20.24
N LEU B 426 -12.12 34.94 20.59
CA LEU B 426 -11.01 34.32 19.88
C LEU B 426 -10.94 32.83 20.21
N HIS B 427 -11.13 32.47 21.48
CA HIS B 427 -11.33 31.06 21.83
C HIS B 427 -12.50 30.48 21.06
N GLY B 428 -13.60 31.24 20.94
CA GLY B 428 -14.78 30.73 20.28
C GLY B 428 -14.55 30.41 18.82
N GLN B 429 -13.90 31.32 18.10
CA GLN B 429 -13.59 31.04 16.71
C GLN B 429 -12.52 29.97 16.58
N MET B 430 -11.57 29.93 17.51
CA MET B 430 -10.56 28.88 17.48
C MET B 430 -11.18 27.50 17.65
N LEU B 431 -12.30 27.42 18.37
CA LEU B 431 -12.97 26.13 18.55
C LEU B 431 -14.03 25.85 17.50
N GLN B 432 -14.59 26.87 16.87
CA GLN B 432 -15.60 26.67 15.84
C GLN B 432 -15.01 26.59 14.43
N TYR B 433 -13.72 26.87 14.27
CA TYR B 433 -13.13 26.76 12.95
C TYR B 433 -12.90 25.29 12.60
N PRO B 434 -13.38 24.83 11.45
CA PRO B 434 -13.27 23.39 11.14
C PRO B 434 -11.86 23.00 10.76
N VAL B 435 -11.15 22.33 11.66
CA VAL B 435 -9.80 21.89 11.38
C VAL B 435 -9.73 20.40 11.09
N ALA B 436 -10.86 19.71 11.04
CA ALA B 436 -10.90 18.36 10.49
C ALA B 436 -10.93 18.37 8.98
N ILE B 437 -10.84 19.56 8.38
CA ILE B 437 -10.63 19.66 6.95
C ILE B 437 -9.17 19.44 6.57
N ILE B 438 -8.28 19.39 7.55
CA ILE B 438 -6.90 19.03 7.27
C ILE B 438 -6.79 17.54 6.98
N LEU B 439 -7.60 16.74 7.68
CA LEU B 439 -7.37 15.30 7.74
C LEU B 439 -7.25 14.58 6.41
N PRO B 440 -7.99 14.91 5.36
CA PRO B 440 -7.79 14.17 4.11
C PRO B 440 -6.38 14.26 3.57
N VAL B 441 -5.84 15.47 3.42
CA VAL B 441 -4.53 15.61 2.80
C VAL B 441 -3.44 15.07 3.72
N LEU B 442 -3.54 15.32 5.02
CA LEU B 442 -2.54 14.79 5.93
C LEU B 442 -2.59 13.27 5.99
N MET B 443 -3.78 12.69 6.00
CA MET B 443 -3.89 11.23 5.99
C MET B 443 -3.26 10.67 4.72
N HIS B 444 -3.53 11.27 3.58
CA HIS B 444 -2.97 10.71 2.36
C HIS B 444 -1.46 10.90 2.29
N THR B 445 -0.94 12.03 2.77
CA THR B 445 0.50 12.19 2.74
C THR B 445 1.18 11.27 3.73
N ALA B 446 0.55 10.98 4.86
CA ALA B 446 1.14 10.02 5.78
C ALA B 446 1.17 8.63 5.16
N ILE B 447 0.06 8.21 4.58
CA ILE B 447 0.01 6.91 3.93
C ILE B 447 1.07 6.83 2.83
N GLU B 448 1.20 7.89 2.03
CA GLU B 448 2.15 7.88 0.94
C GLU B 448 3.58 7.81 1.45
N PHE B 449 3.94 8.62 2.44
CA PHE B 449 5.29 8.58 2.96
C PHE B 449 5.60 7.23 3.58
N HIS B 450 4.64 6.64 4.28
CA HIS B 450 4.86 5.29 4.81
C HIS B 450 5.16 4.32 3.68
N LYS B 451 4.28 4.28 2.68
CA LYS B 451 4.46 3.30 1.61
C LYS B 451 5.72 3.57 0.80
N TRP B 452 6.20 4.80 0.82
CA TRP B 452 7.46 5.12 0.13
C TRP B 452 8.65 4.63 0.92
N THR B 453 8.78 5.07 2.17
CA THR B 453 9.97 4.73 2.95
C THR B 453 10.06 3.23 3.21
N THR B 454 8.93 2.56 3.44
CA THR B 454 8.97 1.14 3.76
C THR B 454 8.88 0.26 2.53
N SER B 455 9.34 0.74 1.38
CA SER B 455 9.44 -0.05 0.17
C SER B 455 10.89 -0.39 -0.12
N THR B 456 11.09 -1.46 -0.88
CA THR B 456 12.43 -1.83 -1.27
C THR B 456 13.04 -0.73 -2.13
N MET B 457 14.34 -0.84 -2.40
CA MET B 457 15.00 0.20 -3.16
C MET B 457 14.76 0.10 -4.65
N ALA B 458 14.10 -0.95 -5.12
CA ALA B 458 13.76 -1.11 -6.52
C ALA B 458 12.28 -1.03 -6.80
N ASN B 459 11.44 -1.42 -5.85
CA ASN B 459 10.01 -1.25 -6.01
C ASN B 459 9.63 0.21 -6.25
N ARG B 460 10.49 1.15 -5.86
CA ARG B 460 10.23 2.54 -6.19
C ARG B 460 10.30 2.77 -7.68
N ASP B 461 11.45 2.46 -8.30
CA ASP B 461 11.56 2.64 -9.74
C ASP B 461 10.57 1.77 -10.50
N GLU B 462 10.12 0.68 -9.90
CA GLU B 462 9.15 -0.15 -10.60
C GLU B 462 7.75 0.42 -10.50
N MET B 463 7.43 1.08 -9.39
CA MET B 463 6.07 1.49 -9.10
C MET B 463 5.79 2.96 -9.37
N CYS B 464 6.75 3.84 -9.14
CA CYS B 464 6.56 5.27 -9.35
C CYS B 464 6.78 5.61 -10.82
N PHE B 465 5.70 5.90 -11.54
CA PHE B 465 5.79 6.28 -12.96
C PHE B 465 6.01 7.78 -13.06
N HIS B 466 7.26 8.19 -12.92
CA HIS B 466 7.58 9.61 -13.04
C HIS B 466 7.52 10.03 -14.50
N ASN B 467 7.93 11.27 -14.76
CA ASN B 467 8.30 11.68 -16.10
C ASN B 467 9.82 11.60 -16.16
N HIS B 468 10.32 10.39 -16.37
CA HIS B 468 11.75 10.13 -16.35
C HIS B 468 12.01 10.58 -17.78
N ALA B 469 12.06 11.90 -18.02
CA ALA B 469 12.32 12.43 -19.34
C ALA B 469 13.39 13.34 -18.78
N CYS B 470 12.98 14.33 -17.98
CA CYS B 470 13.94 15.13 -17.21
C CYS B 470 13.40 15.39 -15.81
N ALA B 471 12.97 14.33 -15.14
CA ALA B 471 12.70 14.44 -13.71
C ALA B 471 14.04 14.55 -13.00
N ARG B 472 14.41 15.77 -12.65
CA ARG B 472 15.72 16.02 -12.04
C ARG B 472 15.72 15.55 -10.60
N PRO B 473 16.70 14.77 -10.18
CA PRO B 473 16.69 14.20 -8.83
C PRO B 473 17.47 15.07 -7.86
N LEU B 474 17.27 14.78 -6.58
CA LEU B 474 18.08 15.39 -5.52
C LEU B 474 18.17 14.37 -4.40
N GLY B 475 19.25 13.59 -4.40
CA GLY B 475 19.39 12.54 -3.42
C GLY B 475 18.36 11.46 -3.66
N GLU B 476 17.68 11.04 -2.57
CA GLU B 476 16.76 9.93 -2.66
C GLU B 476 15.62 10.19 -3.64
N LEU B 477 15.17 11.42 -3.74
CA LEU B 477 14.01 11.73 -4.56
C LEU B 477 14.40 11.81 -6.04
N ARG B 478 13.53 11.31 -6.89
CA ARG B 478 13.83 11.19 -8.30
C ARG B 478 13.29 12.33 -9.15
N ALA B 479 12.37 13.14 -8.62
CA ALA B 479 11.85 14.29 -9.36
C ALA B 479 11.81 15.46 -8.39
N TRP B 480 12.90 16.21 -8.32
CA TRP B 480 12.92 17.32 -7.39
C TRP B 480 12.06 18.46 -7.90
N ASN B 481 12.25 18.85 -9.15
CA ASN B 481 11.47 19.97 -9.69
C ASN B 481 9.98 19.74 -9.52
N ASN B 482 9.52 18.51 -9.76
CA ASN B 482 8.10 18.19 -9.61
C ASN B 482 7.65 18.31 -8.17
N ILE B 483 8.56 18.59 -7.25
CA ILE B 483 8.22 18.69 -5.83
C ILE B 483 8.41 20.11 -5.34
N ILE B 484 9.65 20.60 -5.40
CA ILE B 484 9.97 21.90 -4.81
C ILE B 484 9.35 23.05 -5.57
N THR B 485 8.86 22.83 -6.78
CA THR B 485 8.07 23.88 -7.41
C THR B 485 6.71 24.03 -6.75
N ASN B 486 6.31 23.10 -5.90
CA ASN B 486 5.11 23.32 -5.10
C ASN B 486 5.30 24.34 -4.01
N ILE B 487 6.46 24.99 -3.92
CA ILE B 487 6.64 25.96 -2.84
C ILE B 487 6.03 27.30 -3.19
N GLY B 488 5.64 27.50 -4.44
CA GLY B 488 4.80 28.64 -4.75
C GLY B 488 3.54 28.65 -3.91
N TYR B 489 2.84 27.52 -3.86
CA TYR B 489 1.63 27.45 -3.05
C TYR B 489 1.92 27.76 -1.60
N THR B 490 2.76 26.95 -0.96
CA THR B 490 2.98 27.09 0.47
C THR B 490 3.69 28.38 0.82
N LEU B 491 4.01 29.19 -0.19
CA LEU B 491 4.42 30.57 0.04
C LEU B 491 3.24 31.51 -0.11
N TYR B 492 2.45 31.32 -1.16
CA TYR B 492 1.20 32.05 -1.29
C TYR B 492 0.08 31.43 -0.50
N GLY B 493 0.40 30.49 0.39
CA GLY B 493 -0.59 29.96 1.30
C GLY B 493 -0.47 30.59 2.66
N ALA B 494 0.75 30.67 3.17
CA ALA B 494 0.97 31.29 4.47
C ALA B 494 0.75 32.79 4.45
N ILE B 495 0.60 33.39 3.28
CA ILE B 495 0.29 34.81 3.21
C ILE B 495 -1.16 35.03 3.65
N PHE B 496 -2.10 34.33 3.02
CA PHE B 496 -3.50 34.56 3.32
C PHE B 496 -3.79 34.34 4.79
N ILE B 497 -3.24 33.28 5.37
CA ILE B 497 -3.43 33.01 6.79
C ILE B 497 -2.88 34.13 7.66
N VAL B 498 -2.08 35.03 7.09
CA VAL B 498 -1.54 36.14 7.85
C VAL B 498 -2.29 37.43 7.58
N LEU B 499 -2.48 37.79 6.30
CA LEU B 499 -3.18 39.03 5.98
C LEU B 499 -4.51 39.13 6.71
N SER B 500 -5.32 38.09 6.60
CA SER B 500 -6.62 38.08 7.27
C SER B 500 -6.46 38.36 8.76
N ILE B 501 -5.63 37.56 9.44
CA ILE B 501 -5.49 37.68 10.88
C ILE B 501 -4.70 38.93 11.23
N CYS B 502 -4.21 39.64 10.21
CA CYS B 502 -3.48 40.88 10.46
C CYS B 502 -4.32 42.13 10.24
N ARG B 503 -5.49 42.01 9.60
CA ARG B 503 -6.32 43.17 9.36
C ARG B 503 -7.80 42.88 9.62
N ARG B 504 -8.09 42.07 10.64
CA ARG B 504 -9.47 41.73 10.96
C ARG B 504 -10.13 42.78 11.86
N GLY B 505 -10.02 44.04 11.46
CA GLY B 505 -10.63 45.13 12.20
C GLY B 505 -10.00 45.37 13.55
N SER B 510 -16.99 50.44 12.38
CA SER B 510 -16.25 49.27 11.92
C SER B 510 -17.19 48.22 11.33
N HIS B 511 -17.97 47.58 12.19
CA HIS B 511 -18.90 46.54 11.79
C HIS B 511 -20.19 47.09 11.18
N VAL B 512 -20.21 48.36 10.80
CA VAL B 512 -21.43 48.99 10.29
C VAL B 512 -21.29 49.45 8.85
N PHE B 513 -20.08 49.62 8.34
CA PHE B 513 -19.85 49.98 6.96
C PHE B 513 -19.27 48.80 6.19
N GLY B 514 -19.16 48.98 4.88
CA GLY B 514 -18.60 47.96 4.02
C GLY B 514 -19.36 46.64 4.06
N THR B 515 -18.88 45.65 3.33
CA THR B 515 -19.51 44.34 3.37
C THR B 515 -19.05 43.54 4.57
N TYR B 516 -19.67 42.38 4.77
CA TYR B 516 -19.30 41.52 5.88
C TYR B 516 -17.84 41.08 5.74
N GLU B 517 -17.25 40.65 6.84
CA GLU B 517 -15.86 40.27 6.83
C GLU B 517 -15.71 38.82 6.34
N CYS B 518 -14.84 38.62 5.36
CA CYS B 518 -14.47 37.28 4.93
C CYS B 518 -13.15 36.87 5.57
N THR B 519 -13.12 36.91 6.90
CA THR B 519 -11.90 36.60 7.62
C THR B 519 -11.63 35.10 7.61
N LEU B 520 -12.56 34.32 8.16
CA LEU B 520 -12.31 32.89 8.31
C LEU B 520 -12.32 32.17 6.99
N LEU B 521 -13.12 32.63 6.03
CA LEU B 521 -13.06 32.00 4.71
C LEU B 521 -11.71 32.22 4.06
N ASP B 522 -11.10 33.38 4.28
CA ASP B 522 -9.78 33.59 3.72
C ASP B 522 -8.73 32.78 4.46
N VAL B 523 -8.87 32.65 5.78
CA VAL B 523 -7.97 31.75 6.49
C VAL B 523 -8.09 30.34 5.93
N THR B 524 -9.29 29.92 5.54
CA THR B 524 -9.42 28.58 4.99
C THR B 524 -8.85 28.48 3.58
N ILE B 525 -9.01 29.52 2.77
CA ILE B 525 -8.36 29.50 1.47
C ILE B 525 -6.85 29.42 1.67
N GLY B 526 -6.34 30.01 2.74
CA GLY B 526 -4.92 29.87 3.02
C GLY B 526 -4.53 28.46 3.42
N VAL B 527 -5.26 27.89 4.39
CA VAL B 527 -4.96 26.53 4.83
C VAL B 527 -5.05 25.57 3.67
N PHE B 528 -5.93 25.83 2.71
CA PHE B 528 -6.01 24.92 1.57
C PHE B 528 -5.00 25.24 0.48
N MET B 529 -4.57 26.48 0.34
CA MET B 529 -3.43 26.71 -0.53
C MET B 529 -2.18 26.06 0.02
N VAL B 530 -2.10 25.84 1.33
CA VAL B 530 -0.96 25.10 1.87
C VAL B 530 -1.15 23.59 1.70
N LEU B 531 -2.32 23.08 2.08
CA LEU B 531 -2.58 21.67 1.91
C LEU B 531 -2.47 21.26 0.45
N GLN B 532 -2.68 22.18 -0.47
CA GLN B 532 -2.41 21.88 -1.86
C GLN B 532 -0.95 21.55 -2.07
N SER B 533 -0.05 22.34 -1.49
CA SER B 533 1.36 22.05 -1.65
C SER B 533 1.72 20.73 -1.00
N ILE B 534 1.16 20.44 0.17
CA ILE B 534 1.47 19.18 0.82
C ILE B 534 1.00 18.01 -0.03
N ALA B 535 -0.24 18.04 -0.50
CA ALA B 535 -0.74 16.94 -1.31
C ALA B 535 0.03 16.79 -2.60
N SER B 536 0.40 17.91 -3.24
CA SER B 536 1.11 17.81 -4.50
C SER B 536 2.51 17.27 -4.29
N ALA B 537 3.21 17.74 -3.27
CA ALA B 537 4.56 17.25 -3.04
C ALA B 537 4.58 15.89 -2.36
N THR B 538 3.43 15.34 -1.98
CA THR B 538 3.42 13.96 -1.55
C THR B 538 2.92 13.02 -2.64
N TYR B 539 2.23 13.53 -3.64
CA TYR B 539 1.88 12.71 -4.78
C TYR B 539 2.96 12.72 -5.85
N HIS B 540 3.79 13.75 -5.91
CA HIS B 540 4.92 13.77 -6.82
C HIS B 540 6.16 13.13 -6.24
N ILE B 541 6.03 12.37 -5.17
CA ILE B 541 7.09 11.47 -4.74
C ILE B 541 6.96 10.12 -5.44
N CYS B 542 5.76 9.56 -5.46
CA CYS B 542 5.50 8.30 -6.16
C CYS B 542 4.17 8.43 -6.88
N PRO B 543 4.18 8.77 -8.15
CA PRO B 543 2.94 9.11 -8.86
C PRO B 543 2.11 7.90 -9.26
N SER B 544 2.32 6.76 -8.62
CA SER B 544 1.61 5.54 -8.98
C SER B 544 0.10 5.72 -9.00
N ASP B 545 -0.60 4.79 -9.66
CA ASP B 545 -2.06 4.81 -9.71
C ASP B 545 -2.61 4.21 -8.42
N VAL B 546 -2.54 5.01 -7.36
CA VAL B 546 -3.13 4.65 -6.07
C VAL B 546 -4.59 5.09 -6.11
N ALA B 547 -5.39 4.61 -5.16
CA ALA B 547 -6.84 4.84 -5.22
C ALA B 547 -7.20 6.31 -5.23
N PHE B 548 -6.37 7.17 -4.63
CA PHE B 548 -6.66 8.60 -4.51
C PHE B 548 -5.57 9.41 -5.20
N GLN B 549 -5.97 10.34 -6.06
CA GLN B 549 -4.97 11.13 -6.76
C GLN B 549 -4.40 12.22 -5.86
N PHE B 550 -5.24 13.17 -5.47
CA PHE B 550 -4.81 14.29 -4.63
C PHE B 550 -3.61 15.03 -5.21
N ASP B 551 -3.80 15.57 -6.39
CA ASP B 551 -2.91 16.61 -6.89
C ASP B 551 -3.63 17.93 -7.04
N THR B 552 -4.72 17.93 -7.78
CA THR B 552 -5.67 19.03 -7.95
C THR B 552 -6.70 19.24 -6.84
N PRO B 553 -7.21 18.18 -6.18
CA PRO B 553 -8.39 18.38 -5.30
C PRO B 553 -8.33 19.56 -4.38
N CYS B 554 -7.15 19.95 -3.91
CA CYS B 554 -7.11 21.18 -3.14
C CYS B 554 -7.30 22.41 -4.02
N ILE B 555 -6.81 22.39 -5.27
CA ILE B 555 -7.13 23.47 -6.19
C ILE B 555 -8.63 23.53 -6.43
N GLN B 556 -9.28 22.39 -6.53
CA GLN B 556 -10.73 22.39 -6.70
C GLN B 556 -11.43 22.96 -5.47
N VAL B 557 -10.99 22.54 -4.28
CA VAL B 557 -11.59 23.07 -3.06
C VAL B 557 -11.44 24.58 -2.99
N ILE B 558 -10.28 25.10 -3.40
CA ILE B 558 -10.07 26.54 -3.35
C ILE B 558 -10.93 27.25 -4.40
N CYS B 559 -11.04 26.67 -5.59
CA CYS B 559 -11.90 27.30 -6.58
C CYS B 559 -13.36 27.12 -6.25
N GLY B 560 -13.68 26.35 -5.23
CA GLY B 560 -15.01 26.38 -4.70
C GLY B 560 -15.15 27.44 -3.61
N LEU B 561 -14.13 27.55 -2.77
CA LEU B 561 -14.21 28.51 -1.68
C LEU B 561 -14.26 29.94 -2.18
N LEU B 562 -13.57 30.25 -3.27
CA LEU B 562 -13.70 31.60 -3.83
C LEU B 562 -15.13 31.88 -4.25
N MET B 563 -15.77 30.89 -4.86
CA MET B 563 -17.17 31.04 -5.24
C MET B 563 -18.03 31.29 -4.02
N VAL B 564 -17.84 30.49 -2.97
CA VAL B 564 -18.67 30.65 -1.77
C VAL B 564 -18.44 32.01 -1.12
N ARG B 565 -17.19 32.46 -1.09
CA ARG B 565 -16.88 33.78 -0.59
C ARG B 565 -17.69 34.83 -1.33
N GLN B 566 -17.65 34.80 -2.66
CA GLN B 566 -18.36 35.83 -3.40
C GLN B 566 -19.87 35.62 -3.38
N TRP B 567 -20.33 34.42 -3.04
CA TRP B 567 -21.76 34.17 -2.90
C TRP B 567 -22.30 34.73 -1.61
N PHE B 568 -21.47 34.79 -0.56
CA PHE B 568 -21.95 35.19 0.75
C PHE B 568 -21.49 36.56 1.19
N VAL B 569 -20.52 37.17 0.51
CA VAL B 569 -19.92 38.40 1.01
C VAL B 569 -20.95 39.50 1.19
N ARG B 570 -22.01 39.51 0.39
CA ARG B 570 -23.01 40.56 0.46
C ARG B 570 -24.27 40.13 1.20
N HIS B 571 -24.24 39.00 1.88
CA HIS B 571 -25.32 38.58 2.76
C HIS B 571 -24.88 38.59 4.21
N GLU B 572 -23.83 37.85 4.52
CA GLU B 572 -23.44 37.61 5.91
C GLU B 572 -21.97 37.24 5.94
N SER B 573 -21.43 37.18 7.13
CA SER B 573 -20.10 36.63 7.30
C SER B 573 -20.12 35.17 6.89
N PRO B 574 -19.36 34.75 5.89
CA PRO B 574 -19.48 33.38 5.38
C PRO B 574 -18.95 32.38 6.39
N SER B 575 -19.67 31.38 6.61
CA SER B 575 -19.10 30.50 7.62
C SER B 575 -18.15 29.51 6.97
N PRO B 576 -17.06 29.15 7.65
CA PRO B 576 -16.14 28.17 7.07
C PRO B 576 -16.71 26.77 7.00
N ALA B 577 -17.79 26.50 7.73
CA ALA B 577 -18.40 25.18 7.73
C ALA B 577 -18.92 24.75 6.37
N TYR B 578 -18.98 25.66 5.38
CA TYR B 578 -19.33 25.25 4.03
C TYR B 578 -18.21 24.46 3.39
N THR B 579 -16.97 24.72 3.80
CA THR B 579 -15.87 23.89 3.35
C THR B 579 -16.09 22.43 3.68
N ASN B 580 -16.90 22.12 4.68
CA ASN B 580 -17.18 20.73 4.97
C ASN B 580 -17.83 20.04 3.77
N ILE B 581 -19.00 20.53 3.35
CA ILE B 581 -19.66 19.88 2.22
C ILE B 581 -18.83 20.04 0.95
N LEU B 582 -18.16 21.17 0.79
CA LEU B 582 -17.34 21.35 -0.40
C LEU B 582 -16.27 20.29 -0.51
N LEU B 583 -15.57 20.04 0.60
CA LEU B 583 -14.52 19.04 0.62
C LEU B 583 -15.08 17.64 0.44
N VAL B 584 -16.20 17.33 1.09
CA VAL B 584 -16.74 15.98 0.93
C VAL B 584 -17.13 15.75 -0.52
N GLY B 585 -17.72 16.77 -1.15
CA GLY B 585 -18.04 16.65 -2.56
C GLY B 585 -16.82 16.39 -3.40
N VAL B 586 -15.77 17.21 -3.23
CA VAL B 586 -14.59 17.05 -4.07
C VAL B 586 -13.96 15.69 -3.87
N VAL B 587 -13.85 15.24 -2.61
CA VAL B 587 -13.16 14.00 -2.34
C VAL B 587 -13.95 12.81 -2.85
N SER B 588 -15.27 12.81 -2.65
CA SER B 588 -16.07 11.72 -3.17
C SER B 588 -16.02 11.69 -4.70
N LEU B 589 -16.08 12.86 -5.33
CA LEU B 589 -15.99 12.90 -6.79
C LEU B 589 -14.66 12.34 -7.28
N ASN B 590 -13.57 12.69 -6.59
CA ASN B 590 -12.26 12.22 -7.04
C ASN B 590 -12.12 10.72 -6.88
N PHE B 591 -12.49 10.20 -5.70
CA PHE B 591 -12.46 8.76 -5.52
C PHE B 591 -13.32 8.06 -6.58
N LEU B 592 -14.46 8.66 -6.92
CA LEU B 592 -15.35 8.05 -7.89
C LEU B 592 -14.68 7.98 -9.25
N ILE B 593 -14.14 9.11 -9.72
CA ILE B 593 -13.42 9.13 -11.00
C ILE B 593 -12.33 8.07 -10.99
N SER B 594 -11.62 7.93 -9.88
CA SER B 594 -10.52 6.97 -9.84
C SER B 594 -11.04 5.55 -9.94
N ALA B 595 -12.07 5.22 -9.17
CA ALA B 595 -12.54 3.83 -9.09
C ALA B 595 -13.31 3.39 -10.33
N PHE B 596 -13.85 4.33 -11.10
CA PHE B 596 -14.58 3.98 -12.31
C PHE B 596 -13.78 4.28 -13.57
N SER B 597 -12.46 4.41 -13.46
CA SER B 597 -11.65 4.83 -14.60
C SER B 597 -11.51 3.75 -15.66
N LYS B 598 -11.65 2.48 -15.29
CA LYS B 598 -11.42 1.40 -16.25
C LYS B 598 -12.61 1.13 -17.15
N THR B 599 -13.82 1.49 -16.74
CA THR B 599 -15.00 1.26 -17.57
C THR B 599 -15.12 2.40 -18.58
N SER B 600 -16.26 2.45 -19.27
CA SER B 600 -16.49 3.46 -20.30
C SER B 600 -17.46 4.55 -19.89
N TYR B 601 -18.38 4.26 -18.98
CA TYR B 601 -19.40 5.21 -18.58
C TYR B 601 -18.93 6.17 -17.51
N VAL B 602 -17.62 6.30 -17.30
CA VAL B 602 -17.14 7.19 -16.25
C VAL B 602 -17.35 8.64 -16.64
N ARG B 603 -17.10 8.96 -17.91
CA ARG B 603 -17.38 10.32 -18.35
C ARG B 603 -18.87 10.62 -18.34
N PHE B 604 -19.72 9.59 -18.46
CA PHE B 604 -21.16 9.81 -18.32
C PHE B 604 -21.53 10.06 -16.86
N ILE B 605 -20.90 9.33 -15.93
CA ILE B 605 -21.10 9.62 -14.51
C ILE B 605 -20.71 11.06 -14.21
N ILE B 606 -19.60 11.51 -14.77
CA ILE B 606 -19.16 12.87 -14.51
C ILE B 606 -20.12 13.87 -15.14
N ALA B 607 -20.60 13.59 -16.35
CA ALA B 607 -21.59 14.45 -16.98
C ALA B 607 -22.82 14.60 -16.09
N VAL B 608 -23.31 13.49 -15.54
CA VAL B 608 -24.58 13.57 -14.82
C VAL B 608 -24.40 14.24 -13.47
N ILE B 609 -23.30 13.95 -12.78
CA ILE B 609 -23.09 14.65 -11.49
C ILE B 609 -22.83 16.13 -11.72
N HIS B 610 -22.09 16.46 -12.76
CA HIS B 610 -21.90 17.86 -13.13
C HIS B 610 -23.23 18.55 -13.38
N VAL B 611 -24.14 17.87 -14.11
CA VAL B 611 -25.46 18.44 -14.38
C VAL B 611 -26.23 18.65 -13.09
N ILE B 612 -26.21 17.66 -12.21
CA ILE B 612 -26.94 17.78 -10.95
C ILE B 612 -26.42 18.96 -10.15
N VAL B 613 -25.11 19.14 -10.09
CA VAL B 613 -24.54 20.24 -9.33
C VAL B 613 -24.94 21.58 -9.93
N VAL B 614 -24.80 21.73 -11.24
CA VAL B 614 -25.12 23.03 -11.84
C VAL B 614 -26.60 23.32 -11.71
N GLY B 615 -27.46 22.30 -11.80
CA GLY B 615 -28.88 22.53 -11.60
C GLY B 615 -29.20 22.95 -10.19
N SER B 616 -28.59 22.30 -9.20
CA SER B 616 -28.79 22.71 -7.82
C SER B 616 -28.32 24.14 -7.59
N ILE B 617 -27.24 24.54 -8.27
CA ILE B 617 -26.75 25.91 -8.10
C ILE B 617 -27.73 26.90 -8.73
N CYS B 618 -28.23 26.59 -9.93
CA CYS B 618 -29.28 27.42 -10.52
C CYS B 618 -30.46 27.57 -9.58
N LEU B 619 -30.88 26.47 -8.96
CA LEU B 619 -32.05 26.52 -8.08
C LEU B 619 -31.76 27.37 -6.85
N ALA B 620 -30.60 27.15 -6.22
CA ALA B 620 -30.24 27.97 -5.05
C ALA B 620 -30.16 29.44 -5.43
N LYS B 621 -29.76 29.74 -6.67
CA LYS B 621 -29.77 31.12 -7.11
C LYS B 621 -31.19 31.65 -7.17
N GLU B 622 -32.07 30.92 -7.84
CA GLU B 622 -33.44 31.40 -8.02
C GLU B 622 -34.17 31.56 -6.70
N ARG B 623 -33.93 30.65 -5.75
CA ARG B 623 -34.61 30.69 -4.46
C ARG B 623 -33.91 31.58 -3.44
N SER B 624 -33.12 32.54 -3.91
CA SER B 624 -32.50 33.52 -3.03
C SER B 624 -32.94 34.95 -3.30
N LEU B 625 -33.44 35.25 -4.49
CA LEU B 625 -33.86 36.59 -4.86
C LEU B 625 -35.30 36.70 -5.29
N GLY B 626 -35.82 35.73 -6.04
CA GLY B 626 -37.19 35.80 -6.51
C GLY B 626 -37.36 35.73 -8.01
N SER B 627 -36.39 35.13 -8.70
CA SER B 627 -36.47 34.88 -10.14
C SER B 627 -36.56 36.18 -10.94
N GLU B 628 -35.66 37.11 -10.63
CA GLU B 628 -35.64 38.39 -11.32
C GLU B 628 -35.06 38.21 -12.72
N LYS B 629 -35.79 38.72 -13.72
CA LYS B 629 -35.30 38.66 -15.09
C LYS B 629 -34.07 39.52 -15.29
N LEU B 630 -33.79 40.45 -14.37
CA LEU B 630 -32.61 41.29 -14.51
C LEU B 630 -31.33 40.52 -14.27
N LYS B 631 -31.37 39.52 -13.39
CA LYS B 631 -30.17 38.76 -13.06
C LYS B 631 -30.29 37.28 -13.39
N THR B 632 -31.35 36.61 -12.92
CA THR B 632 -31.42 35.17 -13.03
C THR B 632 -31.63 34.73 -14.47
N ARG B 633 -32.51 35.41 -15.20
CA ARG B 633 -32.83 35.00 -16.56
C ARG B 633 -31.59 34.93 -17.43
N PHE B 634 -30.60 35.78 -17.16
CA PHE B 634 -29.35 35.71 -17.90
C PHE B 634 -28.35 34.79 -17.25
N PHE B 635 -28.31 34.76 -15.92
CA PHE B 635 -27.29 34.01 -15.19
C PHE B 635 -27.48 32.51 -15.38
N ILE B 636 -28.70 32.01 -15.15
CA ILE B 636 -28.99 30.60 -15.37
C ILE B 636 -28.61 30.20 -16.78
N MET B 637 -29.01 31.02 -17.75
CA MET B 637 -28.72 30.70 -19.15
C MET B 637 -27.22 30.62 -19.39
N ALA B 638 -26.47 31.60 -18.88
CA ALA B 638 -25.03 31.59 -19.05
C ALA B 638 -24.42 30.31 -18.48
N PHE B 639 -24.73 30.00 -17.22
CA PHE B 639 -24.18 28.79 -16.62
C PHE B 639 -24.55 27.56 -17.40
N SER B 640 -25.83 27.41 -17.72
CA SER B 640 -26.25 26.17 -18.36
C SER B 640 -25.57 26.00 -19.71
N MET B 641 -25.48 27.07 -20.50
CA MET B 641 -24.88 26.89 -21.82
C MET B 641 -23.38 26.63 -21.72
N GLY B 642 -22.69 27.37 -20.85
CA GLY B 642 -21.26 27.14 -20.70
C GLY B 642 -20.96 25.73 -20.21
N ASN B 643 -21.68 25.29 -19.19
CA ASN B 643 -21.40 23.98 -18.63
C ASN B 643 -21.86 22.85 -19.53
N PHE B 644 -22.87 23.08 -20.37
CA PHE B 644 -23.22 22.04 -21.34
C PHE B 644 -22.19 21.97 -22.44
N ALA B 645 -21.66 23.12 -22.87
CA ALA B 645 -20.50 23.10 -23.75
C ALA B 645 -19.36 22.30 -23.14
N ALA B 646 -19.14 22.50 -21.84
CA ALA B 646 -18.08 21.77 -21.15
C ALA B 646 -18.37 20.27 -21.11
N ILE B 647 -19.61 19.90 -20.79
CA ILE B 647 -19.98 18.49 -20.74
C ILE B 647 -19.74 17.83 -22.08
N VAL B 648 -20.13 18.50 -23.16
CA VAL B 648 -19.78 18.02 -24.49
C VAL B 648 -18.28 17.84 -24.61
N MET B 649 -17.54 18.92 -24.33
CA MET B 649 -16.10 18.92 -24.58
C MET B 649 -15.38 17.83 -23.82
N TYR B 650 -15.89 17.39 -22.67
CA TYR B 650 -15.24 16.29 -21.96
C TYR B 650 -15.99 14.98 -22.05
N LEU B 651 -17.09 14.92 -22.81
CA LEU B 651 -17.79 13.67 -23.02
C LEU B 651 -17.65 13.12 -24.43
N THR B 652 -17.19 13.92 -25.39
CA THR B 652 -16.98 13.43 -26.74
C THR B 652 -15.53 13.48 -27.19
N LEU B 653 -14.65 14.09 -26.42
CA LEU B 653 -13.30 14.40 -26.88
C LEU B 653 -12.29 13.57 -26.10
N SER B 654 -11.39 12.92 -26.81
CA SER B 654 -10.33 12.15 -26.18
C SER B 654 -9.07 12.99 -25.99
N ALA B 655 -9.24 14.16 -25.38
CA ALA B 655 -8.12 14.98 -24.94
C ALA B 655 -8.26 15.47 -23.51
N PHE B 656 -9.46 15.45 -22.94
CA PHE B 656 -9.66 15.65 -21.50
C PHE B 656 -9.55 14.29 -20.83
N HIS B 657 -8.47 14.06 -20.10
CA HIS B 657 -8.29 12.80 -19.41
C HIS B 657 -9.21 12.78 -18.18
N LEU B 658 -9.18 11.68 -17.45
CA LEU B 658 -10.00 11.59 -16.25
C LEU B 658 -9.46 12.41 -15.11
N ASN B 659 -8.16 12.70 -15.09
CA ASN B 659 -7.61 13.50 -14.01
C ASN B 659 -8.08 14.94 -14.09
N GLN B 660 -8.19 15.47 -15.31
CA GLN B 660 -8.32 16.90 -15.50
C GLN B 660 -9.76 17.39 -15.59
N ILE B 661 -10.75 16.50 -15.72
CA ILE B 661 -12.10 16.99 -15.97
C ILE B 661 -12.67 17.63 -14.72
N ALA B 662 -12.44 17.04 -13.56
CA ALA B 662 -12.91 17.65 -12.32
C ALA B 662 -12.30 19.03 -12.15
N THR B 663 -11.00 19.14 -12.37
CA THR B 663 -10.35 20.43 -12.19
C THR B 663 -10.84 21.46 -13.18
N TYR B 664 -11.03 21.05 -14.43
CA TYR B 664 -11.51 22.01 -15.42
C TYR B 664 -12.92 22.49 -15.10
N CYS B 665 -13.82 21.57 -14.74
CA CYS B 665 -15.16 22.05 -14.44
C CYS B 665 -15.16 22.94 -13.20
N PHE B 666 -14.35 22.61 -12.19
CA PHE B 666 -14.33 23.44 -10.99
C PHE B 666 -13.76 24.81 -11.26
N ILE B 667 -12.61 24.90 -11.92
CA ILE B 667 -12.06 26.22 -12.17
C ILE B 667 -12.91 26.99 -13.15
N ILE B 668 -13.66 26.32 -14.03
CA ILE B 668 -14.54 27.05 -14.92
C ILE B 668 -15.73 27.62 -14.15
N ASN B 669 -16.32 26.83 -13.26
CA ASN B 669 -17.36 27.35 -12.38
C ASN B 669 -16.87 28.56 -11.62
N CYS B 670 -15.66 28.47 -11.06
CA CYS B 670 -15.12 29.57 -10.28
C CYS B 670 -14.93 30.82 -11.14
N ILE B 671 -14.30 30.67 -12.30
CA ILE B 671 -14.07 31.82 -13.16
C ILE B 671 -15.39 32.45 -13.57
N MET B 672 -16.38 31.62 -13.92
CA MET B 672 -17.64 32.17 -14.38
C MET B 672 -18.35 32.92 -13.26
N TYR B 673 -18.38 32.35 -12.06
CA TYR B 673 -19.07 33.03 -10.98
C TYR B 673 -18.37 34.33 -10.60
N LEU B 674 -17.03 34.34 -10.64
CA LEU B 674 -16.34 35.56 -10.29
C LEU B 674 -16.54 36.63 -11.34
N MET B 675 -16.50 36.26 -12.62
CA MET B 675 -16.78 37.24 -13.65
C MET B 675 -18.21 37.74 -13.55
N TYR B 676 -19.14 36.89 -13.10
CA TYR B 676 -20.50 37.36 -12.90
C TYR B 676 -20.60 38.33 -11.74
N TYR B 677 -19.87 38.05 -10.66
CA TYR B 677 -19.79 39.01 -9.56
C TYR B 677 -19.30 40.35 -10.06
N GLY B 678 -18.25 40.33 -10.87
CA GLY B 678 -17.74 41.59 -11.41
C GLY B 678 -18.74 42.27 -12.32
N CYS B 679 -19.41 41.50 -13.18
CA CYS B 679 -20.37 42.08 -14.10
C CYS B 679 -21.53 42.72 -13.35
N MET B 680 -21.98 42.09 -12.27
CA MET B 680 -23.06 42.68 -11.50
C MET B 680 -22.59 43.87 -10.70
N LYS B 681 -21.31 43.89 -10.31
CA LYS B 681 -20.81 45.05 -9.60
C LYS B 681 -20.69 46.24 -10.53
N VAL B 682 -20.38 45.99 -11.81
CA VAL B 682 -20.22 47.12 -12.73
C VAL B 682 -21.58 47.55 -13.27
N LEU B 683 -22.51 46.61 -13.45
CA LEU B 683 -23.84 46.98 -13.92
C LEU B 683 -24.55 47.84 -12.89
N HIS B 684 -24.45 47.50 -11.61
CA HIS B 684 -25.02 48.34 -10.57
C HIS B 684 -24.29 49.66 -10.39
N SER B 685 -23.28 49.94 -11.22
CA SER B 685 -22.62 51.23 -11.29
C SER B 685 -21.82 51.55 -10.02
N GLU B 686 -21.21 50.55 -9.40
CA GLU B 686 -20.23 50.79 -8.37
C GLU B 686 -18.85 50.99 -9.00
N ARG B 687 -17.90 51.41 -8.18
CA ARG B 687 -16.55 51.63 -8.67
C ARG B 687 -15.68 50.40 -8.42
N ILE B 688 -14.94 50.00 -9.45
CA ILE B 688 -13.94 48.95 -9.37
C ILE B 688 -12.60 49.63 -9.52
N THR B 689 -11.80 49.64 -8.46
CA THR B 689 -10.54 50.37 -8.50
C THR B 689 -9.63 49.82 -9.60
N SER B 690 -8.77 50.68 -10.12
CA SER B 690 -7.90 50.30 -11.23
C SER B 690 -7.03 49.10 -10.86
N LYS B 691 -6.53 49.07 -9.62
CA LYS B 691 -5.75 47.92 -9.18
C LYS B 691 -6.61 46.66 -9.21
N ALA B 692 -7.91 46.78 -8.94
CA ALA B 692 -8.76 45.60 -9.04
C ALA B 692 -8.87 45.13 -10.48
N LYS B 693 -8.97 46.06 -11.44
CA LYS B 693 -9.03 45.65 -12.84
C LYS B 693 -7.73 44.97 -13.27
N LEU B 694 -6.60 45.55 -12.87
CA LEU B 694 -5.32 44.91 -13.16
C LEU B 694 -5.25 43.52 -12.55
N CYS B 695 -5.68 43.39 -11.30
CA CYS B 695 -5.65 42.09 -10.63
C CYS B 695 -6.56 41.10 -11.33
N GLY B 696 -7.71 41.55 -11.80
CA GLY B 696 -8.62 40.66 -12.49
C GLY B 696 -8.04 40.16 -13.80
N ALA B 697 -7.47 41.07 -14.59
CA ALA B 697 -6.88 40.66 -15.86
C ALA B 697 -5.70 39.72 -15.62
N LEU B 698 -4.88 40.01 -14.60
CA LEU B 698 -3.75 39.15 -14.31
C LEU B 698 -4.21 37.79 -13.83
N SER B 699 -5.27 37.74 -13.01
CA SER B 699 -5.79 36.46 -12.57
C SER B 699 -6.33 35.66 -13.75
N LEU B 700 -6.98 36.33 -14.69
CA LEU B 700 -7.50 35.64 -15.86
C LEU B 700 -6.38 35.05 -16.69
N LEU B 701 -5.36 35.86 -17.00
CA LEU B 701 -4.29 35.33 -17.83
C LEU B 701 -3.45 34.28 -17.10
N ALA B 702 -3.30 34.42 -15.77
CA ALA B 702 -2.59 33.40 -15.03
C ALA B 702 -3.36 32.09 -15.03
N TRP B 703 -4.68 32.14 -14.85
CA TRP B 703 -5.46 30.93 -14.98
C TRP B 703 -5.35 30.35 -16.38
N ALA B 704 -5.28 31.21 -17.40
CA ALA B 704 -5.16 30.72 -18.77
C ALA B 704 -3.85 29.98 -18.97
N VAL B 705 -2.76 30.54 -18.48
CA VAL B 705 -1.47 29.86 -18.57
C VAL B 705 -1.52 28.55 -17.79
N ALA B 706 -2.07 28.59 -16.58
CA ALA B 706 -2.18 27.38 -15.78
C ALA B 706 -2.94 26.30 -16.52
N GLY B 707 -3.97 26.68 -17.25
CA GLY B 707 -4.67 25.73 -18.08
C GLY B 707 -3.77 25.17 -19.15
N PHE B 708 -3.23 26.07 -19.98
CA PHE B 708 -2.44 25.63 -21.12
C PHE B 708 -1.31 24.71 -20.71
N PHE B 709 -0.83 24.84 -19.48
CA PHE B 709 0.19 23.93 -19.01
C PHE B 709 -0.39 22.67 -18.42
N PHE B 710 -1.43 22.78 -17.59
CA PHE B 710 -2.01 21.61 -16.98
C PHE B 710 -2.57 20.64 -18.01
N PHE B 711 -3.08 21.15 -19.12
CA PHE B 711 -3.71 20.31 -20.13
C PHE B 711 -2.77 19.25 -20.68
N GLN B 712 -1.45 19.48 -20.61
CA GLN B 712 -0.47 18.52 -21.09
C GLN B 712 0.04 17.61 -19.99
N ASP B 713 -0.79 17.33 -18.98
CA ASP B 713 -0.39 16.38 -17.94
C ASP B 713 -0.05 15.03 -18.55
N ASP B 714 -0.81 14.61 -19.56
CA ASP B 714 -0.56 13.38 -20.32
C ASP B 714 -0.29 12.21 -19.39
N THR B 715 -1.20 12.00 -18.45
CA THR B 715 -1.08 10.92 -17.47
C THR B 715 -2.45 10.31 -17.26
N ASP B 716 -2.64 9.09 -17.76
CA ASP B 716 -3.89 8.36 -17.61
C ASP B 716 -3.57 6.91 -17.30
N TRP B 717 -3.99 6.44 -16.13
CA TRP B 717 -3.74 5.07 -15.72
C TRP B 717 -4.68 4.09 -16.38
N THR B 718 -5.40 4.53 -17.43
CA THR B 718 -6.18 3.60 -18.22
C THR B 718 -5.31 2.69 -19.07
N ARG B 719 -4.08 3.11 -19.37
CA ARG B 719 -3.16 2.31 -20.15
C ARG B 719 -2.21 1.55 -19.24
N SER B 720 -1.51 0.59 -19.83
CA SER B 720 -0.67 -0.33 -19.09
C SER B 720 0.59 0.39 -18.62
N ALA B 721 1.50 -0.36 -18.01
CA ALA B 721 2.73 0.24 -17.48
C ALA B 721 3.61 0.76 -18.62
N ALA B 722 3.91 -0.11 -19.58
CA ALA B 722 4.82 0.28 -20.65
C ALA B 722 4.28 1.48 -21.42
N ALA B 723 2.98 1.49 -21.67
CA ALA B 723 2.40 2.62 -22.40
C ALA B 723 2.53 3.91 -21.63
N SER B 724 2.71 3.84 -20.32
CA SER B 724 2.89 5.04 -19.52
C SER B 724 4.35 5.42 -19.33
N ARG B 725 5.27 4.46 -19.41
CA ARG B 725 6.67 4.81 -19.44
C ARG B 725 7.12 5.26 -20.83
N ALA B 726 6.34 4.94 -21.86
CA ALA B 726 6.66 5.36 -23.21
C ALA B 726 6.57 6.86 -23.40
N LEU B 727 5.85 7.55 -22.53
CA LEU B 727 5.71 9.00 -22.67
C LEU B 727 6.90 9.70 -22.02
N ASN B 728 7.48 10.66 -22.75
CA ASN B 728 8.63 11.40 -22.26
C ASN B 728 8.57 12.82 -22.83
N LYS B 729 7.98 13.72 -22.07
CA LYS B 729 7.87 15.11 -22.49
C LYS B 729 9.03 15.90 -21.93
N PRO B 730 9.91 16.45 -22.76
CA PRO B 730 11.11 17.10 -22.25
C PRO B 730 10.82 18.47 -21.66
N CYS B 731 11.62 18.83 -20.66
CA CYS B 731 11.46 20.12 -20.01
C CYS B 731 11.96 21.26 -20.88
N LEU B 732 11.62 22.47 -20.45
CA LEU B 732 11.74 23.67 -21.26
C LEU B 732 12.92 24.55 -20.84
N LEU B 733 13.00 24.91 -19.57
CA LEU B 733 13.94 25.89 -19.10
C LEU B 733 14.98 25.24 -18.21
N LEU B 734 16.24 25.61 -18.40
CA LEU B 734 17.35 25.26 -17.52
C LEU B 734 17.57 23.75 -17.42
N GLY B 735 16.89 22.95 -18.23
CA GLY B 735 16.89 21.52 -18.00
C GLY B 735 16.30 21.14 -16.66
N PHE B 736 15.47 21.99 -16.10
CA PHE B 736 14.90 21.78 -14.78
C PHE B 736 13.40 22.01 -14.71
N PHE B 737 12.83 22.81 -15.60
CA PHE B 737 11.41 23.16 -15.56
C PHE B 737 10.70 22.47 -16.71
N GLY B 738 9.87 21.48 -16.37
CA GLY B 738 9.14 20.74 -17.37
C GLY B 738 7.92 21.49 -17.84
N SER B 739 6.80 20.78 -17.94
CA SER B 739 5.50 21.41 -18.15
C SER B 739 4.62 21.32 -16.91
N HIS B 740 4.56 20.16 -16.28
CA HIS B 740 3.80 20.03 -15.05
C HIS B 740 4.31 20.99 -13.98
N ASP B 741 5.60 21.30 -13.99
CA ASP B 741 6.08 22.22 -12.97
C ASP B 741 5.70 23.65 -13.26
N LEU B 742 5.67 24.04 -14.54
CA LEU B 742 5.12 25.34 -14.85
C LEU B 742 3.65 25.40 -14.46
N TRP B 743 2.93 24.29 -14.58
CA TRP B 743 1.58 24.25 -14.02
C TRP B 743 1.61 24.49 -12.52
N HIS B 744 2.50 23.80 -11.81
CA HIS B 744 2.57 23.96 -10.36
C HIS B 744 2.82 25.42 -9.97
N ILE B 745 3.65 26.11 -10.73
CA ILE B 745 3.93 27.51 -10.40
C ILE B 745 2.74 28.39 -10.75
N PHE B 746 2.32 28.36 -12.02
CA PHE B 746 1.30 29.30 -12.45
C PHE B 746 -0.05 29.02 -11.81
N GLY B 747 -0.28 27.81 -11.30
CA GLY B 747 -1.45 27.60 -10.48
C GLY B 747 -1.41 28.44 -9.22
N ALA B 748 -0.26 28.46 -8.56
CA ALA B 748 -0.12 29.29 -7.37
C ALA B 748 -0.28 30.76 -7.71
N LEU B 749 0.33 31.20 -8.81
CA LEU B 749 0.16 32.59 -9.21
C LEU B 749 -1.30 32.92 -9.45
N ALA B 750 -2.02 32.06 -10.17
CA ALA B 750 -3.42 32.33 -10.46
C ALA B 750 -4.25 32.33 -9.18
N GLY B 751 -3.97 31.42 -8.26
CA GLY B 751 -4.68 31.42 -7.00
C GLY B 751 -4.46 32.71 -6.24
N LEU B 752 -3.20 33.16 -6.18
CA LEU B 752 -2.90 34.39 -5.49
C LEU B 752 -3.60 35.57 -6.13
N PHE B 753 -3.60 35.62 -7.47
CA PHE B 753 -4.20 36.76 -8.15
C PHE B 753 -5.71 36.78 -7.97
N THR B 754 -6.35 35.62 -8.08
CA THR B 754 -7.79 35.57 -7.87
C THR B 754 -8.15 35.95 -6.44
N PHE B 755 -7.36 35.49 -5.47
CA PHE B 755 -7.61 35.84 -4.08
C PHE B 755 -7.47 37.34 -3.86
N ILE B 756 -6.40 37.93 -4.38
CA ILE B 756 -6.19 39.36 -4.20
C ILE B 756 -7.30 40.13 -4.89
N PHE B 757 -7.73 39.67 -6.06
CA PHE B 757 -8.89 40.25 -6.74
C PHE B 757 -10.09 40.29 -5.83
N VAL B 758 -10.54 39.12 -5.37
CA VAL B 758 -11.75 39.09 -4.56
C VAL B 758 -11.55 39.79 -3.23
N SER B 759 -10.31 40.04 -2.82
CA SER B 759 -10.06 40.84 -1.63
C SER B 759 -9.88 42.32 -1.95
N PHE B 760 -9.96 42.71 -3.21
CA PHE B 760 -9.85 44.11 -3.57
C PHE B 760 -11.09 44.71 -4.22
N VAL B 761 -11.89 43.91 -4.93
CA VAL B 761 -12.96 44.51 -5.72
C VAL B 761 -14.02 45.14 -4.83
N ASP B 762 -14.26 44.58 -3.65
CA ASP B 762 -15.22 45.14 -2.72
C ASP B 762 -14.55 45.93 -1.61
N ASP B 763 -13.45 46.62 -1.93
CA ASP B 763 -12.81 47.49 -0.96
C ASP B 763 -13.35 48.91 -1.05
N ASP B 764 -13.64 49.38 -2.26
CA ASP B 764 -14.07 50.75 -2.45
C ASP B 764 -15.42 51.04 -1.80
N LEU B 765 -16.09 50.02 -1.25
CA LEU B 765 -17.37 50.20 -0.62
C LEU B 765 -17.28 50.23 0.90
N ILE B 766 -16.08 50.40 1.46
CA ILE B 766 -15.93 50.45 2.91
C ILE B 766 -16.48 51.72 3.51
N ASN B 767 -16.86 52.70 2.70
CA ASN B 767 -17.44 53.94 3.17
C ASN B 767 -18.96 53.96 3.04
N THR B 768 -19.56 52.83 2.73
CA THR B 768 -21.01 52.71 2.57
C THR B 768 -21.59 51.91 3.71
N ARG B 769 -22.76 52.32 4.19
CA ARG B 769 -23.41 51.61 5.29
C ARG B 769 -23.76 50.19 4.87
N LYS B 770 -24.00 49.36 5.87
CA LYS B 770 -24.42 47.98 5.64
C LYS B 770 -25.91 47.87 5.37
N THR B 771 -26.56 48.98 5.00
CA THR B 771 -27.97 48.97 4.66
C THR B 771 -28.22 49.22 3.18
N SER B 772 -27.49 50.15 2.57
CA SER B 772 -27.68 50.50 1.17
C SER B 772 -26.78 49.71 0.24
N ILE B 773 -26.37 48.51 0.62
CA ILE B 773 -25.48 47.72 -0.20
C ILE B 773 -26.31 46.87 -1.16
N ASN B 774 -25.88 46.82 -2.42
CA ASN B 774 -26.58 46.04 -3.43
C ASN B 774 -26.40 44.56 -3.12
N ILE B 775 -27.48 43.89 -2.74
CA ILE B 775 -27.39 42.50 -2.32
C ILE B 775 -27.55 41.60 -3.53
N PHE B 776 -26.54 40.77 -3.78
CA PHE B 776 -26.58 39.79 -4.86
C PHE B 776 -25.42 38.80 -4.72
ZN ZN E . -11.92 -4.93 16.01
ZN ZN F . 1.36 17.91 -9.40
#